data_1QQS
# 
_entry.id   1QQS 
# 
_audit_conform.dict_name       mmcif_pdbx.dic 
_audit_conform.dict_version    5.399 
_audit_conform.dict_location   http://mmcif.pdb.org/dictionaries/ascii/mmcif_pdbx.dic 
# 
loop_
_database_2.database_id 
_database_2.database_code 
_database_2.pdbx_database_accession 
_database_2.pdbx_DOI 
PDB   1QQS         pdb_00001qqs 10.2210/pdb1qqs/pdb 
RCSB  RCSB009157   ?            ?                   
WWPDB D_1000009157 ?            ?                   
# 
loop_
_pdbx_audit_revision_history.ordinal 
_pdbx_audit_revision_history.data_content_type 
_pdbx_audit_revision_history.major_revision 
_pdbx_audit_revision_history.minor_revision 
_pdbx_audit_revision_history.revision_date 
1 'Structure model' 1 0 2000-04-21 
2 'Structure model' 1 1 2008-04-27 
3 'Structure model' 1 2 2011-07-13 
4 'Structure model' 2 0 2020-07-29 
5 'Structure model' 2 1 2024-11-20 
# 
loop_
_pdbx_audit_revision_details.ordinal 
_pdbx_audit_revision_details.revision_ordinal 
_pdbx_audit_revision_details.data_content_type 
_pdbx_audit_revision_details.provider 
_pdbx_audit_revision_details.type 
_pdbx_audit_revision_details.description 
_pdbx_audit_revision_details.details 
1 1 'Structure model' repository 'Initial release' ?                          ? 
2 4 'Structure model' repository Remediation       'Carbohydrate remediation' ? 
# 
loop_
_pdbx_audit_revision_group.ordinal 
_pdbx_audit_revision_group.revision_ordinal 
_pdbx_audit_revision_group.data_content_type 
_pdbx_audit_revision_group.group 
1  2 'Structure model' 'Version format compliance' 
2  3 'Structure model' 'Non-polymer description'   
3  3 'Structure model' 'Version format compliance' 
4  4 'Structure model' Advisory                    
5  4 'Structure model' 'Atomic model'              
6  4 'Structure model' 'Data collection'           
7  4 'Structure model' 'Derived calculations'      
8  4 'Structure model' 'Structure summary'         
9  5 'Structure model' 'Data collection'           
10 5 'Structure model' 'Database references'       
11 5 'Structure model' 'Structure summary'         
# 
loop_
_pdbx_audit_revision_category.ordinal 
_pdbx_audit_revision_category.revision_ordinal 
_pdbx_audit_revision_category.data_content_type 
_pdbx_audit_revision_category.category 
1  4 'Structure model' atom_site                     
2  4 'Structure model' chem_comp                     
3  4 'Structure model' database_PDB_caveat           
4  4 'Structure model' entity                        
5  4 'Structure model' pdbx_branch_scheme            
6  4 'Structure model' pdbx_chem_comp_identifier     
7  4 'Structure model' pdbx_entity_branch            
8  4 'Structure model' pdbx_entity_branch_descriptor 
9  4 'Structure model' pdbx_entity_branch_link       
10 4 'Structure model' pdbx_entity_branch_list       
11 4 'Structure model' pdbx_entity_nonpoly           
12 4 'Structure model' pdbx_nonpoly_scheme           
13 4 'Structure model' pdbx_struct_assembly_gen      
14 4 'Structure model' pdbx_struct_special_symmetry  
15 4 'Structure model' pdbx_validate_chiral          
16 4 'Structure model' struct_asym                   
17 4 'Structure model' struct_conn                   
18 4 'Structure model' struct_site                   
19 4 'Structure model' struct_site_gen               
20 5 'Structure model' chem_comp                     
21 5 'Structure model' chem_comp_atom                
22 5 'Structure model' chem_comp_bond                
23 5 'Structure model' database_2                    
24 5 'Structure model' pdbx_entry_details            
25 5 'Structure model' pdbx_modification_feature     
# 
loop_
_pdbx_audit_revision_item.ordinal 
_pdbx_audit_revision_item.revision_ordinal 
_pdbx_audit_revision_item.data_content_type 
_pdbx_audit_revision_item.item 
1  4 'Structure model' '_atom_site.auth_asym_id'                     
2  4 'Structure model' '_atom_site.auth_seq_id'                      
3  4 'Structure model' '_atom_site.label_asym_id'                    
4  4 'Structure model' '_atom_site.label_entity_id'                  
5  4 'Structure model' '_atom_site.occupancy'                        
6  4 'Structure model' '_chem_comp.name'                             
7  4 'Structure model' '_chem_comp.type'                             
8  4 'Structure model' '_pdbx_struct_assembly_gen.asym_id_list'      
9  4 'Structure model' '_pdbx_struct_special_symmetry.label_asym_id' 
10 4 'Structure model' '_pdbx_validate_chiral.auth_asym_id'          
11 4 'Structure model' '_pdbx_validate_chiral.auth_seq_id'           
12 4 'Structure model' '_struct_conn.pdbx_dist_value'                
13 4 'Structure model' '_struct_conn.pdbx_leaving_atom_flag'         
14 4 'Structure model' '_struct_conn.pdbx_role'                      
15 4 'Structure model' '_struct_conn.ptnr1_auth_asym_id'             
16 4 'Structure model' '_struct_conn.ptnr1_auth_comp_id'             
17 4 'Structure model' '_struct_conn.ptnr1_auth_seq_id'              
18 4 'Structure model' '_struct_conn.ptnr1_label_asym_id'            
19 4 'Structure model' '_struct_conn.ptnr1_label_atom_id'            
20 4 'Structure model' '_struct_conn.ptnr1_label_comp_id'            
21 4 'Structure model' '_struct_conn.ptnr1_label_seq_id'             
22 4 'Structure model' '_struct_conn.ptnr2_auth_asym_id'             
23 4 'Structure model' '_struct_conn.ptnr2_auth_comp_id'             
24 4 'Structure model' '_struct_conn.ptnr2_auth_seq_id'              
25 4 'Structure model' '_struct_conn.ptnr2_label_asym_id'            
26 4 'Structure model' '_struct_conn.ptnr2_label_comp_id'            
27 5 'Structure model' '_chem_comp.pdbx_synonyms'                    
28 5 'Structure model' '_database_2.pdbx_DOI'                        
29 5 'Structure model' '_database_2.pdbx_database_accession'         
# 
_database_PDB_caveat.id     1 
_database_PDB_caveat.text   'MAN B 3 HAS WRONG CHIRALITY AT ATOM C1' 
# 
_pdbx_database_status.status_code                     REL 
_pdbx_database_status.entry_id                        1QQS 
_pdbx_database_status.recvd_initial_deposition_date   1999-06-07 
_pdbx_database_status.deposit_site                    RCSB 
_pdbx_database_status.process_site                    RCSB 
_pdbx_database_status.SG_entry                        . 
_pdbx_database_status.status_code_sf                  ? 
_pdbx_database_status.status_code_mr                  ? 
_pdbx_database_status.pdb_format_compatible           Y 
_pdbx_database_status.status_code_cs                  ? 
_pdbx_database_status.status_code_nmr_data            ? 
_pdbx_database_status.methods_development_category    ? 
# 
loop_
_audit_author.name 
_audit_author.pdbx_ordinal 
'Goetz, D.H.'    1 
'Willie, S.T.'   2 
'Armen, R.'      3 
'Bratt, T.'      4 
'Borregaard, N.' 5 
'Strong, R.K.'   6 
# 
_citation.id                        primary 
_citation.title                     'Ligand preference inferred from the structure of neutrophil gelatinase associated lipocalin' 
_citation.journal_abbrev            Biochemistry 
_citation.journal_volume            39 
_citation.page_first                1935 
_citation.page_last                 1941 
_citation.year                      2000 
_citation.journal_id_ASTM           BICHAW 
_citation.country                   US 
_citation.journal_id_ISSN           0006-2960 
_citation.journal_id_CSD            0033 
_citation.book_publisher            ? 
_citation.pdbx_database_id_PubMed   10684642 
_citation.pdbx_database_id_DOI      10.1021/bi992215v 
# 
loop_
_citation_author.citation_id 
_citation_author.name 
_citation_author.ordinal 
_citation_author.identifier_ORCID 
primary 'Goetz, D.H.'    1 ? 
primary 'Willie, S.T.'   2 ? 
primary 'Armen, R.S.'    3 ? 
primary 'Bratt, T.'      4 ? 
primary 'Borregaard, N.' 5 ? 
primary 'Strong, R.K.'   6 ? 
# 
loop_
_entity.id 
_entity.type 
_entity.src_method 
_entity.pdbx_description 
_entity.formula_weight 
_entity.pdbx_number_of_molecules 
_entity.pdbx_ec 
_entity.pdbx_mutation 
_entity.pdbx_fragment 
_entity.details 
1 polymer     man 'NEUTROPHIL GELATINASE' 20012.865 1  ? ? ? ? 
2 branched    man 
'alpha-D-mannopyranose-(1-4)-2-acetamido-2-deoxy-beta-D-glucopyranose-(1-4)-2-acetamido-2-deoxy-beta-D-glucopyranose' 586.542   1  
? ? ? ? 
3 non-polymer syn 'DECANOIC ACID' 172.265   1  ? ? ? ? 
4 water       nat water 18.015    70 ? ? ? ? 
# 
_entity_name_com.entity_id   1 
_entity_name_com.name        NGAL 
# 
_entity_poly.entity_id                      1 
_entity_poly.type                           'polypeptide(L)' 
_entity_poly.nstd_linkage                   no 
_entity_poly.nstd_monomer                   no 
_entity_poly.pdbx_seq_one_letter_code       
;TSDLIPAPPLSKVPLQQNFQDNQFQGKWYVVGLAGNAILREDKDPQKMYATIYEEKEDASYNVTSVLFRKKKCDYAIRTF
VPGCQPGEFTLGNIKSYPGLTSYLVRVVSTNYNQHAMVFFKKVSQNREYFKITLYGRTKELTSELKNNFIRFSKSLGLPE
NHIVFPVPIDQCID
;
_entity_poly.pdbx_seq_one_letter_code_can   
;TSDLIPAPPLSKVPLQQNFQDNQFQGKWYVVGLAGNAILREDKDPQKMYATIYEEKEDASYNVTSVLFRKKKCDYAIRTF
VPGCQPGEFTLGNIKSYPGLTSYLVRVVSTNYNQHAMVFFKKVSQNREYFKITLYGRTKELTSELKNNFIRFSKSLGLPE
NHIVFPVPIDQCID
;
_entity_poly.pdbx_strand_id                 A 
_entity_poly.pdbx_target_identifier         ? 
# 
loop_
_pdbx_entity_nonpoly.entity_id 
_pdbx_entity_nonpoly.name 
_pdbx_entity_nonpoly.comp_id 
3 'DECANOIC ACID' DKA 
4 water           HOH 
# 
loop_
_entity_poly_seq.entity_id 
_entity_poly_seq.num 
_entity_poly_seq.mon_id 
_entity_poly_seq.hetero 
1 1   THR n 
1 2   SER n 
1 3   ASP n 
1 4   LEU n 
1 5   ILE n 
1 6   PRO n 
1 7   ALA n 
1 8   PRO n 
1 9   PRO n 
1 10  LEU n 
1 11  SER n 
1 12  LYS n 
1 13  VAL n 
1 14  PRO n 
1 15  LEU n 
1 16  GLN n 
1 17  GLN n 
1 18  ASN n 
1 19  PHE n 
1 20  GLN n 
1 21  ASP n 
1 22  ASN n 
1 23  GLN n 
1 24  PHE n 
1 25  GLN n 
1 26  GLY n 
1 27  LYS n 
1 28  TRP n 
1 29  TYR n 
1 30  VAL n 
1 31  VAL n 
1 32  GLY n 
1 33  LEU n 
1 34  ALA n 
1 35  GLY n 
1 36  ASN n 
1 37  ALA n 
1 38  ILE n 
1 39  LEU n 
1 40  ARG n 
1 41  GLU n 
1 42  ASP n 
1 43  LYS n 
1 44  ASP n 
1 45  PRO n 
1 46  GLN n 
1 47  LYS n 
1 48  MET n 
1 49  TYR n 
1 50  ALA n 
1 51  THR n 
1 52  ILE n 
1 53  TYR n 
1 54  GLU n 
1 55  GLU n 
1 56  LYS n 
1 57  GLU n 
1 58  ASP n 
1 59  ALA n 
1 60  SER n 
1 61  TYR n 
1 62  ASN n 
1 63  VAL n 
1 64  THR n 
1 65  SER n 
1 66  VAL n 
1 67  LEU n 
1 68  PHE n 
1 69  ARG n 
1 70  LYS n 
1 71  LYS n 
1 72  LYS n 
1 73  CYS n 
1 74  ASP n 
1 75  TYR n 
1 76  ALA n 
1 77  ILE n 
1 78  ARG n 
1 79  THR n 
1 80  PHE n 
1 81  VAL n 
1 82  PRO n 
1 83  GLY n 
1 84  CYS n 
1 85  GLN n 
1 86  PRO n 
1 87  GLY n 
1 88  GLU n 
1 89  PHE n 
1 90  THR n 
1 91  LEU n 
1 92  GLY n 
1 93  ASN n 
1 94  ILE n 
1 95  LYS n 
1 96  SER n 
1 97  TYR n 
1 98  PRO n 
1 99  GLY n 
1 100 LEU n 
1 101 THR n 
1 102 SER n 
1 103 TYR n 
1 104 LEU n 
1 105 VAL n 
1 106 ARG n 
1 107 VAL n 
1 108 VAL n 
1 109 SER n 
1 110 THR n 
1 111 ASN n 
1 112 TYR n 
1 113 ASN n 
1 114 GLN n 
1 115 HIS n 
1 116 ALA n 
1 117 MET n 
1 118 VAL n 
1 119 PHE n 
1 120 PHE n 
1 121 LYS n 
1 122 LYS n 
1 123 VAL n 
1 124 SER n 
1 125 GLN n 
1 126 ASN n 
1 127 ARG n 
1 128 GLU n 
1 129 TYR n 
1 130 PHE n 
1 131 LYS n 
1 132 ILE n 
1 133 THR n 
1 134 LEU n 
1 135 TYR n 
1 136 GLY n 
1 137 ARG n 
1 138 THR n 
1 139 LYS n 
1 140 GLU n 
1 141 LEU n 
1 142 THR n 
1 143 SER n 
1 144 GLU n 
1 145 LEU n 
1 146 LYS n 
1 147 ASN n 
1 148 ASN n 
1 149 PHE n 
1 150 ILE n 
1 151 ARG n 
1 152 PHE n 
1 153 SER n 
1 154 LYS n 
1 155 SER n 
1 156 LEU n 
1 157 GLY n 
1 158 LEU n 
1 159 PRO n 
1 160 GLU n 
1 161 ASN n 
1 162 HIS n 
1 163 ILE n 
1 164 VAL n 
1 165 PHE n 
1 166 PRO n 
1 167 VAL n 
1 168 PRO n 
1 169 ILE n 
1 170 ASP n 
1 171 GLN n 
1 172 CYS n 
1 173 ILE n 
1 174 ASP n 
# 
_entity_src_gen.entity_id                          1 
_entity_src_gen.pdbx_src_id                        1 
_entity_src_gen.pdbx_alt_source_flag               sample 
_entity_src_gen.pdbx_seq_type                      ? 
_entity_src_gen.pdbx_beg_seq_num                   ? 
_entity_src_gen.pdbx_end_seq_num                   ? 
_entity_src_gen.gene_src_common_name               human 
_entity_src_gen.gene_src_genus                     Homo 
_entity_src_gen.pdbx_gene_src_gene                 ? 
_entity_src_gen.gene_src_species                   ? 
_entity_src_gen.gene_src_strain                    ? 
_entity_src_gen.gene_src_tissue                    ? 
_entity_src_gen.gene_src_tissue_fraction           ? 
_entity_src_gen.gene_src_details                   ? 
_entity_src_gen.pdbx_gene_src_fragment             ? 
_entity_src_gen.pdbx_gene_src_scientific_name      'Homo sapiens' 
_entity_src_gen.pdbx_gene_src_ncbi_taxonomy_id     9606 
_entity_src_gen.pdbx_gene_src_variant              ? 
_entity_src_gen.pdbx_gene_src_cell_line            ? 
_entity_src_gen.pdbx_gene_src_atcc                 ? 
_entity_src_gen.pdbx_gene_src_organ                ? 
_entity_src_gen.pdbx_gene_src_organelle            ? 
_entity_src_gen.pdbx_gene_src_cell                 ? 
_entity_src_gen.pdbx_gene_src_cellular_location    ? 
_entity_src_gen.host_org_common_name               ? 
_entity_src_gen.pdbx_host_org_scientific_name      'unidentified baculovirus' 
_entity_src_gen.pdbx_host_org_ncbi_taxonomy_id     10469 
_entity_src_gen.host_org_genus                     ? 
_entity_src_gen.pdbx_host_org_gene                 ? 
_entity_src_gen.pdbx_host_org_organ                ? 
_entity_src_gen.host_org_species                   ? 
_entity_src_gen.pdbx_host_org_tissue               ? 
_entity_src_gen.pdbx_host_org_tissue_fraction      ? 
_entity_src_gen.pdbx_host_org_strain               ? 
_entity_src_gen.pdbx_host_org_variant              ? 
_entity_src_gen.pdbx_host_org_cell_line            ? 
_entity_src_gen.pdbx_host_org_atcc                 ? 
_entity_src_gen.pdbx_host_org_culture_collection   ? 
_entity_src_gen.pdbx_host_org_cell                 ? 
_entity_src_gen.pdbx_host_org_organelle            ? 
_entity_src_gen.pdbx_host_org_cellular_location    ? 
_entity_src_gen.pdbx_host_org_vector_type          ? 
_entity_src_gen.pdbx_host_org_vector               ? 
_entity_src_gen.host_org_details                   ? 
_entity_src_gen.expression_system_id               ? 
_entity_src_gen.plasmid_name                       ? 
_entity_src_gen.plasmid_details                    ? 
_entity_src_gen.pdbx_description                   ? 
# 
_pdbx_entity_branch.entity_id   2 
_pdbx_entity_branch.type        oligosaccharide 
# 
loop_
_pdbx_entity_branch_descriptor.ordinal 
_pdbx_entity_branch_descriptor.entity_id 
_pdbx_entity_branch_descriptor.descriptor 
_pdbx_entity_branch_descriptor.type 
_pdbx_entity_branch_descriptor.program 
_pdbx_entity_branch_descriptor.program_version 
1 2 DManpa1-4DGlcpNAcb1-4DGlcpNAcb1-                                             'Glycam Condensed Sequence' GMML       1.0   
2 2 'WURCS=2.0/2,3,2/[a2122h-1b_1-5_2*NCC/3=O][a1122h-1a_1-5]/1-1-2/a4-b1_b4-c1' WURCS                       PDB2Glycan 1.1.0 
3 2 '[]{[(4+1)][b-D-GlcpNAc]{[(4+1)][b-D-GlcpNAc]{[(4+1)][b-D-Manp]{}}}}'        LINUCS                      PDB-CARE   ?     
# 
loop_
_pdbx_entity_branch_link.link_id 
_pdbx_entity_branch_link.entity_id 
_pdbx_entity_branch_link.entity_branch_list_num_1 
_pdbx_entity_branch_link.comp_id_1 
_pdbx_entity_branch_link.atom_id_1 
_pdbx_entity_branch_link.leaving_atom_id_1 
_pdbx_entity_branch_link.entity_branch_list_num_2 
_pdbx_entity_branch_link.comp_id_2 
_pdbx_entity_branch_link.atom_id_2 
_pdbx_entity_branch_link.leaving_atom_id_2 
_pdbx_entity_branch_link.value_order 
_pdbx_entity_branch_link.details 
1 2 2 NAG C1 O1 1 NAG O4 HO4 sing ? 
2 2 3 MAN C1 O1 2 NAG O4 HO4 sing ? 
# 
loop_
_chem_comp.id 
_chem_comp.type 
_chem_comp.mon_nstd_flag 
_chem_comp.name 
_chem_comp.pdbx_synonyms 
_chem_comp.formula 
_chem_comp.formula_weight 
ALA 'L-peptide linking'           y ALANINE                                  ? 'C3 H7 N O2'     89.093  
ARG 'L-peptide linking'           y ARGININE                                 ? 'C6 H15 N4 O2 1' 175.209 
ASN 'L-peptide linking'           y ASPARAGINE                               ? 'C4 H8 N2 O3'    132.118 
ASP 'L-peptide linking'           y 'ASPARTIC ACID'                          ? 'C4 H7 N O4'     133.103 
CYS 'L-peptide linking'           y CYSTEINE                                 ? 'C3 H7 N O2 S'   121.158 
DKA non-polymer                   . 'DECANOIC ACID'                          ? 'C10 H20 O2'     172.265 
GLN 'L-peptide linking'           y GLUTAMINE                                ? 'C5 H10 N2 O3'   146.144 
GLU 'L-peptide linking'           y 'GLUTAMIC ACID'                          ? 'C5 H9 N O4'     147.129 
GLY 'peptide linking'             y GLYCINE                                  ? 'C2 H5 N O2'     75.067  
HIS 'L-peptide linking'           y HISTIDINE                                ? 'C6 H10 N3 O2 1' 156.162 
HOH non-polymer                   . WATER                                    ? 'H2 O'           18.015  
ILE 'L-peptide linking'           y ISOLEUCINE                               ? 'C6 H13 N O2'    131.173 
LEU 'L-peptide linking'           y LEUCINE                                  ? 'C6 H13 N O2'    131.173 
LYS 'L-peptide linking'           y LYSINE                                   ? 'C6 H15 N2 O2 1' 147.195 
MAN 'D-saccharide, alpha linking' . alpha-D-mannopyranose                    'alpha-D-mannose; D-mannose; mannose' 'C6 H12 O6' 
180.156 
MET 'L-peptide linking'           y METHIONINE                               ? 'C5 H11 N O2 S'  149.211 
NAG 'D-saccharide, beta linking'  . 2-acetamido-2-deoxy-beta-D-glucopyranose 
;N-acetyl-beta-D-glucosamine; 2-acetamido-2-deoxy-beta-D-glucose; 2-acetamido-2-deoxy-D-glucose; 2-acetamido-2-deoxy-glucose; N-ACETYL-D-GLUCOSAMINE
;
'C8 H15 N O6'    221.208 
PHE 'L-peptide linking'           y PHENYLALANINE                            ? 'C9 H11 N O2'    165.189 
PRO 'L-peptide linking'           y PROLINE                                  ? 'C5 H9 N O2'     115.130 
SER 'L-peptide linking'           y SERINE                                   ? 'C3 H7 N O3'     105.093 
THR 'L-peptide linking'           y THREONINE                                ? 'C4 H9 N O3'     119.119 
TRP 'L-peptide linking'           y TRYPTOPHAN                               ? 'C11 H12 N2 O2'  204.225 
TYR 'L-peptide linking'           y TYROSINE                                 ? 'C9 H11 N O3'    181.189 
VAL 'L-peptide linking'           y VALINE                                   ? 'C5 H11 N O2'    117.146 
# 
loop_
_pdbx_chem_comp_identifier.comp_id 
_pdbx_chem_comp_identifier.type 
_pdbx_chem_comp_identifier.program 
_pdbx_chem_comp_identifier.program_version 
_pdbx_chem_comp_identifier.identifier 
MAN 'CONDENSED IUPAC CARBOHYDRATE SYMBOL' GMML     1.0 DManpa                         
MAN 'COMMON NAME'                         GMML     1.0 a-D-mannopyranose              
MAN 'IUPAC CARBOHYDRATE SYMBOL'           PDB-CARE 1.0 a-D-Manp                       
MAN 'SNFG CARBOHYDRATE SYMBOL'            GMML     1.0 Man                            
NAG 'CONDENSED IUPAC CARBOHYDRATE SYMBOL' GMML     1.0 DGlcpNAcb                      
NAG 'COMMON NAME'                         GMML     1.0 N-acetyl-b-D-glucopyranosamine 
NAG 'IUPAC CARBOHYDRATE SYMBOL'           PDB-CARE 1.0 b-D-GlcpNAc                    
NAG 'SNFG CARBOHYDRATE SYMBOL'            GMML     1.0 GlcNAc                         
# 
loop_
_pdbx_poly_seq_scheme.asym_id 
_pdbx_poly_seq_scheme.entity_id 
_pdbx_poly_seq_scheme.seq_id 
_pdbx_poly_seq_scheme.mon_id 
_pdbx_poly_seq_scheme.ndb_seq_num 
_pdbx_poly_seq_scheme.pdb_seq_num 
_pdbx_poly_seq_scheme.auth_seq_num 
_pdbx_poly_seq_scheme.pdb_mon_id 
_pdbx_poly_seq_scheme.auth_mon_id 
_pdbx_poly_seq_scheme.pdb_strand_id 
_pdbx_poly_seq_scheme.pdb_ins_code 
_pdbx_poly_seq_scheme.hetero 
A 1 1   THR 1   4   4   THR ALA A . n 
A 1 2   SER 2   5   5   SER SER A . n 
A 1 3   ASP 3   6   6   ASP ASP A . n 
A 1 4   LEU 4   7   7   LEU LEU A . n 
A 1 5   ILE 5   8   8   ILE ILE A . n 
A 1 6   PRO 6   9   9   PRO PRO A . n 
A 1 7   ALA 7   10  10  ALA ALA A . n 
A 1 8   PRO 8   11  11  PRO PRO A . n 
A 1 9   PRO 9   12  12  PRO PRO A . n 
A 1 10  LEU 10  13  13  LEU LEU A . n 
A 1 11  SER 11  14  14  SER SER A . n 
A 1 12  LYS 12  15  15  LYS LYS A . n 
A 1 13  VAL 13  16  16  VAL VAL A . n 
A 1 14  PRO 14  17  17  PRO PRO A . n 
A 1 15  LEU 15  18  18  LEU LEU A . n 
A 1 16  GLN 16  19  19  GLN GLN A . n 
A 1 17  GLN 17  20  20  GLN GLN A . n 
A 1 18  ASN 18  21  21  ASN ASN A . n 
A 1 19  PHE 19  22  22  PHE PHE A . n 
A 1 20  GLN 20  23  23  GLN GLN A . n 
A 1 21  ASP 21  24  24  ASP ASP A . n 
A 1 22  ASN 22  25  25  ASN ASN A . n 
A 1 23  GLN 23  26  26  GLN GLN A . n 
A 1 24  PHE 24  27  27  PHE PHE A . n 
A 1 25  GLN 25  28  28  GLN GLN A . n 
A 1 26  GLY 26  29  29  GLY GLY A . n 
A 1 27  LYS 27  30  30  LYS LYS A . n 
A 1 28  TRP 28  31  31  TRP TRP A . n 
A 1 29  TYR 29  32  32  TYR TYR A . n 
A 1 30  VAL 30  33  33  VAL VAL A . n 
A 1 31  VAL 31  34  34  VAL VAL A . n 
A 1 32  GLY 32  35  35  GLY GLY A . n 
A 1 33  LEU 33  36  36  LEU LEU A . n 
A 1 34  ALA 34  37  37  ALA ALA A . n 
A 1 35  GLY 35  38  38  GLY GLY A . n 
A 1 36  ASN 36  39  39  ASN ASN A . n 
A 1 37  ALA 37  40  40  ALA ALA A . n 
A 1 38  ILE 38  41  41  ILE ILE A . n 
A 1 39  LEU 39  42  42  LEU LEU A . n 
A 1 40  ARG 40  43  43  ARG ARG A . n 
A 1 41  GLU 41  44  44  GLU GLU A . n 
A 1 42  ASP 42  45  45  ASP ASP A . n 
A 1 43  LYS 43  46  46  LYS LYS A . n 
A 1 44  ASP 44  47  47  ASP ASP A . n 
A 1 45  PRO 45  48  48  PRO PRO A . n 
A 1 46  GLN 46  49  49  GLN GLN A . n 
A 1 47  LYS 47  50  50  LYS LYS A . n 
A 1 48  MET 48  51  51  MET MET A . n 
A 1 49  TYR 49  52  52  TYR TYR A . n 
A 1 50  ALA 50  53  53  ALA ALA A . n 
A 1 51  THR 51  54  54  THR THR A . n 
A 1 52  ILE 52  55  55  ILE ILE A . n 
A 1 53  TYR 53  56  56  TYR TYR A . n 
A 1 54  GLU 54  57  57  GLU GLU A . n 
A 1 55  GLU 55  58  58  GLU GLU A . n 
A 1 56  LYS 56  59  59  LYS LYS A . n 
A 1 57  GLU 57  60  60  GLU GLU A . n 
A 1 58  ASP 58  61  61  ASP ASP A . n 
A 1 59  ALA 59  62  62  ALA ALA A . n 
A 1 60  SER 60  63  63  SER SER A . n 
A 1 61  TYR 61  64  64  TYR TYR A . n 
A 1 62  ASN 62  65  65  ASN ASN A . n 
A 1 63  VAL 63  66  66  VAL VAL A . n 
A 1 64  THR 64  67  67  THR THR A . n 
A 1 65  SER 65  68  68  SER SER A . n 
A 1 66  VAL 66  69  69  VAL VAL A . n 
A 1 67  LEU 67  70  70  LEU LEU A . n 
A 1 68  PHE 68  71  71  PHE PHE A . n 
A 1 69  ARG 69  72  72  ARG ALA A . n 
A 1 70  LYS 70  73  73  LYS ALA A . n 
A 1 71  LYS 71  74  74  LYS ALA A . n 
A 1 72  LYS 72  75  75  LYS LYS A . n 
A 1 73  CYS 73  76  76  CYS CYS A . n 
A 1 74  ASP 74  77  77  ASP ASP A . n 
A 1 75  TYR 75  78  78  TYR TYR A . n 
A 1 76  ALA 76  79  79  ALA ALA A . n 
A 1 77  ILE 77  80  80  ILE ILE A . n 
A 1 78  ARG 78  81  81  ARG ARG A . n 
A 1 79  THR 79  82  82  THR THR A . n 
A 1 80  PHE 80  83  83  PHE PHE A . n 
A 1 81  VAL 81  84  84  VAL VAL A . n 
A 1 82  PRO 82  85  85  PRO PRO A . n 
A 1 83  GLY 83  86  86  GLY GLY A . n 
A 1 84  CYS 84  87  87  CYS CYS A . n 
A 1 85  GLN 85  88  88  GLN GLN A . n 
A 1 86  PRO 86  89  89  PRO PRO A . n 
A 1 87  GLY 87  90  90  GLY GLY A . n 
A 1 88  GLU 88  91  91  GLU GLU A . n 
A 1 89  PHE 89  92  92  PHE PHE A . n 
A 1 90  THR 90  93  93  THR THR A . n 
A 1 91  LEU 91  94  94  LEU LEU A . n 
A 1 92  GLY 92  95  95  GLY GLY A . n 
A 1 93  ASN 93  96  96  ASN ASN A . n 
A 1 94  ILE 94  97  97  ILE ILE A . n 
A 1 95  LYS 95  98  98  LYS ALA A . n 
A 1 96  SER 96  99  99  SER SER A . n 
A 1 97  TYR 97  100 100 TYR TYR A . n 
A 1 98  PRO 98  101 101 PRO PRO A . n 
A 1 99  GLY 99  102 102 GLY GLY A . n 
A 1 100 LEU 100 103 103 LEU LEU A . n 
A 1 101 THR 101 104 104 THR THR A . n 
A 1 102 SER 102 105 105 SER SER A . n 
A 1 103 TYR 103 106 106 TYR TYR A . n 
A 1 104 LEU 104 107 107 LEU LEU A . n 
A 1 105 VAL 105 108 108 VAL VAL A . n 
A 1 106 ARG 106 109 109 ARG ARG A . n 
A 1 107 VAL 107 110 110 VAL VAL A . n 
A 1 108 VAL 108 111 111 VAL VAL A . n 
A 1 109 SER 109 112 112 SER SER A . n 
A 1 110 THR 110 113 113 THR THR A . n 
A 1 111 ASN 111 114 114 ASN ASN A . n 
A 1 112 TYR 112 115 115 TYR TYR A . n 
A 1 113 ASN 113 116 116 ASN ASN A . n 
A 1 114 GLN 114 117 117 GLN GLN A . n 
A 1 115 HIS 115 118 118 HIS HIS A . n 
A 1 116 ALA 116 119 119 ALA ALA A . n 
A 1 117 MET 117 120 120 MET MET A . n 
A 1 118 VAL 118 121 121 VAL VAL A . n 
A 1 119 PHE 119 122 122 PHE PHE A . n 
A 1 120 PHE 120 123 123 PHE PHE A . n 
A 1 121 LYS 121 124 124 LYS LYS A . n 
A 1 122 LYS 122 125 125 LYS LYS A . n 
A 1 123 VAL 123 126 126 VAL VAL A . n 
A 1 124 SER 124 127 127 SER SER A . n 
A 1 125 GLN 125 128 128 GLN GLN A . n 
A 1 126 ASN 126 129 129 ASN ASN A . n 
A 1 127 ARG 127 130 130 ARG ARG A . n 
A 1 128 GLU 128 131 131 GLU GLU A . n 
A 1 129 TYR 129 132 132 TYR TYR A . n 
A 1 130 PHE 130 133 133 PHE PHE A . n 
A 1 131 LYS 131 134 134 LYS LYS A . n 
A 1 132 ILE 132 135 135 ILE ILE A . n 
A 1 133 THR 133 136 136 THR THR A . n 
A 1 134 LEU 134 137 137 LEU LEU A . n 
A 1 135 TYR 135 138 138 TYR TYR A . n 
A 1 136 GLY 136 139 139 GLY GLY A . n 
A 1 137 ARG 137 140 140 ARG ARG A . n 
A 1 138 THR 138 141 141 THR THR A . n 
A 1 139 LYS 139 142 142 LYS LYS A . n 
A 1 140 GLU 140 143 143 GLU GLU A . n 
A 1 141 LEU 141 144 144 LEU LEU A . n 
A 1 142 THR 142 145 145 THR THR A . n 
A 1 143 SER 143 146 146 SER SER A . n 
A 1 144 GLU 144 147 147 GLU GLU A . n 
A 1 145 LEU 145 148 148 LEU LEU A . n 
A 1 146 LYS 146 149 149 LYS LYS A . n 
A 1 147 ASN 147 150 150 ASN ASN A . n 
A 1 148 ASN 148 151 151 ASN ASN A . n 
A 1 149 PHE 149 152 152 PHE PHE A . n 
A 1 150 ILE 150 153 153 ILE ILE A . n 
A 1 151 ARG 151 154 154 ARG ARG A . n 
A 1 152 PHE 152 155 155 PHE PHE A . n 
A 1 153 SER 153 156 156 SER SER A . n 
A 1 154 LYS 154 157 157 LYS LYS A . n 
A 1 155 SER 155 158 158 SER SER A . n 
A 1 156 LEU 156 159 159 LEU LEU A . n 
A 1 157 GLY 157 160 160 GLY GLY A . n 
A 1 158 LEU 158 161 161 LEU LEU A . n 
A 1 159 PRO 159 162 162 PRO PRO A . n 
A 1 160 GLU 160 163 163 GLU GLU A . n 
A 1 161 ASN 161 164 164 ASN ASN A . n 
A 1 162 HIS 162 165 165 HIS HIS A . n 
A 1 163 ILE 163 166 166 ILE ILE A . n 
A 1 164 VAL 164 167 167 VAL VAL A . n 
A 1 165 PHE 165 168 168 PHE PHE A . n 
A 1 166 PRO 166 169 169 PRO PRO A . n 
A 1 167 VAL 167 170 170 VAL VAL A . n 
A 1 168 PRO 168 171 171 PRO PRO A . n 
A 1 169 ILE 169 172 172 ILE ILE A . n 
A 1 170 ASP 170 173 173 ASP ASP A . n 
A 1 171 GLN 171 174 174 GLN GLN A . n 
A 1 172 CYS 172 175 175 CYS CYS A . n 
A 1 173 ILE 173 176 176 ILE ILE A . n 
A 1 174 ASP 174 177 177 ASP ASP A . n 
# 
loop_
_pdbx_branch_scheme.asym_id 
_pdbx_branch_scheme.entity_id 
_pdbx_branch_scheme.mon_id 
_pdbx_branch_scheme.num 
_pdbx_branch_scheme.pdb_asym_id 
_pdbx_branch_scheme.pdb_mon_id 
_pdbx_branch_scheme.pdb_seq_num 
_pdbx_branch_scheme.auth_asym_id 
_pdbx_branch_scheme.auth_mon_id 
_pdbx_branch_scheme.auth_seq_num 
_pdbx_branch_scheme.hetero 
B 2 NAG 1 B NAG 1 B NAG 178 n 
B 2 NAG 2 B NAG 2 B NAG 179 n 
B 2 MAN 3 B MAN 3 B MAN 180 n 
# 
loop_
_pdbx_nonpoly_scheme.asym_id 
_pdbx_nonpoly_scheme.entity_id 
_pdbx_nonpoly_scheme.mon_id 
_pdbx_nonpoly_scheme.ndb_seq_num 
_pdbx_nonpoly_scheme.pdb_seq_num 
_pdbx_nonpoly_scheme.auth_seq_num 
_pdbx_nonpoly_scheme.pdb_mon_id 
_pdbx_nonpoly_scheme.auth_mon_id 
_pdbx_nonpoly_scheme.pdb_strand_id 
_pdbx_nonpoly_scheme.pdb_ins_code 
C 3 DKA 1  181 181 DKA NCA A . 
D 4 HOH 1  201 201 HOH WAT A . 
D 4 HOH 2  202 202 HOH WAT A . 
D 4 HOH 3  203 203 HOH WAT A . 
D 4 HOH 4  204 204 HOH WAT A . 
D 4 HOH 5  205 205 HOH WAT A . 
D 4 HOH 6  206 206 HOH WAT A . 
D 4 HOH 7  207 207 HOH WAT A . 
D 4 HOH 8  208 208 HOH WAT A . 
D 4 HOH 9  209 209 HOH WAT A . 
D 4 HOH 10 210 210 HOH WAT A . 
D 4 HOH 11 211 211 HOH WAT A . 
D 4 HOH 12 212 212 HOH WAT A . 
D 4 HOH 13 213 213 HOH WAT A . 
D 4 HOH 14 214 214 HOH WAT A . 
D 4 HOH 15 215 215 HOH WAT A . 
D 4 HOH 16 216 216 HOH WAT A . 
D 4 HOH 17 217 217 HOH WAT A . 
D 4 HOH 18 218 218 HOH WAT A . 
D 4 HOH 19 219 219 HOH WAT A . 
D 4 HOH 20 220 220 HOH WAT A . 
D 4 HOH 21 221 221 HOH WAT A . 
D 4 HOH 22 222 222 HOH WAT A . 
D 4 HOH 23 223 223 HOH WAT A . 
D 4 HOH 24 224 224 HOH WAT A . 
D 4 HOH 25 225 225 HOH WAT A . 
D 4 HOH 26 226 226 HOH WAT A . 
D 4 HOH 27 227 227 HOH WAT A . 
D 4 HOH 28 228 228 HOH WAT A . 
D 4 HOH 29 230 230 HOH WAT A . 
D 4 HOH 30 231 231 HOH WAT A . 
D 4 HOH 31 232 232 HOH WAT A . 
D 4 HOH 32 233 233 HOH WAT A . 
D 4 HOH 33 234 234 HOH WAT A . 
D 4 HOH 34 235 235 HOH WAT A . 
D 4 HOH 35 236 236 HOH WAT A . 
D 4 HOH 36 237 237 HOH WAT A . 
D 4 HOH 37 239 239 HOH WAT A . 
D 4 HOH 38 240 240 HOH WAT A . 
D 4 HOH 39 241 241 HOH WAT A . 
D 4 HOH 40 242 242 HOH WAT A . 
D 4 HOH 41 243 243 HOH WAT A . 
D 4 HOH 42 244 244 HOH WAT A . 
D 4 HOH 43 245 245 HOH WAT A . 
D 4 HOH 44 246 246 HOH WAT A . 
D 4 HOH 45 247 247 HOH WAT A . 
D 4 HOH 46 248 248 HOH WAT A . 
D 4 HOH 47 249 249 HOH WAT A . 
D 4 HOH 48 250 250 HOH WAT A . 
D 4 HOH 49 251 251 HOH WAT A . 
D 4 HOH 50 252 252 HOH WAT A . 
D 4 HOH 51 253 253 HOH WAT A . 
D 4 HOH 52 254 254 HOH WAT A . 
D 4 HOH 53 255 255 HOH WAT A . 
D 4 HOH 54 256 256 HOH WAT A . 
D 4 HOH 55 257 257 HOH WAT A . 
D 4 HOH 56 258 258 HOH WAT A . 
D 4 HOH 57 259 259 HOH WAT A . 
D 4 HOH 58 261 261 HOH WAT A . 
D 4 HOH 59 262 262 HOH WAT A . 
D 4 HOH 60 263 263 HOH WAT A . 
D 4 HOH 61 264 264 HOH WAT A . 
D 4 HOH 62 265 265 HOH WAT A . 
D 4 HOH 63 266 266 HOH WAT A . 
D 4 HOH 64 267 267 HOH WAT A . 
D 4 HOH 65 268 268 HOH WAT A . 
D 4 HOH 66 270 270 HOH WAT A . 
D 4 HOH 67 271 271 HOH WAT A . 
D 4 HOH 68 272 272 HOH WAT A . 
D 4 HOH 69 273 273 HOH WAT A . 
D 4 HOH 70 274 274 HOH WAT A . 
# 
loop_
_pdbx_unobs_or_zero_occ_atoms.id 
_pdbx_unobs_or_zero_occ_atoms.PDB_model_num 
_pdbx_unobs_or_zero_occ_atoms.polymer_flag 
_pdbx_unobs_or_zero_occ_atoms.occupancy_flag 
_pdbx_unobs_or_zero_occ_atoms.auth_asym_id 
_pdbx_unobs_or_zero_occ_atoms.auth_comp_id 
_pdbx_unobs_or_zero_occ_atoms.auth_seq_id 
_pdbx_unobs_or_zero_occ_atoms.PDB_ins_code 
_pdbx_unobs_or_zero_occ_atoms.auth_atom_id 
_pdbx_unobs_or_zero_occ_atoms.label_alt_id 
_pdbx_unobs_or_zero_occ_atoms.label_asym_id 
_pdbx_unobs_or_zero_occ_atoms.label_comp_id 
_pdbx_unobs_or_zero_occ_atoms.label_seq_id 
_pdbx_unobs_or_zero_occ_atoms.label_atom_id 
1  1 Y 1 A THR 4  ? OG1 ? A THR 1  OG1 
2  1 Y 1 A THR 4  ? CG2 ? A THR 1  CG2 
3  1 Y 1 A ARG 72 ? CG  ? A ARG 69 CG  
4  1 Y 1 A ARG 72 ? CD  ? A ARG 69 CD  
5  1 Y 1 A ARG 72 ? NE  ? A ARG 69 NE  
6  1 Y 1 A ARG 72 ? CZ  ? A ARG 69 CZ  
7  1 Y 1 A ARG 72 ? NH1 ? A ARG 69 NH1 
8  1 Y 1 A ARG 72 ? NH2 ? A ARG 69 NH2 
9  1 Y 1 A LYS 73 ? CG  ? A LYS 70 CG  
10 1 Y 1 A LYS 73 ? CD  ? A LYS 70 CD  
11 1 Y 1 A LYS 73 ? CE  ? A LYS 70 CE  
12 1 Y 1 A LYS 73 ? NZ  ? A LYS 70 NZ  
13 1 Y 1 A LYS 74 ? CG  ? A LYS 71 CG  
14 1 Y 1 A LYS 74 ? CD  ? A LYS 71 CD  
15 1 Y 1 A LYS 74 ? CE  ? A LYS 71 CE  
16 1 Y 1 A LYS 74 ? NZ  ? A LYS 71 NZ  
17 1 Y 1 A LYS 98 ? CG  ? A LYS 95 CG  
18 1 Y 1 A LYS 98 ? CD  ? A LYS 95 CD  
19 1 Y 1 A LYS 98 ? CE  ? A LYS 95 CE  
20 1 Y 1 A LYS 98 ? NZ  ? A LYS 95 NZ  
# 
loop_
_software.name 
_software.classification 
_software.version 
_software.citation_id 
_software.pdbx_ordinal 
DENZO     'data reduction' .   ? 1 
SCALEPACK 'data scaling'   .   ? 2 
SHARP     phasing          .   ? 3 
CNS       refinement       0.5 ? 4 
# 
_cell.entry_id           1QQS 
_cell.length_a           54.290 
_cell.length_b           54.290 
_cell.length_c           121.980 
_cell.angle_alpha        90.00 
_cell.angle_beta         90.00 
_cell.angle_gamma        90.00 
_cell.Z_PDB              8 
_cell.pdbx_unique_axis   ? 
_cell.length_a_esd       ? 
_cell.length_b_esd       ? 
_cell.length_c_esd       ? 
_cell.angle_alpha_esd    ? 
_cell.angle_beta_esd     ? 
_cell.angle_gamma_esd    ? 
# 
_symmetry.entry_id                         1QQS 
_symmetry.space_group_name_H-M             'P 41 21 2' 
_symmetry.pdbx_full_space_group_name_H-M   ? 
_symmetry.cell_setting                     ? 
_symmetry.Int_Tables_number                92 
_symmetry.space_group_name_Hall            ? 
# 
_exptl.entry_id          1QQS 
_exptl.method            'X-RAY DIFFRACTION' 
_exptl.crystals_number   1 
# 
_exptl_crystal.id                    1 
_exptl_crystal.density_meas          ? 
_exptl_crystal.density_Matthews      2.24 
_exptl_crystal.density_percent_sol   45.20 
_exptl_crystal.description           ? 
_exptl_crystal.F_000                 ? 
_exptl_crystal.preparation           ? 
# 
_exptl_crystal_grow.crystal_id      1 
_exptl_crystal_grow.method          'VAPOR DIFFUSION, HANGING DROP' 
_exptl_crystal_grow.temp            298 
_exptl_crystal_grow.temp_details    ? 
_exptl_crystal_grow.pH              4.5 
_exptl_crystal_grow.pdbx_details    
'14 % W/W PEG 8K 15% V/V GLYCEROL 50MM ACETATE, pH 4.5, VAPOR DIFFUSION, HANGING DROP, temperature 298K' 
_exptl_crystal_grow.pdbx_pH_range   ? 
# 
_diffrn.id                     1 
_diffrn.ambient_temp           200.0 
_diffrn.ambient_temp_details   ? 
_diffrn.crystal_id             1 
# 
_diffrn_detector.diffrn_id              1 
_diffrn_detector.detector               'IMAGE PLATE' 
_diffrn_detector.type                   'RIGAKU RAXIS' 
_diffrn_detector.pdbx_collection_date   1998-06-25 
_diffrn_detector.details                ? 
# 
_diffrn_radiation.diffrn_id                        1 
_diffrn_radiation.wavelength_id                    1 
_diffrn_radiation.pdbx_monochromatic_or_laue_m_l   M 
_diffrn_radiation.monochromator                    ? 
_diffrn_radiation.pdbx_diffrn_protocol             'SINGLE WAVELENGTH' 
_diffrn_radiation.pdbx_scattering_type             x-ray 
# 
_diffrn_radiation_wavelength.id           1 
_diffrn_radiation_wavelength.wavelength   1.5418 
_diffrn_radiation_wavelength.wt           1.0 
# 
_diffrn_source.diffrn_id                   1 
_diffrn_source.source                      'ROTATING ANODE' 
_diffrn_source.type                        RIGAKU 
_diffrn_source.pdbx_synchrotron_site       ? 
_diffrn_source.pdbx_synchrotron_beamline   ? 
_diffrn_source.pdbx_wavelength             1.5418 
_diffrn_source.pdbx_wavelength_list        ? 
# 
_reflns.entry_id                     1QQS 
_reflns.observed_criterion_sigma_I   0.0 
_reflns.observed_criterion_sigma_F   ? 
_reflns.d_resolution_low             50.0 
_reflns.d_resolution_high            2.4 
_reflns.number_obs                   6110 
_reflns.number_all                   7633 
_reflns.percent_possible_obs         80.0 
_reflns.pdbx_Rmerge_I_obs            0.052 
_reflns.pdbx_Rsym_value              ? 
_reflns.pdbx_netI_over_sigmaI        10.8 
_reflns.B_iso_Wilson_estimate        18.5 
_reflns.pdbx_redundancy              6.48 
_reflns.R_free_details               ? 
_reflns.limit_h_max                  ? 
_reflns.limit_h_min                  ? 
_reflns.limit_k_max                  ? 
_reflns.limit_k_min                  ? 
_reflns.limit_l_max                  ? 
_reflns.limit_l_min                  ? 
_reflns.observed_criterion_F_max     ? 
_reflns.observed_criterion_F_min     ? 
_reflns.pdbx_chi_squared             ? 
_reflns.pdbx_scaling_rejects         ? 
_reflns.pdbx_ordinal                 1 
_reflns.pdbx_diffrn_id               1 
# 
_reflns_shell.d_res_high             2.4 
_reflns_shell.d_res_low              2.44 
_reflns_shell.percent_possible_all   38.7 
_reflns_shell.Rmerge_I_obs           0.019 
_reflns_shell.pdbx_Rsym_value        ? 
_reflns_shell.meanI_over_sigI_obs    ? 
_reflns_shell.pdbx_redundancy        1.04 
_reflns_shell.percent_possible_obs   ? 
_reflns_shell.number_unique_all      ? 
_reflns_shell.number_measured_all    ? 
_reflns_shell.number_measured_obs    ? 
_reflns_shell.number_unique_obs      ? 
_reflns_shell.pdbx_chi_squared       ? 
_reflns_shell.pdbx_ordinal           1 
_reflns_shell.pdbx_diffrn_id         1 
# 
_refine.entry_id                                 1QQS 
_refine.ls_number_reflns_obs                     6110 
_refine.ls_number_reflns_all                     6110 
_refine.pdbx_ls_sigma_I                          0.0 
_refine.pdbx_ls_sigma_F                          0.0 
_refine.pdbx_data_cutoff_high_absF               290473.57 
_refine.pdbx_data_cutoff_low_absF                .00 
_refine.pdbx_data_cutoff_high_rms_absF           ? 
_refine.ls_d_res_low                             20.00 
_refine.ls_d_res_high                            2.40 
_refine.ls_percent_reflns_obs                    80.1 
_refine.ls_R_factor_obs                          0.219 
_refine.ls_R_factor_all                          ? 
_refine.ls_R_factor_R_work                       0.219 
_refine.ls_R_factor_R_free                       0.287 
_refine.ls_R_factor_R_free_error                 .011 
_refine.ls_R_factor_R_free_error_details         ? 
_refine.ls_percent_reflns_R_free                 10.9 
_refine.ls_number_reflns_R_free                  668 
_refine.ls_number_parameters                     ? 
_refine.ls_number_restraints                     ? 
_refine.occupancy_min                            ? 
_refine.occupancy_max                            ? 
_refine.B_iso_mean                               24.5 
_refine.aniso_B[1][1]                            .62 
_refine.aniso_B[2][2]                            -.56 
_refine.aniso_B[3][3]                            -.05 
_refine.aniso_B[1][2]                            .00 
_refine.aniso_B[1][3]                            .00 
_refine.aniso_B[2][3]                            .00 
_refine.solvent_model_details                    'FLAT MODEL' 
_refine.solvent_model_param_ksol                 .3404 
_refine.solvent_model_param_bsol                 37.25 
_refine.pdbx_ls_cross_valid_method               THROUGHOUT 
_refine.details                                  ? 
_refine.pdbx_starting_model                      ? 
_refine.pdbx_method_to_determine_struct          ? 
_refine.pdbx_isotropic_thermal_model             RESTRAINED 
_refine.pdbx_stereochemistry_target_values       'ENGH AND HUBER' 
_refine.pdbx_stereochem_target_val_spec_case     ? 
_refine.pdbx_R_Free_selection_details            ? 
_refine.pdbx_overall_ESU_R                       ? 
_refine.pdbx_overall_ESU_R_Free                  ? 
_refine.overall_SU_ML                            ? 
_refine.overall_SU_B                             ? 
_refine.ls_redundancy_reflns_obs                 ? 
_refine.B_iso_min                                ? 
_refine.B_iso_max                                ? 
_refine.pdbx_refine_id                           'X-RAY DIFFRACTION' 
_refine.pdbx_overall_phase_error                 ? 
_refine.correlation_coeff_Fo_to_Fc               ? 
_refine.correlation_coeff_Fo_to_Fc_free          ? 
_refine.pdbx_solvent_vdw_probe_radii             ? 
_refine.pdbx_solvent_ion_probe_radii             ? 
_refine.pdbx_solvent_shrinkage_radii             ? 
_refine.overall_SU_R_Cruickshank_DPI             ? 
_refine.overall_SU_R_free                        ? 
_refine.ls_wR_factor_R_free                      ? 
_refine.ls_wR_factor_R_work                      ? 
_refine.overall_FOM_free_R_set                   ? 
_refine.overall_FOM_work_R_set                   ? 
_refine.pdbx_diffrn_id                           1 
_refine.pdbx_TLS_residual_ADP_flag               ? 
_refine.pdbx_overall_SU_R_free_Cruickshank_DPI   ? 
_refine.pdbx_overall_SU_R_Blow_DPI               ? 
_refine.pdbx_overall_SU_R_free_Blow_DPI          ? 
# 
_refine_analyze.entry_id                        1QQS 
_refine_analyze.Luzzati_coordinate_error_obs    .31 
_refine_analyze.Luzzati_sigma_a_obs             .28 
_refine_analyze.Luzzati_d_res_low_obs           5.00 
_refine_analyze.Luzzati_coordinate_error_free   .45 
_refine_analyze.Luzzati_sigma_a_free            .45 
_refine_analyze.Luzzati_d_res_low_free          ? 
_refine_analyze.number_disordered_residues      ? 
_refine_analyze.occupancy_sum_hydrogen          ? 
_refine_analyze.occupancy_sum_non_hydrogen      ? 
_refine_analyze.pdbx_Luzzati_d_res_high_obs     ? 
_refine_analyze.pdbx_refine_id                  'X-RAY DIFFRACTION' 
# 
_refine_hist.pdbx_refine_id                   'X-RAY DIFFRACTION' 
_refine_hist.cycle_id                         LAST 
_refine_hist.pdbx_number_atoms_protein        1392 
_refine_hist.pdbx_number_atoms_nucleic_acid   0 
_refine_hist.pdbx_number_atoms_ligand         51 
_refine_hist.number_atoms_solvent             70 
_refine_hist.number_atoms_total               1513 
_refine_hist.d_res_high                       2.40 
_refine_hist.d_res_low                        20.00 
# 
loop_
_refine_ls_restr.type 
_refine_ls_restr.dev_ideal 
_refine_ls_restr.dev_ideal_target 
_refine_ls_restr.weight 
_refine_ls_restr.number 
_refine_ls_restr.pdbx_refine_id 
_refine_ls_restr.pdbx_restraint_function 
c_bond_d                .009 ?    ? ? 'X-RAY DIFFRACTION' ? 
c_bond_d_na             ?    ?    ? ? 'X-RAY DIFFRACTION' ? 
c_bond_d_prot           ?    ?    ? ? 'X-RAY DIFFRACTION' ? 
c_angle_d               ?    ?    ? ? 'X-RAY DIFFRACTION' ? 
c_angle_d_na            ?    ?    ? ? 'X-RAY DIFFRACTION' ? 
c_angle_d_prot          ?    ?    ? ? 'X-RAY DIFFRACTION' ? 
c_angle_deg             1.5  ?    ? ? 'X-RAY DIFFRACTION' ? 
c_angle_deg_na          ?    ?    ? ? 'X-RAY DIFFRACTION' ? 
c_angle_deg_prot        ?    ?    ? ? 'X-RAY DIFFRACTION' ? 
c_dihedral_angle_d      27.0 ?    ? ? 'X-RAY DIFFRACTION' ? 
c_dihedral_angle_d_na   ?    ?    ? ? 'X-RAY DIFFRACTION' ? 
c_dihedral_angle_d_prot ?    ?    ? ? 'X-RAY DIFFRACTION' ? 
c_improper_angle_d      .91  ?    ? ? 'X-RAY DIFFRACTION' ? 
c_improper_angle_d_na   ?    ?    ? ? 'X-RAY DIFFRACTION' ? 
c_improper_angle_d_prot ?    ?    ? ? 'X-RAY DIFFRACTION' ? 
c_mcbond_it             4.58 1.50 ? ? 'X-RAY DIFFRACTION' ? 
c_mcangle_it            6.39 2.00 ? ? 'X-RAY DIFFRACTION' ? 
c_scbond_it             6.54 2.00 ? ? 'X-RAY DIFFRACTION' ? 
c_scangle_it            8.58 2.50 ? ? 'X-RAY DIFFRACTION' ? 
# 
_refine_ls_shell.pdbx_total_number_of_bins_used   6 
_refine_ls_shell.d_res_high                       2.40 
_refine_ls_shell.d_res_low                        2.55 
_refine_ls_shell.number_reflns_R_work             431 
_refine_ls_shell.R_factor_R_work                  0.298 
_refine_ls_shell.percent_reflns_obs               40.7 
_refine_ls_shell.R_factor_R_free                  0.424 
_refine_ls_shell.R_factor_R_free_error            .052 
_refine_ls_shell.percent_reflns_R_free            13.5 
_refine_ls_shell.number_reflns_R_free             67 
_refine_ls_shell.redundancy_reflns_obs            ? 
_refine_ls_shell.number_reflns_all                ? 
_refine_ls_shell.number_reflns_obs                ? 
_refine_ls_shell.pdbx_refine_id                   'X-RAY DIFFRACTION' 
_refine_ls_shell.R_factor_all                     ? 
# 
loop_
_pdbx_xplor_file.serial_no 
_pdbx_xplor_file.param_file 
_pdbx_xplor_file.topol_file 
_pdbx_xplor_file.pdbx_refine_id 
1 PROTEIN_REP.PA PROTEIN.TOP      'X-RAY DIFFRACTION' 
2 WATER_REP.PARA WATER.TOP        'X-RAY DIFFRACTION' 
3 CARBOHYDRATE.P CARBOHYDRATE.TOP 'X-RAY DIFFRACTION' 
4 NCA.PAR        NCA.TOP          'X-RAY DIFFRACTION' 
# 
_struct.entry_id                  1QQS 
_struct.title                     'NEUTROPHIL GELATINASE ASSOCIATED LIPOCALIN HOMODIMER' 
_struct.pdbx_model_details        ? 
_struct.pdbx_CASP_flag            ? 
_struct.pdbx_model_type_details   ? 
# 
_struct_keywords.entry_id        1QQS 
_struct_keywords.pdbx_keywords   'SUGAR BINDING PROTEIN' 
_struct_keywords.text            'NEUTROPHIL LIPOCALIN, SIGNAL PROTEIN, GLYCOPROTEIN, SUGAR BINDING PROTEIN' 
# 
loop_
_struct_asym.id 
_struct_asym.pdbx_blank_PDB_chainid_flag 
_struct_asym.pdbx_modified 
_struct_asym.entity_id 
_struct_asym.details 
A N N 1 ? 
B N N 2 ? 
C N N 3 ? 
D N N 4 ? 
# 
_struct_ref.id                         1 
_struct_ref.db_name                    UNP 
_struct_ref.db_code                    NGAL_HUMAN 
_struct_ref.entity_id                  1 
_struct_ref.pdbx_db_accession          P80188 
_struct_ref.pdbx_align_begin           ? 
_struct_ref.pdbx_seq_one_letter_code   ? 
_struct_ref.pdbx_db_isoform            ? 
# 
_struct_ref_seq.align_id                      1 
_struct_ref_seq.ref_id                        1 
_struct_ref_seq.pdbx_PDB_id_code              1QQS 
_struct_ref_seq.pdbx_strand_id                A 
_struct_ref_seq.seq_align_beg                 1 
_struct_ref_seq.pdbx_seq_align_beg_ins_code   ? 
_struct_ref_seq.seq_align_end                 174 
_struct_ref_seq.pdbx_seq_align_end_ins_code   ? 
_struct_ref_seq.pdbx_db_accession             P80188 
_struct_ref_seq.db_align_beg                  24 
_struct_ref_seq.pdbx_db_align_beg_ins_code    ? 
_struct_ref_seq.db_align_end                  197 
_struct_ref_seq.pdbx_db_align_end_ins_code    ? 
_struct_ref_seq.pdbx_auth_seq_align_beg       4 
_struct_ref_seq.pdbx_auth_seq_align_end       177 
# 
_pdbx_struct_assembly.id                   1 
_pdbx_struct_assembly.details              author_defined_assembly 
_pdbx_struct_assembly.method_details       ? 
_pdbx_struct_assembly.oligomeric_details   dimeric 
_pdbx_struct_assembly.oligomeric_count     2 
# 
_pdbx_struct_assembly_gen.assembly_id       1 
_pdbx_struct_assembly_gen.oper_expression   1,2 
_pdbx_struct_assembly_gen.asym_id_list      A,B,C,D 
# 
loop_
_pdbx_struct_oper_list.id 
_pdbx_struct_oper_list.type 
_pdbx_struct_oper_list.name 
_pdbx_struct_oper_list.symmetry_operation 
_pdbx_struct_oper_list.matrix[1][1] 
_pdbx_struct_oper_list.matrix[1][2] 
_pdbx_struct_oper_list.matrix[1][3] 
_pdbx_struct_oper_list.vector[1] 
_pdbx_struct_oper_list.matrix[2][1] 
_pdbx_struct_oper_list.matrix[2][2] 
_pdbx_struct_oper_list.matrix[2][3] 
_pdbx_struct_oper_list.vector[2] 
_pdbx_struct_oper_list.matrix[3][1] 
_pdbx_struct_oper_list.matrix[3][2] 
_pdbx_struct_oper_list.matrix[3][3] 
_pdbx_struct_oper_list.vector[3] 
1 'identity operation'         1_555 x,y,z              1.0000000000 0.0000000000  0.0000000000  0.0000000000  0.0000000000  1.0000000000 0.0000000000  0.0000000000   0.0000000000 0.0000000000 1.0000000000 0.0000000000   
2 'crystal symmetry operation' 4_564 y+1/2,-x+3/2,z-1/4 0.7747348185 -0.4635247712 -0.4300357514 18.9076156559 -0.3677228420 0.2229706791 -0.9028089431 -30.7567656043 0.5143596723 0.8575714913 0.0022945024 -13.9991476075 
# 
_struct_biol.id        1 
_struct_biol.details   ? 
# 
loop_
_struct_conf.conf_type_id 
_struct_conf.id 
_struct_conf.pdbx_PDB_helix_id 
_struct_conf.beg_label_comp_id 
_struct_conf.beg_label_asym_id 
_struct_conf.beg_label_seq_id 
_struct_conf.pdbx_beg_PDB_ins_code 
_struct_conf.end_label_comp_id 
_struct_conf.end_label_asym_id 
_struct_conf.end_label_seq_id 
_struct_conf.pdbx_end_PDB_ins_code 
_struct_conf.beg_auth_comp_id 
_struct_conf.beg_auth_asym_id 
_struct_conf.beg_auth_seq_id 
_struct_conf.end_auth_comp_id 
_struct_conf.end_auth_asym_id 
_struct_conf.end_auth_seq_id 
_struct_conf.pdbx_PDB_helix_class 
_struct_conf.details 
_struct_conf.pdbx_PDB_helix_length 
HELX_P HELX_P1 1 PRO A 9   ? VAL A 13  ? PRO A 12  VAL A 16  5 ? 5  
HELX_P HELX_P2 2 GLN A 20  ? GLN A 25  ? GLN A 23  GLN A 28  1 ? 6  
HELX_P HELX_P3 3 ASN A 93  ? TYR A 97  ? ASN A 96  TYR A 100 5 ? 5  
HELX_P HELX_P4 4 THR A 142 ? LEU A 156 ? THR A 145 LEU A 159 1 ? 15 
HELX_P HELX_P5 5 PRO A 159 ? ASN A 161 ? PRO A 162 ASN A 164 5 ? 3  
# 
_struct_conf_type.id          HELX_P 
_struct_conf_type.criteria    ? 
_struct_conf_type.reference   ? 
# 
loop_
_struct_conn.id 
_struct_conn.conn_type_id 
_struct_conn.pdbx_leaving_atom_flag 
_struct_conn.pdbx_PDB_id 
_struct_conn.ptnr1_label_asym_id 
_struct_conn.ptnr1_label_comp_id 
_struct_conn.ptnr1_label_seq_id 
_struct_conn.ptnr1_label_atom_id 
_struct_conn.pdbx_ptnr1_label_alt_id 
_struct_conn.pdbx_ptnr1_PDB_ins_code 
_struct_conn.pdbx_ptnr1_standard_comp_id 
_struct_conn.ptnr1_symmetry 
_struct_conn.ptnr2_label_asym_id 
_struct_conn.ptnr2_label_comp_id 
_struct_conn.ptnr2_label_seq_id 
_struct_conn.ptnr2_label_atom_id 
_struct_conn.pdbx_ptnr2_label_alt_id 
_struct_conn.pdbx_ptnr2_PDB_ins_code 
_struct_conn.ptnr1_auth_asym_id 
_struct_conn.ptnr1_auth_comp_id 
_struct_conn.ptnr1_auth_seq_id 
_struct_conn.ptnr2_auth_asym_id 
_struct_conn.ptnr2_auth_comp_id 
_struct_conn.ptnr2_auth_seq_id 
_struct_conn.ptnr2_symmetry 
_struct_conn.pdbx_ptnr3_label_atom_id 
_struct_conn.pdbx_ptnr3_label_seq_id 
_struct_conn.pdbx_ptnr3_label_comp_id 
_struct_conn.pdbx_ptnr3_label_asym_id 
_struct_conn.pdbx_ptnr3_label_alt_id 
_struct_conn.pdbx_ptnr3_PDB_ins_code 
_struct_conn.details 
_struct_conn.pdbx_dist_value 
_struct_conn.pdbx_value_order 
_struct_conn.pdbx_role 
disulf1 disulf ?    ? A CYS 73 SG  ? ? ? 1_555 A CYS 172 SG ? ? A CYS 76 A CYS 175 1_555 ? ? ? ? ? ? ? 1.941 ? ?               
disulf2 disulf ?    ? A CYS 84 SG  ? ? ? 1_555 A CYS 84  SG ? ? A CYS 87 A CYS 87  8_775 ? ? ? ? ? ? ? 2.201 ? ?               
covale1 covale one  ? A ASN 62 ND2 ? ? ? 1_555 B NAG .   C1 ? ? A ASN 65 B NAG 1   1_555 ? ? ? ? ? ? ? 1.433 ? N-Glycosylation 
covale2 covale both ? B NAG .  O4  ? ? ? 1_555 B NAG .   C1 ? ? B NAG 1  B NAG 2   1_555 ? ? ? ? ? ? ? 1.384 ? ?               
covale3 covale both ? B NAG .  O4  ? ? ? 1_555 B MAN .   C1 ? ? B NAG 2  B MAN 3   1_555 ? ? ? ? ? ? ? 1.382 ? ?               
# 
loop_
_struct_conn_type.id 
_struct_conn_type.criteria 
_struct_conn_type.reference 
disulf ? ? 
covale ? ? 
# 
loop_
_pdbx_modification_feature.ordinal 
_pdbx_modification_feature.label_comp_id 
_pdbx_modification_feature.label_asym_id 
_pdbx_modification_feature.label_seq_id 
_pdbx_modification_feature.label_alt_id 
_pdbx_modification_feature.modified_residue_label_comp_id 
_pdbx_modification_feature.modified_residue_label_asym_id 
_pdbx_modification_feature.modified_residue_label_seq_id 
_pdbx_modification_feature.modified_residue_label_alt_id 
_pdbx_modification_feature.auth_comp_id 
_pdbx_modification_feature.auth_asym_id 
_pdbx_modification_feature.auth_seq_id 
_pdbx_modification_feature.PDB_ins_code 
_pdbx_modification_feature.symmetry 
_pdbx_modification_feature.modified_residue_auth_comp_id 
_pdbx_modification_feature.modified_residue_auth_asym_id 
_pdbx_modification_feature.modified_residue_auth_seq_id 
_pdbx_modification_feature.modified_residue_PDB_ins_code 
_pdbx_modification_feature.modified_residue_symmetry 
_pdbx_modification_feature.comp_id_linking_atom 
_pdbx_modification_feature.modified_residue_id_linking_atom 
_pdbx_modification_feature.modified_residue_id 
_pdbx_modification_feature.ref_pcm_id 
_pdbx_modification_feature.ref_comp_id 
_pdbx_modification_feature.type 
_pdbx_modification_feature.category 
1 NAG B .  ? ASN A 62  ? NAG B 1  ? 1_555 ASN A 65  ? 1_555 C1 ND2 ASN 1 NAG N-Glycosylation Carbohydrate       
2 CYS A 73 ? CYS A 172 ? CYS A 76 ? 1_555 CYS A 175 ? 1_555 SG SG  .   . .   None            'Disulfide bridge' 
3 CYS A 84 ? CYS A 84  ? CYS A 87 ? 1_555 CYS A 87  ? 8_775 SG SG  .   . .   None            'Disulfide bridge' 
# 
_struct_sheet.id               A 
_struct_sheet.type             ? 
_struct_sheet.number_strands   10 
_struct_sheet.details          ? 
# 
loop_
_struct_sheet_order.sheet_id 
_struct_sheet_order.range_id_1 
_struct_sheet_order.range_id_2 
_struct_sheet_order.offset 
_struct_sheet_order.sense 
A 1 2  ? anti-parallel 
A 2 3  ? anti-parallel 
A 3 4  ? anti-parallel 
A 4 5  ? anti-parallel 
A 5 6  ? anti-parallel 
A 6 7  ? anti-parallel 
A 7 8  ? anti-parallel 
A 8 9  ? anti-parallel 
A 9 10 ? anti-parallel 
# 
loop_
_struct_sheet_range.sheet_id 
_struct_sheet_range.id 
_struct_sheet_range.beg_label_comp_id 
_struct_sheet_range.beg_label_asym_id 
_struct_sheet_range.beg_label_seq_id 
_struct_sheet_range.pdbx_beg_PDB_ins_code 
_struct_sheet_range.end_label_comp_id 
_struct_sheet_range.end_label_asym_id 
_struct_sheet_range.end_label_seq_id 
_struct_sheet_range.pdbx_end_PDB_ins_code 
_struct_sheet_range.beg_auth_comp_id 
_struct_sheet_range.beg_auth_asym_id 
_struct_sheet_range.beg_auth_seq_id 
_struct_sheet_range.end_auth_comp_id 
_struct_sheet_range.end_auth_asym_id 
_struct_sheet_range.end_auth_seq_id 
A 1  ILE A 163 ? VAL A 164 ? ILE A 166 VAL A 167 
A 2  GLY A 26  ? GLY A 35  ? GLY A 29  GLY A 38  
A 3  PHE A 130 ? GLY A 136 ? PHE A 133 GLY A 139 
A 4  HIS A 115 ? SER A 124 ? HIS A 118 SER A 127 
A 5  LEU A 100 ? THR A 110 ? LEU A 103 THR A 113 
A 6  GLU A 88  ? LEU A 91  ? GLU A 91  LEU A 94  
A 7  LYS A 72  ? PRO A 82  ? LYS A 75  PRO A 85  
A 8  TYR A 61  ? ARG A 69  ? TYR A 64  ARG A 72  
A 9  ALA A 50  ? GLU A 55  ? ALA A 53  GLU A 58  
A 10 GLY A 26  ? GLY A 35  ? GLY A 29  GLY A 38  
# 
loop_
_pdbx_struct_sheet_hbond.sheet_id 
_pdbx_struct_sheet_hbond.range_id_1 
_pdbx_struct_sheet_hbond.range_id_2 
_pdbx_struct_sheet_hbond.range_1_label_atom_id 
_pdbx_struct_sheet_hbond.range_1_label_comp_id 
_pdbx_struct_sheet_hbond.range_1_label_asym_id 
_pdbx_struct_sheet_hbond.range_1_label_seq_id 
_pdbx_struct_sheet_hbond.range_1_PDB_ins_code 
_pdbx_struct_sheet_hbond.range_1_auth_atom_id 
_pdbx_struct_sheet_hbond.range_1_auth_comp_id 
_pdbx_struct_sheet_hbond.range_1_auth_asym_id 
_pdbx_struct_sheet_hbond.range_1_auth_seq_id 
_pdbx_struct_sheet_hbond.range_2_label_atom_id 
_pdbx_struct_sheet_hbond.range_2_label_comp_id 
_pdbx_struct_sheet_hbond.range_2_label_asym_id 
_pdbx_struct_sheet_hbond.range_2_label_seq_id 
_pdbx_struct_sheet_hbond.range_2_PDB_ins_code 
_pdbx_struct_sheet_hbond.range_2_auth_atom_id 
_pdbx_struct_sheet_hbond.range_2_auth_comp_id 
_pdbx_struct_sheet_hbond.range_2_auth_asym_id 
_pdbx_struct_sheet_hbond.range_2_auth_seq_id 
A 1 2  O VAL A 164 ? O VAL A 167 N LEU A 33  ? N LEU A 36  
A 2 3  N GLY A 32  ? N GLY A 35  O LEU A 134 ? O LEU A 137 
A 3 4  O TYR A 135 ? O TYR A 138 N ALA A 116 ? N ALA A 119 
A 4 5  O PHE A 119 ? O PHE A 122 N ARG A 106 ? N ARG A 109 
A 5 6  O VAL A 105 ? O VAL A 108 N PHE A 89  ? N PHE A 92  
A 6 7  O THR A 90  ? O THR A 93  N VAL A 81  ? N VAL A 84  
A 7 8  O ARG A 78  ? O ARG A 81  N VAL A 63  ? N VAL A 66  
A 8 9  O THR A 64  ? O THR A 67  N ILE A 52  ? N ILE A 55  
A 9 10 O THR A 51  ? O THR A 54  N TRP A 28  ? N TRP A 31  
# 
_pdbx_entry_details.entry_id                   1QQS 
_pdbx_entry_details.compound_details           ? 
_pdbx_entry_details.source_details             ? 
_pdbx_entry_details.nonpolymer_details         ? 
_pdbx_entry_details.sequence_details           ? 
_pdbx_entry_details.has_ligand_of_interest     ? 
_pdbx_entry_details.has_protein_modification   Y 
# 
_pdbx_validate_close_contact.id               1 
_pdbx_validate_close_contact.PDB_model_num    1 
_pdbx_validate_close_contact.auth_atom_id_1   O 
_pdbx_validate_close_contact.auth_asym_id_1   A 
_pdbx_validate_close_contact.auth_comp_id_1   ASN 
_pdbx_validate_close_contact.auth_seq_id_1    96 
_pdbx_validate_close_contact.PDB_ins_code_1   ? 
_pdbx_validate_close_contact.label_alt_id_1   ? 
_pdbx_validate_close_contact.auth_atom_id_2   N 
_pdbx_validate_close_contact.auth_asym_id_2   A 
_pdbx_validate_close_contact.auth_comp_id_2   LYS 
_pdbx_validate_close_contact.auth_seq_id_2    98 
_pdbx_validate_close_contact.PDB_ins_code_2   ? 
_pdbx_validate_close_contact.label_alt_id_2   ? 
_pdbx_validate_close_contact.dist             1.99 
# 
loop_
_pdbx_validate_rmsd_angle.id 
_pdbx_validate_rmsd_angle.PDB_model_num 
_pdbx_validate_rmsd_angle.auth_atom_id_1 
_pdbx_validate_rmsd_angle.auth_asym_id_1 
_pdbx_validate_rmsd_angle.auth_comp_id_1 
_pdbx_validate_rmsd_angle.auth_seq_id_1 
_pdbx_validate_rmsd_angle.PDB_ins_code_1 
_pdbx_validate_rmsd_angle.label_alt_id_1 
_pdbx_validate_rmsd_angle.auth_atom_id_2 
_pdbx_validate_rmsd_angle.auth_asym_id_2 
_pdbx_validate_rmsd_angle.auth_comp_id_2 
_pdbx_validate_rmsd_angle.auth_seq_id_2 
_pdbx_validate_rmsd_angle.PDB_ins_code_2 
_pdbx_validate_rmsd_angle.label_alt_id_2 
_pdbx_validate_rmsd_angle.auth_atom_id_3 
_pdbx_validate_rmsd_angle.auth_asym_id_3 
_pdbx_validate_rmsd_angle.auth_comp_id_3 
_pdbx_validate_rmsd_angle.auth_seq_id_3 
_pdbx_validate_rmsd_angle.PDB_ins_code_3 
_pdbx_validate_rmsd_angle.label_alt_id_3 
_pdbx_validate_rmsd_angle.angle_value 
_pdbx_validate_rmsd_angle.angle_target_value 
_pdbx_validate_rmsd_angle.angle_deviation 
_pdbx_validate_rmsd_angle.angle_standard_deviation 
_pdbx_validate_rmsd_angle.linker_flag 
1 1 NE A ARG 130 ? ? CZ A ARG 130 ? ? NH2 A ARG 130 ? ? 123.69 120.30 3.39   0.50 N 
2 1 CB A GLU 131 ? ? CA A GLU 131 ? ? C   A GLU 131 ? ? 94.18  110.40 -16.22 2.00 N 
# 
loop_
_pdbx_validate_torsion.id 
_pdbx_validate_torsion.PDB_model_num 
_pdbx_validate_torsion.auth_comp_id 
_pdbx_validate_torsion.auth_asym_id 
_pdbx_validate_torsion.auth_seq_id 
_pdbx_validate_torsion.PDB_ins_code 
_pdbx_validate_torsion.label_alt_id 
_pdbx_validate_torsion.phi 
_pdbx_validate_torsion.psi 
1  1 ASP A 24  ? ? -48.03  -85.46 
2  1 ASN A 25  ? ? -59.26  -7.93  
3  1 ASP A 61  ? ? -79.05  35.67  
4  1 LYS A 73  ? ? 39.78   87.74  
5  1 LYS A 74  ? ? 66.04   -20.99 
6  1 ASN A 96  ? ? 65.46   -19.54 
7  1 ILE A 97  ? ? 4.35    -41.88 
8  1 SER A 99  ? ? -57.06  -7.36  
9  1 PRO A 101 ? ? -47.75  -19.56 
10 1 SER A 105 ? ? -174.44 144.15 
11 1 TYR A 115 ? ? 71.02   -22.26 
12 1 GLN A 117 ? ? -143.82 -68.27 
13 1 GLN A 128 ? ? 37.11   38.14  
14 1 ASP A 173 ? ? 73.33   63.14  
15 1 GLN A 174 ? ? -179.61 137.46 
16 1 CYS A 175 ? ? 72.00   -14.42 
# 
_pdbx_validate_chiral.id              1 
_pdbx_validate_chiral.PDB_model_num   1 
_pdbx_validate_chiral.auth_atom_id    C1 
_pdbx_validate_chiral.label_alt_id    ? 
_pdbx_validate_chiral.auth_asym_id    B 
_pdbx_validate_chiral.auth_comp_id    MAN 
_pdbx_validate_chiral.auth_seq_id     3 
_pdbx_validate_chiral.PDB_ins_code    ? 
_pdbx_validate_chiral.details         'WRONG HAND' 
_pdbx_validate_chiral.omega           . 
# 
_pdbx_struct_mod_residue.id               1 
_pdbx_struct_mod_residue.label_asym_id    A 
_pdbx_struct_mod_residue.label_comp_id    ASN 
_pdbx_struct_mod_residue.label_seq_id     62 
_pdbx_struct_mod_residue.auth_asym_id     A 
_pdbx_struct_mod_residue.auth_comp_id     ASN 
_pdbx_struct_mod_residue.auth_seq_id      65 
_pdbx_struct_mod_residue.PDB_ins_code     ? 
_pdbx_struct_mod_residue.parent_comp_id   ASN 
_pdbx_struct_mod_residue.details          'GLYCOSYLATION SITE' 
# 
loop_
_pdbx_struct_special_symmetry.id 
_pdbx_struct_special_symmetry.PDB_model_num 
_pdbx_struct_special_symmetry.auth_asym_id 
_pdbx_struct_special_symmetry.auth_comp_id 
_pdbx_struct_special_symmetry.auth_seq_id 
_pdbx_struct_special_symmetry.PDB_ins_code 
_pdbx_struct_special_symmetry.label_asym_id 
_pdbx_struct_special_symmetry.label_comp_id 
_pdbx_struct_special_symmetry.label_seq_id 
1 1 A HOH 209 ? D HOH . 
2 1 A HOH 239 ? D HOH . 
# 
loop_
_chem_comp_atom.comp_id 
_chem_comp_atom.atom_id 
_chem_comp_atom.type_symbol 
_chem_comp_atom.pdbx_aromatic_flag 
_chem_comp_atom.pdbx_stereo_config 
_chem_comp_atom.pdbx_ordinal 
ALA N    N N N 1   
ALA CA   C N S 2   
ALA C    C N N 3   
ALA O    O N N 4   
ALA CB   C N N 5   
ALA OXT  O N N 6   
ALA H    H N N 7   
ALA H2   H N N 8   
ALA HA   H N N 9   
ALA HB1  H N N 10  
ALA HB2  H N N 11  
ALA HB3  H N N 12  
ALA HXT  H N N 13  
ARG N    N N N 14  
ARG CA   C N S 15  
ARG C    C N N 16  
ARG O    O N N 17  
ARG CB   C N N 18  
ARG CG   C N N 19  
ARG CD   C N N 20  
ARG NE   N N N 21  
ARG CZ   C N N 22  
ARG NH1  N N N 23  
ARG NH2  N N N 24  
ARG OXT  O N N 25  
ARG H    H N N 26  
ARG H2   H N N 27  
ARG HA   H N N 28  
ARG HB2  H N N 29  
ARG HB3  H N N 30  
ARG HG2  H N N 31  
ARG HG3  H N N 32  
ARG HD2  H N N 33  
ARG HD3  H N N 34  
ARG HE   H N N 35  
ARG HH11 H N N 36  
ARG HH12 H N N 37  
ARG HH21 H N N 38  
ARG HH22 H N N 39  
ARG HXT  H N N 40  
ASN N    N N N 41  
ASN CA   C N S 42  
ASN C    C N N 43  
ASN O    O N N 44  
ASN CB   C N N 45  
ASN CG   C N N 46  
ASN OD1  O N N 47  
ASN ND2  N N N 48  
ASN OXT  O N N 49  
ASN H    H N N 50  
ASN H2   H N N 51  
ASN HA   H N N 52  
ASN HB2  H N N 53  
ASN HB3  H N N 54  
ASN HD21 H N N 55  
ASN HD22 H N N 56  
ASN HXT  H N N 57  
ASP N    N N N 58  
ASP CA   C N S 59  
ASP C    C N N 60  
ASP O    O N N 61  
ASP CB   C N N 62  
ASP CG   C N N 63  
ASP OD1  O N N 64  
ASP OD2  O N N 65  
ASP OXT  O N N 66  
ASP H    H N N 67  
ASP H2   H N N 68  
ASP HA   H N N 69  
ASP HB2  H N N 70  
ASP HB3  H N N 71  
ASP HD2  H N N 72  
ASP HXT  H N N 73  
CYS N    N N N 74  
CYS CA   C N R 75  
CYS C    C N N 76  
CYS O    O N N 77  
CYS CB   C N N 78  
CYS SG   S N N 79  
CYS OXT  O N N 80  
CYS H    H N N 81  
CYS H2   H N N 82  
CYS HA   H N N 83  
CYS HB2  H N N 84  
CYS HB3  H N N 85  
CYS HG   H N N 86  
CYS HXT  H N N 87  
DKA C1   C N N 88  
DKA O1   O N N 89  
DKA C2   C N N 90  
DKA C3   C N N 91  
DKA C4   C N N 92  
DKA C5   C N N 93  
DKA C6   C N N 94  
DKA C7   C N N 95  
DKA C8   C N N 96  
DKA C9   C N N 97  
DKA C10  C N N 98  
DKA O2   O N N 99  
DKA H21  H N N 100 
DKA H22  H N N 101 
DKA H31  H N N 102 
DKA H32  H N N 103 
DKA H41  H N N 104 
DKA H42  H N N 105 
DKA H51  H N N 106 
DKA H52  H N N 107 
DKA H61  H N N 108 
DKA H62  H N N 109 
DKA H71  H N N 110 
DKA H72  H N N 111 
DKA H81  H N N 112 
DKA H82  H N N 113 
DKA H91  H N N 114 
DKA H92  H N N 115 
DKA H101 H N N 116 
DKA H102 H N N 117 
DKA H103 H N N 118 
DKA HO2  H N N 119 
GLN N    N N N 120 
GLN CA   C N S 121 
GLN C    C N N 122 
GLN O    O N N 123 
GLN CB   C N N 124 
GLN CG   C N N 125 
GLN CD   C N N 126 
GLN OE1  O N N 127 
GLN NE2  N N N 128 
GLN OXT  O N N 129 
GLN H    H N N 130 
GLN H2   H N N 131 
GLN HA   H N N 132 
GLN HB2  H N N 133 
GLN HB3  H N N 134 
GLN HG2  H N N 135 
GLN HG3  H N N 136 
GLN HE21 H N N 137 
GLN HE22 H N N 138 
GLN HXT  H N N 139 
GLU N    N N N 140 
GLU CA   C N S 141 
GLU C    C N N 142 
GLU O    O N N 143 
GLU CB   C N N 144 
GLU CG   C N N 145 
GLU CD   C N N 146 
GLU OE1  O N N 147 
GLU OE2  O N N 148 
GLU OXT  O N N 149 
GLU H    H N N 150 
GLU H2   H N N 151 
GLU HA   H N N 152 
GLU HB2  H N N 153 
GLU HB3  H N N 154 
GLU HG2  H N N 155 
GLU HG3  H N N 156 
GLU HE2  H N N 157 
GLU HXT  H N N 158 
GLY N    N N N 159 
GLY CA   C N N 160 
GLY C    C N N 161 
GLY O    O N N 162 
GLY OXT  O N N 163 
GLY H    H N N 164 
GLY H2   H N N 165 
GLY HA2  H N N 166 
GLY HA3  H N N 167 
GLY HXT  H N N 168 
HIS N    N N N 169 
HIS CA   C N S 170 
HIS C    C N N 171 
HIS O    O N N 172 
HIS CB   C N N 173 
HIS CG   C Y N 174 
HIS ND1  N Y N 175 
HIS CD2  C Y N 176 
HIS CE1  C Y N 177 
HIS NE2  N Y N 178 
HIS OXT  O N N 179 
HIS H    H N N 180 
HIS H2   H N N 181 
HIS HA   H N N 182 
HIS HB2  H N N 183 
HIS HB3  H N N 184 
HIS HD1  H N N 185 
HIS HD2  H N N 186 
HIS HE1  H N N 187 
HIS HE2  H N N 188 
HIS HXT  H N N 189 
HOH O    O N N 190 
HOH H1   H N N 191 
HOH H2   H N N 192 
ILE N    N N N 193 
ILE CA   C N S 194 
ILE C    C N N 195 
ILE O    O N N 196 
ILE CB   C N S 197 
ILE CG1  C N N 198 
ILE CG2  C N N 199 
ILE CD1  C N N 200 
ILE OXT  O N N 201 
ILE H    H N N 202 
ILE H2   H N N 203 
ILE HA   H N N 204 
ILE HB   H N N 205 
ILE HG12 H N N 206 
ILE HG13 H N N 207 
ILE HG21 H N N 208 
ILE HG22 H N N 209 
ILE HG23 H N N 210 
ILE HD11 H N N 211 
ILE HD12 H N N 212 
ILE HD13 H N N 213 
ILE HXT  H N N 214 
LEU N    N N N 215 
LEU CA   C N S 216 
LEU C    C N N 217 
LEU O    O N N 218 
LEU CB   C N N 219 
LEU CG   C N N 220 
LEU CD1  C N N 221 
LEU CD2  C N N 222 
LEU OXT  O N N 223 
LEU H    H N N 224 
LEU H2   H N N 225 
LEU HA   H N N 226 
LEU HB2  H N N 227 
LEU HB3  H N N 228 
LEU HG   H N N 229 
LEU HD11 H N N 230 
LEU HD12 H N N 231 
LEU HD13 H N N 232 
LEU HD21 H N N 233 
LEU HD22 H N N 234 
LEU HD23 H N N 235 
LEU HXT  H N N 236 
LYS N    N N N 237 
LYS CA   C N S 238 
LYS C    C N N 239 
LYS O    O N N 240 
LYS CB   C N N 241 
LYS CG   C N N 242 
LYS CD   C N N 243 
LYS CE   C N N 244 
LYS NZ   N N N 245 
LYS OXT  O N N 246 
LYS H    H N N 247 
LYS H2   H N N 248 
LYS HA   H N N 249 
LYS HB2  H N N 250 
LYS HB3  H N N 251 
LYS HG2  H N N 252 
LYS HG3  H N N 253 
LYS HD2  H N N 254 
LYS HD3  H N N 255 
LYS HE2  H N N 256 
LYS HE3  H N N 257 
LYS HZ1  H N N 258 
LYS HZ2  H N N 259 
LYS HZ3  H N N 260 
LYS HXT  H N N 261 
MAN C1   C N S 262 
MAN C2   C N S 263 
MAN C3   C N S 264 
MAN C4   C N S 265 
MAN C5   C N R 266 
MAN C6   C N N 267 
MAN O1   O N N 268 
MAN O2   O N N 269 
MAN O3   O N N 270 
MAN O4   O N N 271 
MAN O5   O N N 272 
MAN O6   O N N 273 
MAN H1   H N N 274 
MAN H2   H N N 275 
MAN H3   H N N 276 
MAN H4   H N N 277 
MAN H5   H N N 278 
MAN H61  H N N 279 
MAN H62  H N N 280 
MAN HO1  H N N 281 
MAN HO2  H N N 282 
MAN HO3  H N N 283 
MAN HO4  H N N 284 
MAN HO6  H N N 285 
MET N    N N N 286 
MET CA   C N S 287 
MET C    C N N 288 
MET O    O N N 289 
MET CB   C N N 290 
MET CG   C N N 291 
MET SD   S N N 292 
MET CE   C N N 293 
MET OXT  O N N 294 
MET H    H N N 295 
MET H2   H N N 296 
MET HA   H N N 297 
MET HB2  H N N 298 
MET HB3  H N N 299 
MET HG2  H N N 300 
MET HG3  H N N 301 
MET HE1  H N N 302 
MET HE2  H N N 303 
MET HE3  H N N 304 
MET HXT  H N N 305 
NAG C1   C N R 306 
NAG C2   C N R 307 
NAG C3   C N R 308 
NAG C4   C N S 309 
NAG C5   C N R 310 
NAG C6   C N N 311 
NAG C7   C N N 312 
NAG C8   C N N 313 
NAG N2   N N N 314 
NAG O1   O N N 315 
NAG O3   O N N 316 
NAG O4   O N N 317 
NAG O5   O N N 318 
NAG O6   O N N 319 
NAG O7   O N N 320 
NAG H1   H N N 321 
NAG H2   H N N 322 
NAG H3   H N N 323 
NAG H4   H N N 324 
NAG H5   H N N 325 
NAG H61  H N N 326 
NAG H62  H N N 327 
NAG H81  H N N 328 
NAG H82  H N N 329 
NAG H83  H N N 330 
NAG HN2  H N N 331 
NAG HO1  H N N 332 
NAG HO3  H N N 333 
NAG HO4  H N N 334 
NAG HO6  H N N 335 
PHE N    N N N 336 
PHE CA   C N S 337 
PHE C    C N N 338 
PHE O    O N N 339 
PHE CB   C N N 340 
PHE CG   C Y N 341 
PHE CD1  C Y N 342 
PHE CD2  C Y N 343 
PHE CE1  C Y N 344 
PHE CE2  C Y N 345 
PHE CZ   C Y N 346 
PHE OXT  O N N 347 
PHE H    H N N 348 
PHE H2   H N N 349 
PHE HA   H N N 350 
PHE HB2  H N N 351 
PHE HB3  H N N 352 
PHE HD1  H N N 353 
PHE HD2  H N N 354 
PHE HE1  H N N 355 
PHE HE2  H N N 356 
PHE HZ   H N N 357 
PHE HXT  H N N 358 
PRO N    N N N 359 
PRO CA   C N S 360 
PRO C    C N N 361 
PRO O    O N N 362 
PRO CB   C N N 363 
PRO CG   C N N 364 
PRO CD   C N N 365 
PRO OXT  O N N 366 
PRO H    H N N 367 
PRO HA   H N N 368 
PRO HB2  H N N 369 
PRO HB3  H N N 370 
PRO HG2  H N N 371 
PRO HG3  H N N 372 
PRO HD2  H N N 373 
PRO HD3  H N N 374 
PRO HXT  H N N 375 
SER N    N N N 376 
SER CA   C N S 377 
SER C    C N N 378 
SER O    O N N 379 
SER CB   C N N 380 
SER OG   O N N 381 
SER OXT  O N N 382 
SER H    H N N 383 
SER H2   H N N 384 
SER HA   H N N 385 
SER HB2  H N N 386 
SER HB3  H N N 387 
SER HG   H N N 388 
SER HXT  H N N 389 
THR N    N N N 390 
THR CA   C N S 391 
THR C    C N N 392 
THR O    O N N 393 
THR CB   C N R 394 
THR OG1  O N N 395 
THR CG2  C N N 396 
THR OXT  O N N 397 
THR H    H N N 398 
THR H2   H N N 399 
THR HA   H N N 400 
THR HB   H N N 401 
THR HG1  H N N 402 
THR HG21 H N N 403 
THR HG22 H N N 404 
THR HG23 H N N 405 
THR HXT  H N N 406 
TRP N    N N N 407 
TRP CA   C N S 408 
TRP C    C N N 409 
TRP O    O N N 410 
TRP CB   C N N 411 
TRP CG   C Y N 412 
TRP CD1  C Y N 413 
TRP CD2  C Y N 414 
TRP NE1  N Y N 415 
TRP CE2  C Y N 416 
TRP CE3  C Y N 417 
TRP CZ2  C Y N 418 
TRP CZ3  C Y N 419 
TRP CH2  C Y N 420 
TRP OXT  O N N 421 
TRP H    H N N 422 
TRP H2   H N N 423 
TRP HA   H N N 424 
TRP HB2  H N N 425 
TRP HB3  H N N 426 
TRP HD1  H N N 427 
TRP HE1  H N N 428 
TRP HE3  H N N 429 
TRP HZ2  H N N 430 
TRP HZ3  H N N 431 
TRP HH2  H N N 432 
TRP HXT  H N N 433 
TYR N    N N N 434 
TYR CA   C N S 435 
TYR C    C N N 436 
TYR O    O N N 437 
TYR CB   C N N 438 
TYR CG   C Y N 439 
TYR CD1  C Y N 440 
TYR CD2  C Y N 441 
TYR CE1  C Y N 442 
TYR CE2  C Y N 443 
TYR CZ   C Y N 444 
TYR OH   O N N 445 
TYR OXT  O N N 446 
TYR H    H N N 447 
TYR H2   H N N 448 
TYR HA   H N N 449 
TYR HB2  H N N 450 
TYR HB3  H N N 451 
TYR HD1  H N N 452 
TYR HD2  H N N 453 
TYR HE1  H N N 454 
TYR HE2  H N N 455 
TYR HH   H N N 456 
TYR HXT  H N N 457 
VAL N    N N N 458 
VAL CA   C N S 459 
VAL C    C N N 460 
VAL O    O N N 461 
VAL CB   C N N 462 
VAL CG1  C N N 463 
VAL CG2  C N N 464 
VAL OXT  O N N 465 
VAL H    H N N 466 
VAL H2   H N N 467 
VAL HA   H N N 468 
VAL HB   H N N 469 
VAL HG11 H N N 470 
VAL HG12 H N N 471 
VAL HG13 H N N 472 
VAL HG21 H N N 473 
VAL HG22 H N N 474 
VAL HG23 H N N 475 
VAL HXT  H N N 476 
# 
loop_
_chem_comp_bond.comp_id 
_chem_comp_bond.atom_id_1 
_chem_comp_bond.atom_id_2 
_chem_comp_bond.value_order 
_chem_comp_bond.pdbx_aromatic_flag 
_chem_comp_bond.pdbx_stereo_config 
_chem_comp_bond.pdbx_ordinal 
ALA N   CA   sing N N 1   
ALA N   H    sing N N 2   
ALA N   H2   sing N N 3   
ALA CA  C    sing N N 4   
ALA CA  CB   sing N N 5   
ALA CA  HA   sing N N 6   
ALA C   O    doub N N 7   
ALA C   OXT  sing N N 8   
ALA CB  HB1  sing N N 9   
ALA CB  HB2  sing N N 10  
ALA CB  HB3  sing N N 11  
ALA OXT HXT  sing N N 12  
ARG N   CA   sing N N 13  
ARG N   H    sing N N 14  
ARG N   H2   sing N N 15  
ARG CA  C    sing N N 16  
ARG CA  CB   sing N N 17  
ARG CA  HA   sing N N 18  
ARG C   O    doub N N 19  
ARG C   OXT  sing N N 20  
ARG CB  CG   sing N N 21  
ARG CB  HB2  sing N N 22  
ARG CB  HB3  sing N N 23  
ARG CG  CD   sing N N 24  
ARG CG  HG2  sing N N 25  
ARG CG  HG3  sing N N 26  
ARG CD  NE   sing N N 27  
ARG CD  HD2  sing N N 28  
ARG CD  HD3  sing N N 29  
ARG NE  CZ   sing N N 30  
ARG NE  HE   sing N N 31  
ARG CZ  NH1  sing N N 32  
ARG CZ  NH2  doub N N 33  
ARG NH1 HH11 sing N N 34  
ARG NH1 HH12 sing N N 35  
ARG NH2 HH21 sing N N 36  
ARG NH2 HH22 sing N N 37  
ARG OXT HXT  sing N N 38  
ASN N   CA   sing N N 39  
ASN N   H    sing N N 40  
ASN N   H2   sing N N 41  
ASN CA  C    sing N N 42  
ASN CA  CB   sing N N 43  
ASN CA  HA   sing N N 44  
ASN C   O    doub N N 45  
ASN C   OXT  sing N N 46  
ASN CB  CG   sing N N 47  
ASN CB  HB2  sing N N 48  
ASN CB  HB3  sing N N 49  
ASN CG  OD1  doub N N 50  
ASN CG  ND2  sing N N 51  
ASN ND2 HD21 sing N N 52  
ASN ND2 HD22 sing N N 53  
ASN OXT HXT  sing N N 54  
ASP N   CA   sing N N 55  
ASP N   H    sing N N 56  
ASP N   H2   sing N N 57  
ASP CA  C    sing N N 58  
ASP CA  CB   sing N N 59  
ASP CA  HA   sing N N 60  
ASP C   O    doub N N 61  
ASP C   OXT  sing N N 62  
ASP CB  CG   sing N N 63  
ASP CB  HB2  sing N N 64  
ASP CB  HB3  sing N N 65  
ASP CG  OD1  doub N N 66  
ASP CG  OD2  sing N N 67  
ASP OD2 HD2  sing N N 68  
ASP OXT HXT  sing N N 69  
CYS N   CA   sing N N 70  
CYS N   H    sing N N 71  
CYS N   H2   sing N N 72  
CYS CA  C    sing N N 73  
CYS CA  CB   sing N N 74  
CYS CA  HA   sing N N 75  
CYS C   O    doub N N 76  
CYS C   OXT  sing N N 77  
CYS CB  SG   sing N N 78  
CYS CB  HB2  sing N N 79  
CYS CB  HB3  sing N N 80  
CYS SG  HG   sing N N 81  
CYS OXT HXT  sing N N 82  
DKA C1  O1   doub N N 83  
DKA C1  C2   sing N N 84  
DKA C1  O2   sing N N 85  
DKA C2  C3   sing N N 86  
DKA C2  H21  sing N N 87  
DKA C2  H22  sing N N 88  
DKA C3  C4   sing N N 89  
DKA C3  H31  sing N N 90  
DKA C3  H32  sing N N 91  
DKA C4  C5   sing N N 92  
DKA C4  H41  sing N N 93  
DKA C4  H42  sing N N 94  
DKA C5  C6   sing N N 95  
DKA C5  H51  sing N N 96  
DKA C5  H52  sing N N 97  
DKA C6  C7   sing N N 98  
DKA C6  H61  sing N N 99  
DKA C6  H62  sing N N 100 
DKA C7  C8   sing N N 101 
DKA C7  H71  sing N N 102 
DKA C7  H72  sing N N 103 
DKA C8  C9   sing N N 104 
DKA C8  H81  sing N N 105 
DKA C8  H82  sing N N 106 
DKA C9  C10  sing N N 107 
DKA C9  H91  sing N N 108 
DKA C9  H92  sing N N 109 
DKA C10 H101 sing N N 110 
DKA C10 H102 sing N N 111 
DKA C10 H103 sing N N 112 
DKA O2  HO2  sing N N 113 
GLN N   CA   sing N N 114 
GLN N   H    sing N N 115 
GLN N   H2   sing N N 116 
GLN CA  C    sing N N 117 
GLN CA  CB   sing N N 118 
GLN CA  HA   sing N N 119 
GLN C   O    doub N N 120 
GLN C   OXT  sing N N 121 
GLN CB  CG   sing N N 122 
GLN CB  HB2  sing N N 123 
GLN CB  HB3  sing N N 124 
GLN CG  CD   sing N N 125 
GLN CG  HG2  sing N N 126 
GLN CG  HG3  sing N N 127 
GLN CD  OE1  doub N N 128 
GLN CD  NE2  sing N N 129 
GLN NE2 HE21 sing N N 130 
GLN NE2 HE22 sing N N 131 
GLN OXT HXT  sing N N 132 
GLU N   CA   sing N N 133 
GLU N   H    sing N N 134 
GLU N   H2   sing N N 135 
GLU CA  C    sing N N 136 
GLU CA  CB   sing N N 137 
GLU CA  HA   sing N N 138 
GLU C   O    doub N N 139 
GLU C   OXT  sing N N 140 
GLU CB  CG   sing N N 141 
GLU CB  HB2  sing N N 142 
GLU CB  HB3  sing N N 143 
GLU CG  CD   sing N N 144 
GLU CG  HG2  sing N N 145 
GLU CG  HG3  sing N N 146 
GLU CD  OE1  doub N N 147 
GLU CD  OE2  sing N N 148 
GLU OE2 HE2  sing N N 149 
GLU OXT HXT  sing N N 150 
GLY N   CA   sing N N 151 
GLY N   H    sing N N 152 
GLY N   H2   sing N N 153 
GLY CA  C    sing N N 154 
GLY CA  HA2  sing N N 155 
GLY CA  HA3  sing N N 156 
GLY C   O    doub N N 157 
GLY C   OXT  sing N N 158 
GLY OXT HXT  sing N N 159 
HIS N   CA   sing N N 160 
HIS N   H    sing N N 161 
HIS N   H2   sing N N 162 
HIS CA  C    sing N N 163 
HIS CA  CB   sing N N 164 
HIS CA  HA   sing N N 165 
HIS C   O    doub N N 166 
HIS C   OXT  sing N N 167 
HIS CB  CG   sing N N 168 
HIS CB  HB2  sing N N 169 
HIS CB  HB3  sing N N 170 
HIS CG  ND1  sing Y N 171 
HIS CG  CD2  doub Y N 172 
HIS ND1 CE1  doub Y N 173 
HIS ND1 HD1  sing N N 174 
HIS CD2 NE2  sing Y N 175 
HIS CD2 HD2  sing N N 176 
HIS CE1 NE2  sing Y N 177 
HIS CE1 HE1  sing N N 178 
HIS NE2 HE2  sing N N 179 
HIS OXT HXT  sing N N 180 
HOH O   H1   sing N N 181 
HOH O   H2   sing N N 182 
ILE N   CA   sing N N 183 
ILE N   H    sing N N 184 
ILE N   H2   sing N N 185 
ILE CA  C    sing N N 186 
ILE CA  CB   sing N N 187 
ILE CA  HA   sing N N 188 
ILE C   O    doub N N 189 
ILE C   OXT  sing N N 190 
ILE CB  CG1  sing N N 191 
ILE CB  CG2  sing N N 192 
ILE CB  HB   sing N N 193 
ILE CG1 CD1  sing N N 194 
ILE CG1 HG12 sing N N 195 
ILE CG1 HG13 sing N N 196 
ILE CG2 HG21 sing N N 197 
ILE CG2 HG22 sing N N 198 
ILE CG2 HG23 sing N N 199 
ILE CD1 HD11 sing N N 200 
ILE CD1 HD12 sing N N 201 
ILE CD1 HD13 sing N N 202 
ILE OXT HXT  sing N N 203 
LEU N   CA   sing N N 204 
LEU N   H    sing N N 205 
LEU N   H2   sing N N 206 
LEU CA  C    sing N N 207 
LEU CA  CB   sing N N 208 
LEU CA  HA   sing N N 209 
LEU C   O    doub N N 210 
LEU C   OXT  sing N N 211 
LEU CB  CG   sing N N 212 
LEU CB  HB2  sing N N 213 
LEU CB  HB3  sing N N 214 
LEU CG  CD1  sing N N 215 
LEU CG  CD2  sing N N 216 
LEU CG  HG   sing N N 217 
LEU CD1 HD11 sing N N 218 
LEU CD1 HD12 sing N N 219 
LEU CD1 HD13 sing N N 220 
LEU CD2 HD21 sing N N 221 
LEU CD2 HD22 sing N N 222 
LEU CD2 HD23 sing N N 223 
LEU OXT HXT  sing N N 224 
LYS N   CA   sing N N 225 
LYS N   H    sing N N 226 
LYS N   H2   sing N N 227 
LYS CA  C    sing N N 228 
LYS CA  CB   sing N N 229 
LYS CA  HA   sing N N 230 
LYS C   O    doub N N 231 
LYS C   OXT  sing N N 232 
LYS CB  CG   sing N N 233 
LYS CB  HB2  sing N N 234 
LYS CB  HB3  sing N N 235 
LYS CG  CD   sing N N 236 
LYS CG  HG2  sing N N 237 
LYS CG  HG3  sing N N 238 
LYS CD  CE   sing N N 239 
LYS CD  HD2  sing N N 240 
LYS CD  HD3  sing N N 241 
LYS CE  NZ   sing N N 242 
LYS CE  HE2  sing N N 243 
LYS CE  HE3  sing N N 244 
LYS NZ  HZ1  sing N N 245 
LYS NZ  HZ2  sing N N 246 
LYS NZ  HZ3  sing N N 247 
LYS OXT HXT  sing N N 248 
MAN C1  C2   sing N N 249 
MAN C1  O1   sing N N 250 
MAN C1  O5   sing N N 251 
MAN C1  H1   sing N N 252 
MAN C2  C3   sing N N 253 
MAN C2  O2   sing N N 254 
MAN C2  H2   sing N N 255 
MAN C3  C4   sing N N 256 
MAN C3  O3   sing N N 257 
MAN C3  H3   sing N N 258 
MAN C4  C5   sing N N 259 
MAN C4  O4   sing N N 260 
MAN C4  H4   sing N N 261 
MAN C5  C6   sing N N 262 
MAN C5  O5   sing N N 263 
MAN C5  H5   sing N N 264 
MAN C6  O6   sing N N 265 
MAN C6  H61  sing N N 266 
MAN C6  H62  sing N N 267 
MAN O1  HO1  sing N N 268 
MAN O2  HO2  sing N N 269 
MAN O3  HO3  sing N N 270 
MAN O4  HO4  sing N N 271 
MAN O6  HO6  sing N N 272 
MET N   CA   sing N N 273 
MET N   H    sing N N 274 
MET N   H2   sing N N 275 
MET CA  C    sing N N 276 
MET CA  CB   sing N N 277 
MET CA  HA   sing N N 278 
MET C   O    doub N N 279 
MET C   OXT  sing N N 280 
MET CB  CG   sing N N 281 
MET CB  HB2  sing N N 282 
MET CB  HB3  sing N N 283 
MET CG  SD   sing N N 284 
MET CG  HG2  sing N N 285 
MET CG  HG3  sing N N 286 
MET SD  CE   sing N N 287 
MET CE  HE1  sing N N 288 
MET CE  HE2  sing N N 289 
MET CE  HE3  sing N N 290 
MET OXT HXT  sing N N 291 
NAG C1  C2   sing N N 292 
NAG C1  O1   sing N N 293 
NAG C1  O5   sing N N 294 
NAG C1  H1   sing N N 295 
NAG C2  C3   sing N N 296 
NAG C2  N2   sing N N 297 
NAG C2  H2   sing N N 298 
NAG C3  C4   sing N N 299 
NAG C3  O3   sing N N 300 
NAG C3  H3   sing N N 301 
NAG C4  C5   sing N N 302 
NAG C4  O4   sing N N 303 
NAG C4  H4   sing N N 304 
NAG C5  C6   sing N N 305 
NAG C5  O5   sing N N 306 
NAG C5  H5   sing N N 307 
NAG C6  O6   sing N N 308 
NAG C6  H61  sing N N 309 
NAG C6  H62  sing N N 310 
NAG C7  C8   sing N N 311 
NAG C7  N2   sing N N 312 
NAG C7  O7   doub N N 313 
NAG C8  H81  sing N N 314 
NAG C8  H82  sing N N 315 
NAG C8  H83  sing N N 316 
NAG N2  HN2  sing N N 317 
NAG O1  HO1  sing N N 318 
NAG O3  HO3  sing N N 319 
NAG O4  HO4  sing N N 320 
NAG O6  HO6  sing N N 321 
PHE N   CA   sing N N 322 
PHE N   H    sing N N 323 
PHE N   H2   sing N N 324 
PHE CA  C    sing N N 325 
PHE CA  CB   sing N N 326 
PHE CA  HA   sing N N 327 
PHE C   O    doub N N 328 
PHE C   OXT  sing N N 329 
PHE CB  CG   sing N N 330 
PHE CB  HB2  sing N N 331 
PHE CB  HB3  sing N N 332 
PHE CG  CD1  doub Y N 333 
PHE CG  CD2  sing Y N 334 
PHE CD1 CE1  sing Y N 335 
PHE CD1 HD1  sing N N 336 
PHE CD2 CE2  doub Y N 337 
PHE CD2 HD2  sing N N 338 
PHE CE1 CZ   doub Y N 339 
PHE CE1 HE1  sing N N 340 
PHE CE2 CZ   sing Y N 341 
PHE CE2 HE2  sing N N 342 
PHE CZ  HZ   sing N N 343 
PHE OXT HXT  sing N N 344 
PRO N   CA   sing N N 345 
PRO N   CD   sing N N 346 
PRO N   H    sing N N 347 
PRO CA  C    sing N N 348 
PRO CA  CB   sing N N 349 
PRO CA  HA   sing N N 350 
PRO C   O    doub N N 351 
PRO C   OXT  sing N N 352 
PRO CB  CG   sing N N 353 
PRO CB  HB2  sing N N 354 
PRO CB  HB3  sing N N 355 
PRO CG  CD   sing N N 356 
PRO CG  HG2  sing N N 357 
PRO CG  HG3  sing N N 358 
PRO CD  HD2  sing N N 359 
PRO CD  HD3  sing N N 360 
PRO OXT HXT  sing N N 361 
SER N   CA   sing N N 362 
SER N   H    sing N N 363 
SER N   H2   sing N N 364 
SER CA  C    sing N N 365 
SER CA  CB   sing N N 366 
SER CA  HA   sing N N 367 
SER C   O    doub N N 368 
SER C   OXT  sing N N 369 
SER CB  OG   sing N N 370 
SER CB  HB2  sing N N 371 
SER CB  HB3  sing N N 372 
SER OG  HG   sing N N 373 
SER OXT HXT  sing N N 374 
THR N   CA   sing N N 375 
THR N   H    sing N N 376 
THR N   H2   sing N N 377 
THR CA  C    sing N N 378 
THR CA  CB   sing N N 379 
THR CA  HA   sing N N 380 
THR C   O    doub N N 381 
THR C   OXT  sing N N 382 
THR CB  OG1  sing N N 383 
THR CB  CG2  sing N N 384 
THR CB  HB   sing N N 385 
THR OG1 HG1  sing N N 386 
THR CG2 HG21 sing N N 387 
THR CG2 HG22 sing N N 388 
THR CG2 HG23 sing N N 389 
THR OXT HXT  sing N N 390 
TRP N   CA   sing N N 391 
TRP N   H    sing N N 392 
TRP N   H2   sing N N 393 
TRP CA  C    sing N N 394 
TRP CA  CB   sing N N 395 
TRP CA  HA   sing N N 396 
TRP C   O    doub N N 397 
TRP C   OXT  sing N N 398 
TRP CB  CG   sing N N 399 
TRP CB  HB2  sing N N 400 
TRP CB  HB3  sing N N 401 
TRP CG  CD1  doub Y N 402 
TRP CG  CD2  sing Y N 403 
TRP CD1 NE1  sing Y N 404 
TRP CD1 HD1  sing N N 405 
TRP CD2 CE2  doub Y N 406 
TRP CD2 CE3  sing Y N 407 
TRP NE1 CE2  sing Y N 408 
TRP NE1 HE1  sing N N 409 
TRP CE2 CZ2  sing Y N 410 
TRP CE3 CZ3  doub Y N 411 
TRP CE3 HE3  sing N N 412 
TRP CZ2 CH2  doub Y N 413 
TRP CZ2 HZ2  sing N N 414 
TRP CZ3 CH2  sing Y N 415 
TRP CZ3 HZ3  sing N N 416 
TRP CH2 HH2  sing N N 417 
TRP OXT HXT  sing N N 418 
TYR N   CA   sing N N 419 
TYR N   H    sing N N 420 
TYR N   H2   sing N N 421 
TYR CA  C    sing N N 422 
TYR CA  CB   sing N N 423 
TYR CA  HA   sing N N 424 
TYR C   O    doub N N 425 
TYR C   OXT  sing N N 426 
TYR CB  CG   sing N N 427 
TYR CB  HB2  sing N N 428 
TYR CB  HB3  sing N N 429 
TYR CG  CD1  doub Y N 430 
TYR CG  CD2  sing Y N 431 
TYR CD1 CE1  sing Y N 432 
TYR CD1 HD1  sing N N 433 
TYR CD2 CE2  doub Y N 434 
TYR CD2 HD2  sing N N 435 
TYR CE1 CZ   doub Y N 436 
TYR CE1 HE1  sing N N 437 
TYR CE2 CZ   sing Y N 438 
TYR CE2 HE2  sing N N 439 
TYR CZ  OH   sing N N 440 
TYR OH  HH   sing N N 441 
TYR OXT HXT  sing N N 442 
VAL N   CA   sing N N 443 
VAL N   H    sing N N 444 
VAL N   H2   sing N N 445 
VAL CA  C    sing N N 446 
VAL CA  CB   sing N N 447 
VAL CA  HA   sing N N 448 
VAL C   O    doub N N 449 
VAL C   OXT  sing N N 450 
VAL CB  CG1  sing N N 451 
VAL CB  CG2  sing N N 452 
VAL CB  HB   sing N N 453 
VAL CG1 HG11 sing N N 454 
VAL CG1 HG12 sing N N 455 
VAL CG1 HG13 sing N N 456 
VAL CG2 HG21 sing N N 457 
VAL CG2 HG22 sing N N 458 
VAL CG2 HG23 sing N N 459 
VAL OXT HXT  sing N N 460 
# 
loop_
_pdbx_entity_branch_list.entity_id 
_pdbx_entity_branch_list.comp_id 
_pdbx_entity_branch_list.num 
_pdbx_entity_branch_list.hetero 
2 NAG 1 n 
2 NAG 2 n 
2 MAN 3 n 
# 
_atom_sites.entry_id                    1QQS 
_atom_sites.fract_transf_matrix[1][1]   -0.00585419 
_atom_sites.fract_transf_matrix[1][2]   -0.01218194 
_atom_sites.fract_transf_matrix[1][3]   -0.01251500 
_atom_sites.fract_transf_matrix[2][1]   -0.00649308 
_atom_sites.fract_transf_matrix[2][2]   -0.01073516 
_atom_sites.fract_transf_matrix[2][3]   0.01348676 
_atom_sites.fract_transf_matrix[3][1]   -0.00721580 
_atom_sites.fract_transf_matrix[3][2]   0.00387108 
_atom_sites.fract_transf_matrix[3][3]   -0.00039269 
_atom_sites.fract_transf_vector[1]      0.771125 
_atom_sites.fract_transf_vector[2]      0.710301 
_atom_sites.fract_transf_vector[3]      0.256730 
# 
loop_
_atom_type.symbol 
C 
N 
O 
S 
# 
loop_
_atom_site.group_PDB 
_atom_site.id 
_atom_site.type_symbol 
_atom_site.label_atom_id 
_atom_site.label_alt_id 
_atom_site.label_comp_id 
_atom_site.label_asym_id 
_atom_site.label_entity_id 
_atom_site.label_seq_id 
_atom_site.pdbx_PDB_ins_code 
_atom_site.Cartn_x 
_atom_site.Cartn_y 
_atom_site.Cartn_z 
_atom_site.occupancy 
_atom_site.B_iso_or_equiv 
_atom_site.pdbx_formal_charge 
_atom_site.auth_seq_id 
_atom_site.auth_comp_id 
_atom_site.auth_asym_id 
_atom_site.auth_atom_id 
_atom_site.pdbx_PDB_model_num 
ATOM   1    N N   . THR A 1 1   ? 19.230  -5.129  -10.447 1.00 58.28 ? 4   THR A N   1 
ATOM   2    C CA  . THR A 1 1   ? 19.854  -6.139  -11.352 1.00 64.18 ? 4   THR A CA  1 
ATOM   3    C C   . THR A 1 1   ? 18.791  -6.679  -12.314 1.00 65.22 ? 4   THR A C   1 
ATOM   4    O O   . THR A 1 1   ? 18.310  -5.965  -13.205 1.00 68.22 ? 4   THR A O   1 
ATOM   5    C CB  . THR A 1 1   ? 20.459  -7.276  -10.519 1.00 56.50 ? 4   THR A CB  1 
ATOM   6    N N   . SER A 1 2   ? 18.483  -7.929  -12.094 1.00 67.14 ? 5   SER A N   1 
ATOM   7    C CA  . SER A 1 2   ? 17.447  -8.664  -12.820 1.00 61.76 ? 5   SER A CA  1 
ATOM   8    C C   . SER A 1 2   ? 16.764  -9.535  -11.789 1.00 58.15 ? 5   SER A C   1 
ATOM   9    O O   . SER A 1 2   ? 15.858  -10.315 -12.104 1.00 63.77 ? 5   SER A O   1 
ATOM   10   C CB  . SER A 1 2   ? 18.077  -9.534  -13.917 1.00 64.06 ? 5   SER A CB  1 
ATOM   11   O OG  . SER A 1 2   ? 18.791  -8.726  -14.841 1.00 62.91 ? 5   SER A OG  1 
ATOM   12   N N   . ASP A 1 3   ? 17.265  -9.332  -10.584 1.00 48.52 ? 6   ASP A N   1 
ATOM   13   C CA  . ASP A 1 3   ? 16.831  -10.062 -9.402  1.00 38.94 ? 6   ASP A CA  1 
ATOM   14   C C   . ASP A 1 3   ? 15.834  -9.245  -8.581  1.00 35.29 ? 6   ASP A C   1 
ATOM   15   O O   . ASP A 1 3   ? 15.627  -8.063  -8.834  1.00 38.44 ? 6   ASP A O   1 
ATOM   16   C CB  . ASP A 1 3   ? 18.037  -10.412 -8.537  1.00 36.59 ? 6   ASP A CB  1 
ATOM   17   C CG  . ASP A 1 3   ? 19.024  -11.323 -9.262  1.00 31.67 ? 6   ASP A CG  1 
ATOM   18   O OD1 . ASP A 1 3   ? 20.016  -11.838 -8.623  1.00 29.33 ? 6   ASP A OD1 1 
ATOM   19   O OD2 . ASP A 1 3   ? 18.863  -11.574 -10.518 1.00 37.92 ? 6   ASP A OD2 1 
ATOM   20   N N   . LEU A 1 4   ? 15.232  -9.889  -7.590  1.00 27.55 ? 7   LEU A N   1 
ATOM   21   C CA  . LEU A 1 4   ? 14.226  -9.264  -6.744  1.00 17.91 ? 7   LEU A CA  1 
ATOM   22   C C   . LEU A 1 4   ? 14.371  -9.727  -5.290  1.00 19.15 ? 7   LEU A C   1 
ATOM   23   O O   . LEU A 1 4   ? 14.533  -10.917 -5.034  1.00 20.80 ? 7   LEU A O   1 
ATOM   24   C CB  . LEU A 1 4   ? 12.853  -9.659  -7.276  1.00 14.26 ? 7   LEU A CB  1 
ATOM   25   C CG  . LEU A 1 4   ? 11.841  -8.599  -7.693  1.00 20.03 ? 7   LEU A CG  1 
ATOM   26   C CD1 . LEU A 1 4   ? 12.514  -7.349  -8.245  1.00 17.77 ? 7   LEU A CD1 1 
ATOM   27   C CD2 . LEU A 1 4   ? 10.937  -9.228  -8.720  1.00 15.68 ? 7   LEU A CD2 1 
ATOM   28   N N   . ILE A 1 5   ? 14.317  -8.794  -4.344  1.00 17.08 ? 8   ILE A N   1 
ATOM   29   C CA  . ILE A 1 5   ? 14.434  -9.135  -2.922  1.00 19.08 ? 8   ILE A CA  1 
ATOM   30   C C   . ILE A 1 5   ? 13.213  -9.935  -2.457  1.00 19.50 ? 8   ILE A C   1 
ATOM   31   O O   . ILE A 1 5   ? 12.077  -9.512  -2.638  1.00 27.21 ? 8   ILE A O   1 
ATOM   32   C CB  . ILE A 1 5   ? 14.582  -7.865  -2.046  1.00 13.46 ? 8   ILE A CB  1 
ATOM   33   C CG1 . ILE A 1 5   ? 15.903  -7.175  -2.359  1.00 2.00  ? 8   ILE A CG1 1 
ATOM   34   C CG2 . ILE A 1 5   ? 14.585  -8.230  -0.564  1.00 9.25  ? 8   ILE A CG2 1 
ATOM   35   C CD1 . ILE A 1 5   ? 16.028  -5.817  -1.711  1.00 3.75  ? 8   ILE A CD1 1 
ATOM   36   N N   . PRO A 1 6   ? 13.444  -11.103 -1.841  1.00 22.07 ? 9   PRO A N   1 
ATOM   37   C CA  . PRO A 1 6   ? 12.407  -12.010 -1.335  1.00 25.15 ? 9   PRO A CA  1 
ATOM   38   C C   . PRO A 1 6   ? 11.341  -11.338 -0.482  1.00 24.66 ? 9   PRO A C   1 
ATOM   39   O O   . PRO A 1 6   ? 11.631  -10.413 0.281   1.00 30.14 ? 9   PRO A O   1 
ATOM   40   C CB  . PRO A 1 6   ? 13.201  -13.030 -0.508  1.00 16.80 ? 9   PRO A CB  1 
ATOM   41   C CG  . PRO A 1 6   ? 14.536  -13.024 -1.128  1.00 19.81 ? 9   PRO A CG  1 
ATOM   42   C CD  . PRO A 1 6   ? 14.775  -11.553 -1.402  1.00 21.21 ? 9   PRO A CD  1 
ATOM   43   N N   . ALA A 1 7   ? 10.108  -11.814 -0.611  1.00 18.29 ? 10  ALA A N   1 
ATOM   44   C CA  . ALA A 1 7   ? 9.025   -11.286 0.193   1.00 14.78 ? 10  ALA A CA  1 
ATOM   45   C C   . ALA A 1 7   ? 9.251   -11.924 1.545   1.00 11.14 ? 10  ALA A C   1 
ATOM   46   O O   . ALA A 1 7   ? 9.578   -13.095 1.630   1.00 13.59 ? 10  ALA A O   1 
ATOM   47   C CB  . ALA A 1 7   ? 7.669   -11.717 -0.366  1.00 3.51  ? 10  ALA A CB  1 
ATOM   48   N N   . PRO A 1 8   ? 9.094   -11.154 2.626   1.00 17.47 ? 11  PRO A N   1 
ATOM   49   C CA  . PRO A 1 8   ? 9.300   -11.739 3.946   1.00 9.63  ? 11  PRO A CA  1 
ATOM   50   C C   . PRO A 1 8   ? 8.236   -12.770 4.242   1.00 11.01 ? 11  PRO A C   1 
ATOM   51   O O   . PRO A 1 8   ? 7.185   -12.784 3.615   1.00 23.23 ? 11  PRO A O   1 
ATOM   52   C CB  . PRO A 1 8   ? 9.196   -10.531 4.868   1.00 13.44 ? 11  PRO A CB  1 
ATOM   53   C CG  . PRO A 1 8   ? 8.198   -9.661  4.158   1.00 2.81  ? 11  PRO A CG  1 
ATOM   54   C CD  . PRO A 1 8   ? 8.700   -9.740  2.729   1.00 18.49 ? 11  PRO A CD  1 
ATOM   55   N N   . PRO A 1 9   ? 8.504   -13.676 5.187   1.00 22.26 ? 12  PRO A N   1 
ATOM   56   C CA  . PRO A 1 9   ? 7.503   -14.693 5.519   1.00 19.29 ? 12  PRO A CA  1 
ATOM   57   C C   . PRO A 1 9   ? 6.375   -13.937 6.206   1.00 18.09 ? 12  PRO A C   1 
ATOM   58   O O   . PRO A 1 9   ? 6.641   -12.962 6.903   1.00 22.87 ? 12  PRO A O   1 
ATOM   59   C CB  . PRO A 1 9   ? 8.246   -15.604 6.490   1.00 23.72 ? 12  PRO A CB  1 
ATOM   60   C CG  . PRO A 1 9   ? 9.692   -15.426 6.101   1.00 32.07 ? 12  PRO A CG  1 
ATOM   61   C CD  . PRO A 1 9   ? 9.781   -13.949 5.866   1.00 24.25 ? 12  PRO A CD  1 
ATOM   62   N N   . LEU A 1 10  ? 5.133   -14.372 6.023   1.00 18.91 ? 13  LEU A N   1 
ATOM   63   C CA  . LEU A 1 10  ? 3.993   -13.691 6.632   1.00 13.51 ? 13  LEU A CA  1 
ATOM   64   C C   . LEU A 1 10  ? 4.104   -13.485 8.129   1.00 13.79 ? 13  LEU A C   1 
ATOM   65   O O   . LEU A 1 10  ? 3.618   -12.488 8.665   1.00 24.68 ? 13  LEU A O   1 
ATOM   66   C CB  . LEU A 1 10  ? 2.712   -14.441 6.314   1.00 10.78 ? 13  LEU A CB  1 
ATOM   67   C CG  . LEU A 1 10  ? 1.950   -13.951 5.084   1.00 19.66 ? 13  LEU A CG  1 
ATOM   68   C CD1 . LEU A 1 10  ? 2.866   -13.168 4.155   1.00 15.52 ? 13  LEU A CD1 1 
ATOM   69   C CD2 . LEU A 1 10  ? 1.327   -15.149 4.384   1.00 13.18 ? 13  LEU A CD2 1 
ATOM   70   N N   . SER A 1 11  ? 4.739   -14.432 8.806   1.00 17.82 ? 14  SER A N   1 
ATOM   71   C CA  . SER A 1 11  ? 4.921   -14.362 10.248  1.00 13.72 ? 14  SER A CA  1 
ATOM   72   C C   . SER A 1 11  ? 5.608   -13.058 10.657  1.00 11.13 ? 14  SER A C   1 
ATOM   73   O O   . SER A 1 11  ? 5.472   -12.607 11.790  1.00 15.79 ? 14  SER A O   1 
ATOM   74   C CB  . SER A 1 11  ? 5.756   -15.554 10.696  1.00 18.19 ? 14  SER A CB  1 
ATOM   75   O OG  . SER A 1 11  ? 6.892   -15.684 9.860   1.00 23.50 ? 14  SER A OG  1 
ATOM   76   N N   . LYS A 1 12  ? 6.343   -12.452 9.730   1.00 12.15 ? 15  LYS A N   1 
ATOM   77   C CA  . LYS A 1 12  ? 7.051   -11.201 9.999   1.00 13.89 ? 15  LYS A CA  1 
ATOM   78   C C   . LYS A 1 12  ? 6.161   -9.968  9.740   1.00 16.36 ? 15  LYS A C   1 
ATOM   79   O O   . LYS A 1 12  ? 6.580   -8.831  9.976   1.00 8.70  ? 15  LYS A O   1 
ATOM   80   C CB  . LYS A 1 12  ? 8.306   -11.109 9.117   1.00 22.66 ? 15  LYS A CB  1 
ATOM   81   C CG  . LYS A 1 12  ? 9.237   -12.316 9.191   1.00 29.05 ? 15  LYS A CG  1 
ATOM   82   C CD  . LYS A 1 12  ? 10.121  -12.291 10.425  1.00 32.02 ? 15  LYS A CD  1 
ATOM   83   C CE  . LYS A 1 12  ? 11.356  -11.412 10.224  1.00 44.73 ? 15  LYS A CE  1 
ATOM   84   N NZ  . LYS A 1 12  ? 12.352  -11.999 9.271   1.00 42.74 ? 15  LYS A NZ  1 
ATOM   85   N N   . VAL A 1 13  ? 4.938   -10.197 9.266   1.00 10.83 ? 16  VAL A N   1 
ATOM   86   C CA  . VAL A 1 13  ? 4.024   -9.100  8.957   1.00 15.10 ? 16  VAL A CA  1 
ATOM   87   C C   . VAL A 1 13  ? 2.846   -9.051  9.920   1.00 16.98 ? 16  VAL A C   1 
ATOM   88   O O   . VAL A 1 13  ? 1.882   -9.806  9.782   1.00 20.15 ? 16  VAL A O   1 
ATOM   89   C CB  . VAL A 1 13  ? 3.502   -9.220  7.503   1.00 20.40 ? 16  VAL A CB  1 
ATOM   90   C CG1 . VAL A 1 13  ? 2.540   -8.095  7.197   1.00 24.26 ? 16  VAL A CG1 1 
ATOM   91   C CG2 . VAL A 1 13  ? 4.674   -9.179  6.524   1.00 16.69 ? 16  VAL A CG2 1 
ATOM   92   N N   . PRO A 1 14  ? 2.906   -8.150  10.910  1.00 14.87 ? 17  PRO A N   1 
ATOM   93   C CA  . PRO A 1 14  ? 1.824   -8.034  11.885  1.00 13.86 ? 17  PRO A CA  1 
ATOM   94   C C   . PRO A 1 14  ? 0.475   -7.707  11.263  1.00 14.39 ? 17  PRO A C   1 
ATOM   95   O O   . PRO A 1 14  ? 0.385   -7.261  10.115  1.00 15.14 ? 17  PRO A O   1 
ATOM   96   C CB  . PRO A 1 14  ? 2.313   -6.926  12.821  1.00 10.57 ? 17  PRO A CB  1 
ATOM   97   C CG  . PRO A 1 14  ? 3.811   -7.071  12.757  1.00 10.03 ? 17  PRO A CG  1 
ATOM   98   C CD  . PRO A 1 14  ? 4.023   -7.258  11.266  1.00 15.74 ? 17  PRO A CD  1 
ATOM   99   N N   . LEU A 1 15  ? -0.571  -7.933  12.046  1.00 14.09 ? 18  LEU A N   1 
ATOM   100  C CA  . LEU A 1 15  ? -1.932  -7.671  11.618  1.00 17.59 ? 18  LEU A CA  1 
ATOM   101  C C   . LEU A 1 15  ? -2.565  -6.836  12.722  1.00 20.85 ? 18  LEU A C   1 
ATOM   102  O O   . LEU A 1 15  ? -2.473  -7.183  13.901  1.00 28.88 ? 18  LEU A O   1 
ATOM   103  C CB  . LEU A 1 15  ? -2.687  -8.996  11.445  1.00 15.01 ? 18  LEU A CB  1 
ATOM   104  C CG  . LEU A 1 15  ? -3.987  -9.052  10.632  1.00 16.95 ? 18  LEU A CG  1 
ATOM   105  C CD1 . LEU A 1 15  ? -5.094  -9.586  11.491  1.00 14.07 ? 18  LEU A CD1 1 
ATOM   106  C CD2 . LEU A 1 15  ? -4.350  -7.691  10.100  1.00 11.56 ? 18  LEU A CD2 1 
ATOM   107  N N   . GLN A 1 16  ? -3.178  -5.721  12.347  1.00 16.02 ? 19  GLN A N   1 
ATOM   108  C CA  . GLN A 1 16  ? -3.834  -4.855  13.317  1.00 19.26 ? 19  GLN A CA  1 
ATOM   109  C C   . GLN A 1 16  ? -4.779  -5.653  14.200  1.00 23.28 ? 19  GLN A C   1 
ATOM   110  O O   . GLN A 1 16  ? -5.267  -6.704  13.807  1.00 20.23 ? 19  GLN A O   1 
ATOM   111  C CB  . GLN A 1 16  ? -4.644  -3.781  12.600  1.00 17.41 ? 19  GLN A CB  1 
ATOM   112  C CG  . GLN A 1 16  ? -4.038  -2.418  12.698  1.00 25.29 ? 19  GLN A CG  1 
ATOM   113  C CD  . GLN A 1 16  ? -4.050  -1.882  14.110  1.00 25.63 ? 19  GLN A CD  1 
ATOM   114  O OE1 . GLN A 1 16  ? -3.174  -1.111  14.493  1.00 18.02 ? 19  GLN A OE1 1 
ATOM   115  N NE2 . GLN A 1 16  ? -5.055  -2.278  14.891  1.00 15.45 ? 19  GLN A NE2 1 
ATOM   116  N N   . GLN A 1 17  ? -5.038  -5.154  15.400  1.00 28.12 ? 20  GLN A N   1 
ATOM   117  C CA  . GLN A 1 17  ? -5.959  -5.834  16.292  1.00 27.72 ? 20  GLN A CA  1 
ATOM   118  C C   . GLN A 1 17  ? -7.352  -5.249  16.108  1.00 26.86 ? 20  GLN A C   1 
ATOM   119  O O   . GLN A 1 17  ? -7.504  -4.068  15.799  1.00 17.23 ? 20  GLN A O   1 
ATOM   120  C CB  . GLN A 1 17  ? -5.513  -5.687  17.748  1.00 33.31 ? 20  GLN A CB  1 
ATOM   121  C CG  . GLN A 1 17  ? -4.619  -6.825  18.211  1.00 51.66 ? 20  GLN A CG  1 
ATOM   122  C CD  . GLN A 1 17  ? -4.329  -6.778  19.699  1.00 66.48 ? 20  GLN A CD  1 
ATOM   123  O OE1 . GLN A 1 17  ? -5.245  -6.732  20.524  1.00 72.47 ? 20  GLN A OE1 1 
ATOM   124  N NE2 . GLN A 1 17  ? -3.047  -6.798  20.052  1.00 71.52 ? 20  GLN A NE2 1 
ATOM   125  N N   . ASN A 1 18  ? -8.369  -6.088  16.272  1.00 26.43 ? 21  ASN A N   1 
ATOM   126  C CA  . ASN A 1 18  ? -9.746  -5.643  16.135  1.00 27.95 ? 21  ASN A CA  1 
ATOM   127  C C   . ASN A 1 18  ? -9.926  -4.692  14.968  1.00 23.88 ? 21  ASN A C   1 
ATOM   128  O O   . ASN A 1 18  ? -10.608 -3.675  15.096  1.00 27.69 ? 21  ASN A O   1 
ATOM   129  C CB  . ASN A 1 18  ? -10.186 -4.938  17.411  1.00 30.14 ? 21  ASN A CB  1 
ATOM   130  C CG  . ASN A 1 18  ? -10.011 -5.799  18.627  1.00 37.40 ? 21  ASN A CG  1 
ATOM   131  O OD1 . ASN A 1 18  ? -10.638 -6.849  18.745  1.00 44.10 ? 21  ASN A OD1 1 
ATOM   132  N ND2 . ASN A 1 18  ? -9.149  -5.366  19.542  1.00 40.59 ? 21  ASN A ND2 1 
ATOM   133  N N   . PHE A 1 19  ? -9.318  -5.008  13.830  1.00 18.16 ? 22  PHE A N   1 
ATOM   134  C CA  . PHE A 1 19  ? -9.454  -4.125  12.692  1.00 18.67 ? 22  PHE A CA  1 
ATOM   135  C C   . PHE A 1 19  ? -10.909 -3.733  12.521  1.00 22.31 ? 22  PHE A C   1 
ATOM   136  O O   . PHE A 1 19  ? -11.802 -4.578  12.489  1.00 13.74 ? 22  PHE A O   1 
ATOM   137  C CB  . PHE A 1 19  ? -8.946  -4.771  11.404  1.00 13.58 ? 22  PHE A CB  1 
ATOM   138  C CG  . PHE A 1 19  ? -9.133  -3.905  10.191  1.00 20.26 ? 22  PHE A CG  1 
ATOM   139  C CD1 . PHE A 1 19  ? -10.266 -4.038  9.389   1.00 19.99 ? 22  PHE A CD1 1 
ATOM   140  C CD2 . PHE A 1 19  ? -8.206  -2.916  9.877   1.00 20.18 ? 22  PHE A CD2 1 
ATOM   141  C CE1 . PHE A 1 19  ? -10.469 -3.198  8.299   1.00 19.61 ? 22  PHE A CE1 1 
ATOM   142  C CE2 . PHE A 1 19  ? -8.405  -2.069  8.782   1.00 17.56 ? 22  PHE A CE2 1 
ATOM   143  C CZ  . PHE A 1 19  ? -9.534  -2.211  7.995   1.00 12.18 ? 22  PHE A CZ  1 
ATOM   144  N N   . GLN A 1 20  ? -11.133 -2.433  12.412  1.00 25.43 ? 23  GLN A N   1 
ATOM   145  C CA  . GLN A 1 20  ? -12.470 -1.904  12.256  1.00 24.96 ? 23  GLN A CA  1 
ATOM   146  C C   . GLN A 1 20  ? -12.751 -1.514  10.824  1.00 25.16 ? 23  GLN A C   1 
ATOM   147  O O   . GLN A 1 20  ? -12.035 -0.702  10.241  1.00 24.50 ? 23  GLN A O   1 
ATOM   148  C CB  . GLN A 1 20  ? -12.649 -0.692  13.160  1.00 29.83 ? 23  GLN A CB  1 
ATOM   149  C CG  . GLN A 1 20  ? -12.521 -1.025  14.615  1.00 27.56 ? 23  GLN A CG  1 
ATOM   150  C CD  . GLN A 1 20  ? -13.610 -1.957  15.042  1.00 30.98 ? 23  GLN A CD  1 
ATOM   151  O OE1 . GLN A 1 20  ? -14.785 -1.692  14.799  1.00 36.38 ? 23  GLN A OE1 1 
ATOM   152  N NE2 . GLN A 1 20  ? -13.237 -3.060  15.674  1.00 26.22 ? 23  GLN A NE2 1 
ATOM   153  N N   . ASP A 1 21  ? -13.801 -2.115  10.276  1.00 26.84 ? 24  ASP A N   1 
ATOM   154  C CA  . ASP A 1 21  ? -14.285 -1.878  8.917   1.00 29.29 ? 24  ASP A CA  1 
ATOM   155  C C   . ASP A 1 21  ? -14.418 -0.397  8.570   1.00 31.84 ? 24  ASP A C   1 
ATOM   156  O O   . ASP A 1 21  ? -13.540 0.234   7.985   1.00 31.23 ? 24  ASP A O   1 
ATOM   157  C CB  . ASP A 1 21  ? -15.689 -2.476  8.752   1.00 25.48 ? 24  ASP A CB  1 
ATOM   158  C CG  . ASP A 1 21  ? -15.683 -3.832  8.132   1.00 17.31 ? 24  ASP A CG  1 
ATOM   159  O OD1 . ASP A 1 21  ? -16.745 -4.257  7.643   1.00 34.21 ? 24  ASP A OD1 1 
ATOM   160  O OD2 . ASP A 1 21  ? -14.625 -4.480  8.136   1.00 25.13 ? 24  ASP A OD2 1 
ATOM   161  N N   . ASN A 1 22  ? -15.581 0.115   8.951   1.00 31.53 ? 25  ASN A N   1 
ATOM   162  C CA  . ASN A 1 22  ? -16.023 1.472   8.712   1.00 29.53 ? 25  ASN A CA  1 
ATOM   163  C C   . ASN A 1 22  ? -15.165 2.590   9.278   1.00 26.04 ? 25  ASN A C   1 
ATOM   164  O O   . ASN A 1 22  ? -15.412 3.763   8.989   1.00 19.27 ? 25  ASN A O   1 
ATOM   165  C CB  . ASN A 1 22  ? -17.455 1.605   9.229   1.00 34.72 ? 25  ASN A CB  1 
ATOM   166  C CG  . ASN A 1 22  ? -17.570 1.330   10.726  1.00 39.62 ? 25  ASN A CG  1 
ATOM   167  O OD1 . ASN A 1 22  ? -16.904 0.439   11.269  1.00 32.70 ? 25  ASN A OD1 1 
ATOM   168  N ND2 . ASN A 1 22  ? -18.433 2.087   11.397  1.00 37.94 ? 25  ASN A ND2 1 
ATOM   169  N N   . GLN A 1 23  ? -14.168 2.254   10.083  1.00 18.31 ? 26  GLN A N   1 
ATOM   170  C CA  . GLN A 1 23  ? -13.332 3.308   10.638  1.00 22.24 ? 26  GLN A CA  1 
ATOM   171  C C   . GLN A 1 23  ? -12.062 3.511   9.826   1.00 20.11 ? 26  GLN A C   1 
ATOM   172  O O   . GLN A 1 23  ? -11.433 4.568   9.878   1.00 13.84 ? 26  GLN A O   1 
ATOM   173  C CB  . GLN A 1 23  ? -12.997 3.004   12.094  1.00 32.72 ? 26  GLN A CB  1 
ATOM   174  C CG  . GLN A 1 23  ? -14.157 3.256   13.046  1.00 26.77 ? 26  GLN A CG  1 
ATOM   175  C CD  . GLN A 1 23  ? -13.744 3.104   14.492  1.00 35.47 ? 26  GLN A CD  1 
ATOM   176  O OE1 . GLN A 1 23  ? -12.703 3.616   14.905  1.00 27.84 ? 26  GLN A OE1 1 
ATOM   177  N NE2 . GLN A 1 23  ? -14.562 2.406   15.276  1.00 38.03 ? 26  GLN A NE2 1 
ATOM   178  N N   . PHE A 1 24  ? -11.706 2.497   9.051   1.00 20.41 ? 27  PHE A N   1 
ATOM   179  C CA  . PHE A 1 24  ? -10.519 2.568   8.224   1.00 15.84 ? 27  PHE A CA  1 
ATOM   180  C C   . PHE A 1 24  ? -10.848 3.131   6.845   1.00 15.10 ? 27  PHE A C   1 
ATOM   181  O O   . PHE A 1 24  ? -9.955  3.544   6.109   1.00 16.45 ? 27  PHE A O   1 
ATOM   182  C CB  . PHE A 1 24  ? -9.902  1.180   8.067   1.00 19.62 ? 27  PHE A CB  1 
ATOM   183  C CG  . PHE A 1 24  ? -8.625  1.173   7.283   1.00 10.21 ? 27  PHE A CG  1 
ATOM   184  C CD1 . PHE A 1 24  ? -7.419  1.464   7.898   1.00 13.15 ? 27  PHE A CD1 1 
ATOM   185  C CD2 . PHE A 1 24  ? -8.634  0.889   5.928   1.00 10.83 ? 27  PHE A CD2 1 
ATOM   186  C CE1 . PHE A 1 24  ? -6.243  1.477   7.175   1.00 12.01 ? 27  PHE A CE1 1 
ATOM   187  C CE2 . PHE A 1 24  ? -7.461  0.899   5.199   1.00 14.88 ? 27  PHE A CE2 1 
ATOM   188  C CZ  . PHE A 1 24  ? -6.263  1.194   5.823   1.00 14.06 ? 27  PHE A CZ  1 
ATOM   189  N N   . GLN A 1 25  ? -12.130 3.149   6.501   1.00 9.35  ? 28  GLN A N   1 
ATOM   190  C CA  . GLN A 1 25  ? -12.554 3.660   5.198   1.00 12.16 ? 28  GLN A CA  1 
ATOM   191  C C   . GLN A 1 25  ? -12.277 5.145   4.999   1.00 8.17  ? 28  GLN A C   1 
ATOM   192  O O   . GLN A 1 25  ? -11.949 5.861   5.940   1.00 8.27  ? 28  GLN A O   1 
ATOM   193  C CB  . GLN A 1 25  ? -14.053 3.394   4.981   1.00 17.48 ? 28  GLN A CB  1 
ATOM   194  C CG  . GLN A 1 25  ? -14.877 3.389   6.259   1.00 17.13 ? 28  GLN A CG  1 
ATOM   195  C CD  . GLN A 1 25  ? -16.352 3.676   6.027   1.00 24.47 ? 28  GLN A CD  1 
ATOM   196  O OE1 . GLN A 1 25  ? -17.039 2.950   5.308   1.00 28.26 ? 28  GLN A OE1 1 
ATOM   197  N NE2 . GLN A 1 25  ? -16.842 4.746   6.639   1.00 21.77 ? 28  GLN A NE2 1 
ATOM   198  N N   . GLY A 1 26  ? -12.418 5.598   3.758   1.00 6.58  ? 29  GLY A N   1 
ATOM   199  C CA  . GLY A 1 26  ? -12.202 6.993   3.450   1.00 2.96  ? 29  GLY A CA  1 
ATOM   200  C C   . GLY A 1 26  ? -10.938 7.207   2.645   1.00 16.47 ? 29  GLY A C   1 
ATOM   201  O O   . GLY A 1 26  ? -10.298 6.252   2.198   1.00 21.44 ? 29  GLY A O   1 
ATOM   202  N N   . LYS A 1 27  ? -10.570 8.470   2.470   1.00 8.26  ? 30  LYS A N   1 
ATOM   203  C CA  . LYS A 1 27  ? -9.391  8.820   1.703   1.00 11.60 ? 30  LYS A CA  1 
ATOM   204  C C   . LYS A 1 27  ? -8.095  8.669   2.496   1.00 13.39 ? 30  LYS A C   1 
ATOM   205  O O   . LYS A 1 27  ? -8.008  9.071   3.654   1.00 15.70 ? 30  LYS A O   1 
ATOM   206  C CB  . LYS A 1 27  ? -9.525  10.255  1.184   1.00 6.38  ? 30  LYS A CB  1 
ATOM   207  C CG  . LYS A 1 27  ? -8.272  10.770  0.512   1.00 12.88 ? 30  LYS A CG  1 
ATOM   208  C CD  . LYS A 1 27  ? -8.544  11.272  -0.894  1.00 13.66 ? 30  LYS A CD  1 
ATOM   209  C CE  . LYS A 1 27  ? -8.859  12.753  -0.932  1.00 17.74 ? 30  LYS A CE  1 
ATOM   210  N NZ  . LYS A 1 27  ? -8.975  13.200  -2.346  1.00 18.71 ? 30  LYS A NZ  1 
ATOM   211  N N   . TRP A 1 28  ? -7.094  8.063   1.869   1.00 16.82 ? 31  TRP A N   1 
ATOM   212  C CA  . TRP A 1 28  ? -5.788  7.888   2.498   1.00 17.03 ? 31  TRP A CA  1 
ATOM   213  C C   . TRP A 1 28  ? -4.712  8.406   1.547   1.00 19.60 ? 31  TRP A C   1 
ATOM   214  O O   . TRP A 1 28  ? -4.702  8.060   0.363   1.00 23.64 ? 31  TRP A O   1 
ATOM   215  C CB  . TRP A 1 28  ? -5.500  6.413   2.804   1.00 12.56 ? 31  TRP A CB  1 
ATOM   216  C CG  . TRP A 1 28  ? -6.171  5.864   4.031   1.00 15.91 ? 31  TRP A CG  1 
ATOM   217  C CD1 . TRP A 1 28  ? -7.244  5.020   4.068   1.00 15.76 ? 31  TRP A CD1 1 
ATOM   218  C CD2 . TRP A 1 28  ? -5.790  6.086   5.401   1.00 8.08  ? 31  TRP A CD2 1 
ATOM   219  N NE1 . TRP A 1 28  ? -7.552  4.697   5.368   1.00 20.20 ? 31  TRP A NE1 1 
ATOM   220  C CE2 . TRP A 1 28  ? -6.675  5.336   6.210   1.00 11.59 ? 31  TRP A CE2 1 
ATOM   221  C CE3 . TRP A 1 28  ? -4.787  6.840   6.024   1.00 2.00  ? 31  TRP A CE3 1 
ATOM   222  C CZ2 . TRP A 1 28  ? -6.589  5.315   7.604   1.00 8.04  ? 31  TRP A CZ2 1 
ATOM   223  C CZ3 . TRP A 1 28  ? -4.699  6.825   7.414   1.00 2.00  ? 31  TRP A CZ3 1 
ATOM   224  C CH2 . TRP A 1 28  ? -5.594  6.066   8.188   1.00 14.79 ? 31  TRP A CH2 1 
ATOM   225  N N   . TYR A 1 29  ? -3.824  9.251   2.061   1.00 15.23 ? 32  TYR A N   1 
ATOM   226  C CA  . TYR A 1 29  ? -2.729  9.786   1.263   1.00 11.31 ? 32  TYR A CA  1 
ATOM   227  C C   . TYR A 1 29  ? -1.540  8.850   1.460   1.00 12.89 ? 32  TYR A C   1 
ATOM   228  O O   . TYR A 1 29  ? -1.356  8.297   2.543   1.00 16.03 ? 32  TYR A O   1 
ATOM   229  C CB  . TYR A 1 29  ? -2.353  11.201  1.725   1.00 12.38 ? 32  TYR A CB  1 
ATOM   230  C CG  . TYR A 1 29  ? -3.338  12.268  1.314   1.00 8.23  ? 32  TYR A CG  1 
ATOM   231  C CD1 . TYR A 1 29  ? -3.411  12.700  0.002   1.00 5.62  ? 32  TYR A CD1 1 
ATOM   232  C CD2 . TYR A 1 29  ? -4.234  12.799  2.226   1.00 9.42  ? 32  TYR A CD2 1 
ATOM   233  C CE1 . TYR A 1 29  ? -4.346  13.633  -0.397  1.00 15.04 ? 32  TYR A CE1 1 
ATOM   234  C CE2 . TYR A 1 29  ? -5.177  13.731  1.840   1.00 14.53 ? 32  TYR A CE2 1 
ATOM   235  C CZ  . TYR A 1 29  ? -5.233  14.145  0.525   1.00 18.66 ? 32  TYR A CZ  1 
ATOM   236  O OH  . TYR A 1 29  ? -6.172  15.079  0.132   1.00 25.57 ? 32  TYR A OH  1 
ATOM   237  N N   . VAL A 1 30  ? -0.738  8.669   0.419   1.00 3.78  ? 33  VAL A N   1 
ATOM   238  C CA  . VAL A 1 30  ? 0.418   7.810   0.533   1.00 8.07  ? 33  VAL A CA  1 
ATOM   239  C C   . VAL A 1 30  ? 1.644   8.663   0.797   1.00 15.24 ? 33  VAL A C   1 
ATOM   240  O O   . VAL A 1 30  ? 2.265   9.165   -0.131  1.00 21.48 ? 33  VAL A O   1 
ATOM   241  C CB  . VAL A 1 30  ? 0.629   7.004   -0.736  1.00 13.00 ? 33  VAL A CB  1 
ATOM   242  C CG1 . VAL A 1 30  ? 1.848   6.081   -0.570  1.00 3.61  ? 33  VAL A CG1 1 
ATOM   243  C CG2 . VAL A 1 30  ? -0.645  6.215   -1.043  1.00 2.00  ? 33  VAL A CG2 1 
ATOM   244  N N   . VAL A 1 31  ? 1.990   8.816   2.075   1.00 11.09 ? 34  VAL A N   1 
ATOM   245  C CA  . VAL A 1 31  ? 3.128   9.629   2.473   1.00 13.04 ? 34  VAL A CA  1 
ATOM   246  C C   . VAL A 1 31  ? 4.416   8.811   2.591   1.00 12.63 ? 34  VAL A C   1 
ATOM   247  O O   . VAL A 1 31  ? 5.510   9.359   2.575   1.00 15.58 ? 34  VAL A O   1 
ATOM   248  C CB  . VAL A 1 31  ? 2.829   10.371  3.810   1.00 9.05  ? 34  VAL A CB  1 
ATOM   249  C CG1 . VAL A 1 31  ? 2.667   9.384   4.946   1.00 11.98 ? 34  VAL A CG1 1 
ATOM   250  C CG2 . VAL A 1 31  ? 3.933   11.351  4.110   1.00 19.02 ? 34  VAL A CG2 1 
ATOM   251  N N   . GLY A 1 32  ? 4.269   7.497   2.706   1.00 19.81 ? 35  GLY A N   1 
ATOM   252  C CA  . GLY A 1 32  ? 5.417   6.610   2.791   1.00 11.32 ? 35  GLY A CA  1 
ATOM   253  C C   . GLY A 1 32  ? 5.138   5.458   1.841   1.00 12.61 ? 35  GLY A C   1 
ATOM   254  O O   . GLY A 1 32  ? 3.979   5.059   1.684   1.00 12.02 ? 35  GLY A O   1 
ATOM   255  N N   . LEU A 1 33  ? 6.181   4.924   1.210   1.00 12.36 ? 36  LEU A N   1 
ATOM   256  C CA  . LEU A 1 33  ? 6.038   3.818   0.263   1.00 13.36 ? 36  LEU A CA  1 
ATOM   257  C C   . LEU A 1 33  ? 7.332   3.033   0.137   1.00 10.26 ? 36  LEU A C   1 
ATOM   258  O O   . LEU A 1 33  ? 8.401   3.627   0.030   1.00 14.39 ? 36  LEU A O   1 
ATOM   259  C CB  . LEU A 1 33  ? 5.663   4.355   -1.119  1.00 18.43 ? 36  LEU A CB  1 
ATOM   260  C CG  . LEU A 1 33  ? 5.700   3.322   -2.246  1.00 17.34 ? 36  LEU A CG  1 
ATOM   261  C CD1 . LEU A 1 33  ? 4.505   2.391   -2.094  1.00 22.61 ? 36  LEU A CD1 1 
ATOM   262  C CD2 . LEU A 1 33  ? 5.667   4.015   -3.601  1.00 7.35  ? 36  LEU A CD2 1 
ATOM   263  N N   . ALA A 1 34  ? 7.242   1.707   0.121   1.00 4.51  ? 37  ALA A N   1 
ATOM   264  C CA  . ALA A 1 34  ? 8.443   0.871   -0.010  1.00 7.18  ? 37  ALA A CA  1 
ATOM   265  C C   . ALA A 1 34  ? 8.149   -0.515  -0.593  1.00 2.98  ? 37  ALA A C   1 
ATOM   266  O O   . ALA A 1 34  ? 7.027   -1.000  -0.508  1.00 11.25 ? 37  ALA A O   1 
ATOM   267  C CB  . ALA A 1 34  ? 9.131   0.729   1.353   1.00 2.00  ? 37  ALA A CB  1 
ATOM   268  N N   . GLY A 1 35  ? 9.157   -1.148  -1.184  1.00 10.29 ? 38  GLY A N   1 
ATOM   269  C CA  . GLY A 1 35  ? 8.956   -2.467  -1.767  1.00 16.95 ? 38  GLY A CA  1 
ATOM   270  C C   . GLY A 1 35  ? 10.130  -2.947  -2.604  1.00 18.64 ? 38  GLY A C   1 
ATOM   271  O O   . GLY A 1 35  ? 10.947  -2.135  -3.042  1.00 10.59 ? 38  GLY A O   1 
ATOM   272  N N   . ASN A 1 36  ? 10.207  -4.258  -2.843  1.00 12.06 ? 39  ASN A N   1 
ATOM   273  C CA  . ASN A 1 36  ? 11.313  -4.822  -3.616  1.00 15.47 ? 39  ASN A CA  1 
ATOM   274  C C   . ASN A 1 36  ? 11.355  -4.304  -5.050  1.00 18.93 ? 39  ASN A C   1 
ATOM   275  O O   . ASN A 1 36  ? 12.395  -4.364  -5.710  1.00 16.53 ? 39  ASN A O   1 
ATOM   276  C CB  . ASN A 1 36  ? 11.277  -6.368  -3.584  1.00 6.49  ? 39  ASN A CB  1 
ATOM   277  C CG  . ASN A 1 36  ? 10.018  -6.962  -4.223  1.00 18.57 ? 39  ASN A CG  1 
ATOM   278  O OD1 . ASN A 1 36  ? 9.020   -6.272  -4.420  1.00 29.44 ? 39  ASN A OD1 1 
ATOM   279  N ND2 . ASN A 1 36  ? 10.063  -8.259  -4.532  1.00 14.61 ? 39  ASN A ND2 1 
ATOM   280  N N   . ALA A 1 37  ? 10.234  -3.764  -5.520  1.00 21.65 ? 40  ALA A N   1 
ATOM   281  C CA  . ALA A 1 37  ? 10.161  -3.240  -6.880  1.00 22.15 ? 40  ALA A CA  1 
ATOM   282  C C   . ALA A 1 37  ? 10.071  -1.714  -6.918  1.00 20.54 ? 40  ALA A C   1 
ATOM   283  O O   . ALA A 1 37  ? 9.999   -1.118  -7.995  1.00 21.44 ? 40  ALA A O   1 
ATOM   284  C CB  . ALA A 1 37  ? 8.970   -3.850  -7.609  1.00 30.17 ? 40  ALA A CB  1 
ATOM   285  N N   . ILE A 1 38  ? 10.073  -1.093  -5.740  1.00 18.02 ? 41  ILE A N   1 
ATOM   286  C CA  . ILE A 1 38  ? 10.012  0.362   -5.614  1.00 15.73 ? 41  ILE A CA  1 
ATOM   287  C C   . ILE A 1 38  ? 11.429  0.894   -5.431  1.00 19.42 ? 41  ILE A C   1 
ATOM   288  O O   . ILE A 1 38  ? 12.184  0.394   -4.593  1.00 22.45 ? 41  ILE A O   1 
ATOM   289  C CB  . ILE A 1 38  ? 9.189   0.803   -4.378  1.00 19.03 ? 41  ILE A CB  1 
ATOM   290  C CG1 . ILE A 1 38  ? 7.810   0.125   -4.377  1.00 22.57 ? 41  ILE A CG1 1 
ATOM   291  C CG2 . ILE A 1 38  ? 9.033   2.325   -4.378  1.00 25.49 ? 41  ILE A CG2 1 
ATOM   292  C CD1 . ILE A 1 38  ? 6.860   0.612   -5.439  1.00 6.69  ? 41  ILE A CD1 1 
ATOM   293  N N   . LEU A 1 39  ? 11.786  1.918   -6.199  1.00 17.29 ? 42  LEU A N   1 
ATOM   294  C CA  . LEU A 1 39  ? 13.123  2.489   -6.102  1.00 21.74 ? 42  LEU A CA  1 
ATOM   295  C C   . LEU A 1 39  ? 13.134  4.010   -6.217  1.00 24.95 ? 42  LEU A C   1 
ATOM   296  O O   . LEU A 1 39  ? 12.241  4.611   -6.814  1.00 31.63 ? 42  LEU A O   1 
ATOM   297  C CB  . LEU A 1 39  ? 14.020  1.871   -7.179  1.00 26.29 ? 42  LEU A CB  1 
ATOM   298  C CG  . LEU A 1 39  ? 15.325  1.242   -6.682  1.00 33.14 ? 42  LEU A CG  1 
ATOM   299  C CD1 . LEU A 1 39  ? 15.855  0.287   -7.728  1.00 35.47 ? 42  LEU A CD1 1 
ATOM   300  C CD2 . LEU A 1 39  ? 16.342  2.327   -6.360  1.00 33.50 ? 42  LEU A CD2 1 
ATOM   301  N N   . ARG A 1 40  ? 14.149  4.628   -5.624  1.00 25.58 ? 43  ARG A N   1 
ATOM   302  C CA  . ARG A 1 40  ? 14.289  6.079   -5.662  1.00 24.28 ? 43  ARG A CA  1 
ATOM   303  C C   . ARG A 1 40  ? 14.747  6.513   -7.045  1.00 26.43 ? 43  ARG A C   1 
ATOM   304  O O   . ARG A 1 40  ? 15.785  6.072   -7.524  1.00 24.67 ? 43  ARG A O   1 
ATOM   305  C CB  . ARG A 1 40  ? 15.315  6.547   -4.636  1.00 20.82 ? 43  ARG A CB  1 
ATOM   306  C CG  . ARG A 1 40  ? 14.744  7.101   -3.351  1.00 26.66 ? 43  ARG A CG  1 
ATOM   307  C CD  . ARG A 1 40  ? 15.825  7.901   -2.651  1.00 36.65 ? 43  ARG A CD  1 
ATOM   308  N NE  . ARG A 1 40  ? 17.010  7.074   -2.433  1.00 50.25 ? 43  ARG A NE  1 
ATOM   309  C CZ  . ARG A 1 40  ? 18.250  7.536   -2.302  1.00 50.82 ? 43  ARG A CZ  1 
ATOM   310  N NH1 . ARG A 1 40  ? 18.504  8.840   -2.365  1.00 53.64 ? 43  ARG A NH1 1 
ATOM   311  N NH2 . ARG A 1 40  ? 19.243  6.681   -2.097  1.00 51.01 ? 43  ARG A NH2 1 
ATOM   312  N N   . GLU A 1 41  ? 13.969  7.372   -7.691  1.00 27.19 ? 44  GLU A N   1 
ATOM   313  C CA  . GLU A 1 41  ? 14.325  7.861   -9.015  1.00 24.34 ? 44  GLU A CA  1 
ATOM   314  C C   . GLU A 1 41  ? 14.517  9.359   -8.866  1.00 21.26 ? 44  GLU A C   1 
ATOM   315  O O   . GLU A 1 41  ? 13.541  10.101  -8.926  1.00 25.03 ? 44  GLU A O   1 
ATOM   316  C CB  . GLU A 1 41  ? 13.190  7.615   -10.005 1.00 33.31 ? 44  GLU A CB  1 
ATOM   317  C CG  . GLU A 1 41  ? 12.608  6.213   -9.999  1.00 50.07 ? 44  GLU A CG  1 
ATOM   318  C CD  . GLU A 1 41  ? 11.207  6.162   -10.612 1.00 60.52 ? 44  GLU A CD  1 
ATOM   319  O OE1 . GLU A 1 41  ? 11.010  6.712   -11.722 1.00 63.42 ? 44  GLU A OE1 1 
ATOM   320  O OE2 . GLU A 1 41  ? 10.302  5.569   -9.983  1.00 62.44 ? 44  GLU A OE2 1 
ATOM   321  N N   . ASP A 1 42  ? 15.753  9.802   -8.651  1.00 15.90 ? 45  ASP A N   1 
ATOM   322  C CA  . ASP A 1 42  ? 16.040  11.226  -8.505  1.00 13.33 ? 45  ASP A CA  1 
ATOM   323  C C   . ASP A 1 42  ? 15.693  11.957  -9.780  1.00 19.50 ? 45  ASP A C   1 
ATOM   324  O O   . ASP A 1 42  ? 15.282  13.113  -9.741  1.00 19.32 ? 45  ASP A O   1 
ATOM   325  C CB  . ASP A 1 42  ? 17.519  11.459  -8.205  1.00 15.97 ? 45  ASP A CB  1 
ATOM   326  C CG  . ASP A 1 42  ? 17.885  11.115  -6.791  1.00 18.50 ? 45  ASP A CG  1 
ATOM   327  O OD1 . ASP A 1 42  ? 17.015  10.573  -6.077  1.00 13.48 ? 45  ASP A OD1 1 
ATOM   328  O OD2 . ASP A 1 42  ? 19.041  11.386  -6.397  1.00 20.88 ? 45  ASP A OD2 1 
ATOM   329  N N   . LYS A 1 43  ? 15.872  11.285  -10.914 1.00 20.01 ? 46  LYS A N   1 
ATOM   330  C CA  . LYS A 1 43  ? 15.575  11.887  -12.210 1.00 22.06 ? 46  LYS A CA  1 
ATOM   331  C C   . LYS A 1 43  ? 14.090  12.215  -12.274 1.00 23.19 ? 46  LYS A C   1 
ATOM   332  O O   . LYS A 1 43  ? 13.692  13.204  -12.885 1.00 29.51 ? 46  LYS A O   1 
ATOM   333  C CB  . LYS A 1 43  ? 15.953  10.921  -13.341 1.00 30.46 ? 46  LYS A CB  1 
ATOM   334  C CG  . LYS A 1 43  ? 15.288  9.553   -13.220 1.00 40.24 ? 46  LYS A CG  1 
ATOM   335  C CD  . LYS A 1 43  ? 15.776  8.556   -14.265 1.00 43.84 ? 46  LYS A CD  1 
ATOM   336  C CE  . LYS A 1 43  ? 15.252  8.890   -15.649 1.00 48.82 ? 46  LYS A CE  1 
ATOM   337  N NZ  . LYS A 1 43  ? 15.529  7.787   -16.614 1.00 59.95 ? 46  LYS A NZ  1 
ATOM   338  N N   . ASP A 1 44  ? 13.284  11.374  -11.625 1.00 27.80 ? 47  ASP A N   1 
ATOM   339  C CA  . ASP A 1 44  ? 11.828  11.534  -11.575 1.00 24.54 ? 47  ASP A CA  1 
ATOM   340  C C   . ASP A 1 44  ? 11.288  11.110  -10.192 1.00 22.51 ? 47  ASP A C   1 
ATOM   341  O O   . ASP A 1 44  ? 10.699  10.040  -10.027 1.00 12.49 ? 47  ASP A O   1 
ATOM   342  C CB  . ASP A 1 44  ? 11.171  10.690  -12.675 1.00 19.79 ? 47  ASP A CB  1 
ATOM   343  C CG  . ASP A 1 44  ? 9.689   10.948  -12.802 1.00 36.35 ? 47  ASP A CG  1 
ATOM   344  O OD1 . ASP A 1 44  ? 9.023   10.221  -13.569 1.00 37.09 ? 47  ASP A OD1 1 
ATOM   345  O OD2 . ASP A 1 44  ? 9.184   11.881  -12.140 1.00 43.84 ? 47  ASP A OD2 1 
ATOM   346  N N   . PRO A 1 45  ? 11.505  11.950  -9.172  1.00 19.06 ? 48  PRO A N   1 
ATOM   347  C CA  . PRO A 1 45  ? 11.035  11.650  -7.815  1.00 12.45 ? 48  PRO A CA  1 
ATOM   348  C C   . PRO A 1 45  ? 9.564   11.264  -7.794  1.00 11.89 ? 48  PRO A C   1 
ATOM   349  O O   . PRO A 1 45  ? 8.738   11.883  -8.473  1.00 14.21 ? 48  PRO A O   1 
ATOM   350  C CB  . PRO A 1 45  ? 11.287  12.950  -7.068  1.00 5.92  ? 48  PRO A CB  1 
ATOM   351  C CG  . PRO A 1 45  ? 12.514  13.497  -7.744  1.00 12.08 ? 48  PRO A CG  1 
ATOM   352  C CD  . PRO A 1 45  ? 12.269  13.211  -9.214  1.00 8.76  ? 48  PRO A CD  1 
ATOM   353  N N   . GLN A 1 46  ? 9.245   10.240  -7.010  1.00 10.95 ? 49  GLN A N   1 
ATOM   354  C CA  . GLN A 1 46  ? 7.872   9.743   -6.873  1.00 8.97  ? 49  GLN A CA  1 
ATOM   355  C C   . GLN A 1 46  ? 6.958   10.812  -6.256  1.00 12.33 ? 49  GLN A C   1 
ATOM   356  O O   . GLN A 1 46  ? 7.320   11.444  -5.248  1.00 5.74  ? 49  GLN A O   1 
ATOM   357  C CB  . GLN A 1 46  ? 7.866   8.487   -5.993  1.00 2.18  ? 49  GLN A CB  1 
ATOM   358  C CG  . GLN A 1 46  ? 6.478   7.977   -5.638  1.00 2.00  ? 49  GLN A CG  1 
ATOM   359  C CD  . GLN A 1 46  ? 5.742   7.399   -6.827  1.00 8.25  ? 49  GLN A CD  1 
ATOM   360  O OE1 . GLN A 1 46  ? 4.535   7.608   -6.984  1.00 22.05 ? 49  GLN A OE1 1 
ATOM   361  N NE2 . GLN A 1 46  ? 6.454   6.654   -7.666  1.00 10.32 ? 49  GLN A NE2 1 
ATOM   362  N N   . LYS A 1 47  ? 5.788   11.012  -6.868  1.00 6.48  ? 50  LYS A N   1 
ATOM   363  C CA  . LYS A 1 47  ? 4.814   12.000  -6.399  1.00 8.03  ? 50  LYS A CA  1 
ATOM   364  C C   . LYS A 1 47  ? 3.755   11.353  -5.510  1.00 12.45 ? 50  LYS A C   1 
ATOM   365  O O   . LYS A 1 47  ? 3.368   10.197  -5.718  1.00 9.61  ? 50  LYS A O   1 
ATOM   366  C CB  . LYS A 1 47  ? 4.118   12.676  -7.585  1.00 7.16  ? 50  LYS A CB  1 
ATOM   367  C CG  . LYS A 1 47  ? 5.025   13.512  -8.489  1.00 17.94 ? 50  LYS A CG  1 
ATOM   368  C CD  . LYS A 1 47  ? 4.226   14.209  -9.593  1.00 16.71 ? 50  LYS A CD  1 
ATOM   369  C CE  . LYS A 1 47  ? 5.124   14.911  -10.597 1.00 13.04 ? 50  LYS A CE  1 
ATOM   370  N NZ  . LYS A 1 47  ? 6.017   13.954  -11.296 1.00 23.80 ? 50  LYS A NZ  1 
ATOM   371  N N   . MET A 1 48  ? 3.277   12.101  -4.523  1.00 12.16 ? 51  MET A N   1 
ATOM   372  C CA  . MET A 1 48  ? 2.262   11.578  -3.617  1.00 13.80 ? 51  MET A CA  1 
ATOM   373  C C   . MET A 1 48  ? 0.977   11.303  -4.394  1.00 13.85 ? 51  MET A C   1 
ATOM   374  O O   . MET A 1 48  ? 0.664   11.982  -5.378  1.00 12.26 ? 51  MET A O   1 
ATOM   375  C CB  . MET A 1 48  ? 1.978   12.584  -2.500  1.00 17.10 ? 51  MET A CB  1 
ATOM   376  C CG  . MET A 1 48  ? 0.881   12.155  -1.530  1.00 3.64  ? 51  MET A CG  1 
ATOM   377  S SD  . MET A 1 48  ? 0.878   13.147  -0.053  1.00 15.36 ? 51  MET A SD  1 
ATOM   378  C CE  . MET A 1 48  ? 2.514   13.158  0.645   1.00 16.02 ? 51  MET A CE  1 
ATOM   379  N N   . TYR A 1 49  ? 0.262   10.296  -3.942  1.00 16.48 ? 52  TYR A N   1 
ATOM   380  C CA  . TYR A 1 49  ? -1.021  9.919   -4.546  1.00 13.06 ? 52  TYR A CA  1 
ATOM   381  C C   . TYR A 1 49  ? -1.939  9.411   -3.453  1.00 14.41 ? 52  TYR A C   1 
ATOM   382  O O   . TYR A 1 49  ? -1.488  8.994   -2.381  1.00 19.04 ? 52  TYR A O   1 
ATOM   383  C CB  . TYR A 1 49  ? -0.809  8.869   -5.646  1.00 7.24  ? 52  TYR A CB  1 
ATOM   384  C CG  . TYR A 1 49  ? -0.465  7.458   -5.144  1.00 7.69  ? 52  TYR A CG  1 
ATOM   385  C CD1 . TYR A 1 49  ? 0.873   7.075   -4.994  1.00 10.98 ? 52  TYR A CD1 1 
ATOM   386  C CD2 . TYR A 1 49  ? -1.487  6.545   -4.854  1.00 16.12 ? 52  TYR A CD2 1 
ATOM   387  C CE1 . TYR A 1 49  ? 1.188   5.774   -4.580  1.00 15.90 ? 52  TYR A CE1 1 
ATOM   388  C CE2 . TYR A 1 49  ? -1.172  5.242   -4.449  1.00 8.70  ? 52  TYR A CE2 1 
ATOM   389  C CZ  . TYR A 1 49  ? 0.166   4.855   -4.316  1.00 15.87 ? 52  TYR A CZ  1 
ATOM   390  O OH  . TYR A 1 49  ? 0.474   3.585   -3.939  1.00 9.48  ? 52  TYR A OH  1 
ATOM   391  N N   . ALA A 1 50  ? -3.219  9.460   -3.734  1.00 11.78 ? 53  ALA A N   1 
ATOM   392  C CA  . ALA A 1 50  ? -4.218  9.048   -2.754  1.00 5.68  ? 53  ALA A CA  1 
ATOM   393  C C   . ALA A 1 50  ? -4.865  7.731   -3.131  1.00 10.65 ? 53  ALA A C   1 
ATOM   394  O O   . ALA A 1 50  ? -4.815  7.299   -4.285  1.00 15.02 ? 53  ALA A O   1 
ATOM   395  C CB  . ALA A 1 50  ? -5.313  10.111  -2.638  1.00 2.00  ? 53  ALA A CB  1 
ATOM   396  N N   . THR A 1 51  ? -5.466  7.087   -2.142  1.00 12.88 ? 54  THR A N   1 
ATOM   397  C CA  . THR A 1 51  ? -6.167  5.829   -2.352  1.00 17.44 ? 54  THR A CA  1 
ATOM   398  C C   . THR A 1 51  ? -7.382  5.860   -1.442  1.00 18.36 ? 54  THR A C   1 
ATOM   399  O O   . THR A 1 51  ? -7.270  6.153   -0.243  1.00 11.17 ? 54  THR A O   1 
ATOM   400  C CB  . THR A 1 51  ? -5.272  4.607   -2.032  1.00 21.66 ? 54  THR A CB  1 
ATOM   401  O OG1 . THR A 1 51  ? -4.631  4.799   -0.768  1.00 34.74 ? 54  THR A OG1 1 
ATOM   402  C CG2 . THR A 1 51  ? -4.209  4.431   -3.105  1.00 18.94 ? 54  THR A CG2 1 
ATOM   403  N N   . ILE A 1 52  ? -8.548  5.584   -2.031  1.00 24.83 ? 55  ILE A N   1 
ATOM   404  C CA  . ILE A 1 52  ? -9.819  5.611   -1.314  1.00 19.23 ? 55  ILE A CA  1 
ATOM   405  C C   . ILE A 1 52  ? -10.378 4.229   -1.017  1.00 21.39 ? 55  ILE A C   1 
ATOM   406  O O   . ILE A 1 52  ? -10.494 3.382   -1.902  1.00 21.44 ? 55  ILE A O   1 
ATOM   407  C CB  . ILE A 1 52  ? -10.885 6.361   -2.109  1.00 20.73 ? 55  ILE A CB  1 
ATOM   408  C CG1 . ILE A 1 52  ? -10.305 7.646   -2.688  1.00 24.94 ? 55  ILE A CG1 1 
ATOM   409  C CG2 . ILE A 1 52  ? -12.060 6.676   -1.205  1.00 11.36 ? 55  ILE A CG2 1 
ATOM   410  C CD1 . ILE A 1 52  ? -9.806  8.587   -1.644  1.00 37.07 ? 55  ILE A CD1 1 
ATOM   411  N N   . TYR A 1 53  ? -10.751 4.024   0.236   1.00 19.23 ? 56  TYR A N   1 
ATOM   412  C CA  . TYR A 1 53  ? -11.307 2.758   0.667   1.00 17.84 ? 56  TYR A CA  1 
ATOM   413  C C   . TYR A 1 53  ? -12.809 2.911   0.885   1.00 21.20 ? 56  TYR A C   1 
ATOM   414  O O   . TYR A 1 53  ? -13.247 3.391   1.933   1.00 26.29 ? 56  TYR A O   1 
ATOM   415  C CB  . TYR A 1 53  ? -10.600 2.300   1.956   1.00 13.44 ? 56  TYR A CB  1 
ATOM   416  C CG  . TYR A 1 53  ? -9.208  1.729   1.714   1.00 13.49 ? 56  TYR A CG  1 
ATOM   417  C CD1 . TYR A 1 53  ? -8.959  0.362   1.869   1.00 6.35  ? 56  TYR A CD1 1 
ATOM   418  C CD2 . TYR A 1 53  ? -8.162  2.537   1.252   1.00 8.73  ? 56  TYR A CD2 1 
ATOM   419  C CE1 . TYR A 1 53  ? -7.709  -0.192  1.563   1.00 10.02 ? 56  TYR A CE1 1 
ATOM   420  C CE2 . TYR A 1 53  ? -6.905  1.990   0.942   1.00 17.12 ? 56  TYR A CE2 1 
ATOM   421  C CZ  . TYR A 1 53  ? -6.687  0.622   1.102   1.00 8.71  ? 56  TYR A CZ  1 
ATOM   422  O OH  . TYR A 1 53  ? -5.455  0.067   0.816   1.00 9.33  ? 56  TYR A OH  1 
ATOM   423  N N   . GLU A 1 54  ? -13.591 2.513   -0.116  1.00 20.93 ? 57  GLU A N   1 
ATOM   424  C CA  . GLU A 1 54  ? -15.044 2.600   -0.035  1.00 21.29 ? 57  GLU A CA  1 
ATOM   425  C C   . GLU A 1 54  ? -15.675 1.283   0.414   1.00 24.51 ? 57  GLU A C   1 
ATOM   426  O O   . GLU A 1 54  ? -15.657 0.293   -0.319  1.00 22.66 ? 57  GLU A O   1 
ATOM   427  C CB  . GLU A 1 54  ? -15.636 2.983   -1.387  1.00 27.53 ? 57  GLU A CB  1 
ATOM   428  C CG  . GLU A 1 54  ? -17.154 3.059   -1.350  1.00 44.02 ? 57  GLU A CG  1 
ATOM   429  C CD  . GLU A 1 54  ? -17.764 3.461   -2.671  1.00 49.30 ? 57  GLU A CD  1 
ATOM   430  O OE1 . GLU A 1 54  ? -18.997 3.669   -2.705  1.00 55.56 ? 57  GLU A OE1 1 
ATOM   431  O OE2 . GLU A 1 54  ? -17.016 3.569   -3.671  1.00 51.66 ? 57  GLU A OE2 1 
ATOM   432  N N   . GLU A 1 55  ? -16.253 1.291   1.610   1.00 26.26 ? 58  GLU A N   1 
ATOM   433  C CA  . GLU A 1 55  ? -16.894 0.113   2.190   1.00 24.86 ? 58  GLU A CA  1 
ATOM   434  C C   . GLU A 1 55  ? -18.185 -0.285  1.475   1.00 23.03 ? 58  GLU A C   1 
ATOM   435  O O   . GLU A 1 55  ? -19.204 0.372   1.643   1.00 27.84 ? 58  GLU A O   1 
ATOM   436  C CB  . GLU A 1 55  ? -17.217 0.385   3.656   1.00 26.71 ? 58  GLU A CB  1 
ATOM   437  C CG  . GLU A 1 55  ? -16.411 -0.413  4.638   1.00 29.94 ? 58  GLU A CG  1 
ATOM   438  C CD  . GLU A 1 55  ? -16.759 -1.872  4.597   1.00 29.92 ? 58  GLU A CD  1 
ATOM   439  O OE1 . GLU A 1 55  ? -16.559 -2.505  3.545   1.00 42.97 ? 58  GLU A OE1 1 
ATOM   440  O OE2 . GLU A 1 55  ? -17.234 -2.396  5.617   1.00 46.10 ? 58  GLU A OE2 1 
ATOM   441  N N   . LYS A 1 56  ? -18.157 -1.364  0.700   1.00 25.44 ? 59  LYS A N   1 
ATOM   442  C CA  . LYS A 1 56  ? -19.367 -1.793  -0.001  1.00 38.68 ? 59  LYS A CA  1 
ATOM   443  C C   . LYS A 1 56  ? -20.393 -2.446  0.932   1.00 43.22 ? 59  LYS A C   1 
ATOM   444  O O   . LYS A 1 56  ? -20.221 -2.459  2.151   1.00 45.89 ? 59  LYS A O   1 
ATOM   445  C CB  . LYS A 1 56  ? -19.027 -2.754  -1.152  1.00 41.32 ? 59  LYS A CB  1 
ATOM   446  C CG  . LYS A 1 56  ? -18.139 -2.157  -2.248  1.00 44.75 ? 59  LYS A CG  1 
ATOM   447  C CD  . LYS A 1 56  ? -18.514 -0.707  -2.600  1.00 50.56 ? 59  LYS A CD  1 
ATOM   448  C CE  . LYS A 1 56  ? -19.900 -0.574  -3.223  1.00 42.54 ? 59  LYS A CE  1 
ATOM   449  N NZ  . LYS A 1 56  ? -20.213 0.843   -3.562  1.00 39.30 ? 59  LYS A NZ  1 
ATOM   450  N N   . GLU A 1 57  ? -21.461 -2.985  0.352   1.00 46.25 ? 60  GLU A N   1 
ATOM   451  C CA  . GLU A 1 57  ? -22.523 -3.626  1.124   1.00 46.46 ? 60  GLU A CA  1 
ATOM   452  C C   . GLU A 1 57  ? -22.061 -4.938  1.735   1.00 40.88 ? 60  GLU A C   1 
ATOM   453  O O   . GLU A 1 57  ? -22.177 -5.139  2.940   1.00 41.32 ? 60  GLU A O   1 
ATOM   454  C CB  . GLU A 1 57  ? -23.756 -3.885  0.244   1.00 56.07 ? 60  GLU A CB  1 
ATOM   455  C CG  . GLU A 1 57  ? -23.565 -4.957  -0.824  1.00 68.20 ? 60  GLU A CG  1 
ATOM   456  C CD  . GLU A 1 57  ? -22.550 -4.563  -1.881  1.00 73.09 ? 60  GLU A CD  1 
ATOM   457  O OE1 . GLU A 1 57  ? -22.020 -5.463  -2.568  1.00 71.70 ? 60  GLU A OE1 1 
ATOM   458  O OE2 . GLU A 1 57  ? -22.295 -3.351  -2.034  1.00 76.08 ? 60  GLU A OE2 1 
ATOM   459  N N   . ASP A 1 58  ? -21.541 -5.827  0.895   1.00 35.97 ? 61  ASP A N   1 
ATOM   460  C CA  . ASP A 1 58  ? -21.057 -7.119  1.355   1.00 36.94 ? 61  ASP A CA  1 
ATOM   461  C C   . ASP A 1 58  ? -19.677 -7.025  1.992   1.00 36.34 ? 61  ASP A C   1 
ATOM   462  O O   . ASP A 1 58  ? -18.850 -7.929  1.847   1.00 37.65 ? 61  ASP A O   1 
ATOM   463  C CB  . ASP A 1 58  ? -21.048 -8.129  0.203   1.00 36.75 ? 61  ASP A CB  1 
ATOM   464  C CG  . ASP A 1 58  ? -20.435 -7.575  -1.062  1.00 36.53 ? 61  ASP A CG  1 
ATOM   465  O OD1 . ASP A 1 58  ? -20.567 -8.247  -2.110  1.00 40.56 ? 61  ASP A OD1 1 
ATOM   466  O OD2 . ASP A 1 58  ? -19.828 -6.484  -1.014  1.00 33.42 ? 61  ASP A OD2 1 
ATOM   467  N N   . ALA A 1 59  ? -19.446 -5.914  2.689   1.00 25.22 ? 62  ALA A N   1 
ATOM   468  C CA  . ALA A 1 59  ? -18.204 -5.659  3.403   1.00 29.79 ? 62  ALA A CA  1 
ATOM   469  C C   . ALA A 1 59  ? -16.907 -5.589  2.583   1.00 32.55 ? 62  ALA A C   1 
ATOM   470  O O   . ALA A 1 59  ? -15.827 -5.434  3.152   1.00 25.97 ? 62  ALA A O   1 
ATOM   471  C CB  . ALA A 1 59  ? -18.055 -6.679  4.526   1.00 31.41 ? 62  ALA A CB  1 
ATOM   472  N N   . SER A 1 60  ? -17.002 -5.696  1.261   1.00 34.13 ? 63  SER A N   1 
ATOM   473  C CA  . SER A 1 60  ? -15.808 -5.624  0.418   1.00 30.96 ? 63  SER A CA  1 
ATOM   474  C C   . SER A 1 60  ? -15.387 -4.162  0.296   1.00 24.23 ? 63  SER A C   1 
ATOM   475  O O   . SER A 1 60  ? -16.111 -3.270  0.723   1.00 23.03 ? 63  SER A O   1 
ATOM   476  C CB  . SER A 1 60  ? -16.115 -6.173  -0.968  1.00 32.28 ? 63  SER A CB  1 
ATOM   477  O OG  . SER A 1 60  ? -17.116 -5.385  -1.590  1.00 45.13 ? 63  SER A OG  1 
ATOM   478  N N   . TYR A 1 61  ? -14.219 -3.912  -0.283  1.00 18.91 ? 64  TYR A N   1 
ATOM   479  C CA  . TYR A 1 61  ? -13.755 -2.541  -0.457  1.00 11.84 ? 64  TYR A CA  1 
ATOM   480  C C   . TYR A 1 61  ? -13.618 -2.189  -1.925  1.00 11.17 ? 64  TYR A C   1 
ATOM   481  O O   . TYR A 1 61  ? -12.981 -2.913  -2.699  1.00 19.93 ? 64  TYR A O   1 
ATOM   482  C CB  . TYR A 1 61  ? -12.363 -2.319  0.143   1.00 11.08 ? 64  TYR A CB  1 
ATOM   483  C CG  . TYR A 1 61  ? -12.342 -1.958  1.625   1.00 8.17  ? 64  TYR A CG  1 
ATOM   484  C CD1 . TYR A 1 61  ? -11.610 -2.748  2.518   1.00 9.77  ? 64  TYR A CD1 1 
ATOM   485  C CD2 . TYR A 1 61  ? -13.035 -0.837  2.087   1.00 7.36  ? 64  TYR A CD2 1 
ATOM   486  C CE1 . TYR A 1 61  ? -11.574 -2.416  3.875   1.00 12.71 ? 64  TYR A CE1 1 
ATOM   487  C CE2 . TYR A 1 61  ? -12.999 -0.505  3.445   1.00 12.08 ? 64  TYR A CE2 1 
ATOM   488  C CZ  . TYR A 1 61  ? -12.268 -1.295  4.338   1.00 5.99  ? 64  TYR A CZ  1 
ATOM   489  O OH  . TYR A 1 61  ? -12.230 -0.971  5.658   1.00 17.44 ? 64  TYR A OH  1 
ATOM   490  N N   . ASN A 1 62  ? -14.234 -1.089  -2.272  1.00 13.98 ? 65  ASN A N   1 
ATOM   491  C CA  . ASN A 1 62  ? -14.082 -0.520  -3.603  1.00 10.51 ? 65  ASN A CA  1 
ATOM   492  C C   . ASN A 1 62  ? -12.932 0.463   -3.478  1.00 13.42 ? 65  ASN A C   1 
ATOM   493  O O   . ASN A 1 62  ? -13.123 1.611   -3.059  1.00 16.73 ? 65  ASN A O   1 
ATOM   494  C CB  . ASN A 1 62  ? -15.372 0.181   -4.035  1.00 10.64 ? 65  ASN A CB  1 
ATOM   495  C CG  . ASN A 1 62  ? -15.256 0.841   -5.412  1.00 18.72 ? 65  ASN A CG  1 
ATOM   496  O OD1 . ASN A 1 62  ? -14.567 0.320   -6.289  1.00 20.48 ? 65  ASN A OD1 1 
ATOM   497  N ND2 . ASN A 1 62  ? -15.896 1.970   -5.657  1.00 15.78 ? 65  ASN A ND2 1 
ATOM   498  N N   . VAL A 1 63  ? -11.749 -0.017  -3.812  1.00 9.90  ? 66  VAL A N   1 
ATOM   499  C CA  . VAL A 1 63  ? -10.525 0.780   -3.658  1.00 8.36  ? 66  VAL A CA  1 
ATOM   500  C C   . VAL A 1 63  ? -10.171 1.589   -4.903  1.00 7.06  ? 66  VAL A C   1 
ATOM   501  O O   . VAL A 1 63  ? -9.889  1.037   -5.957  1.00 6.87  ? 66  VAL A O   1 
ATOM   502  C CB  . VAL A 1 63  ? -9.320  -0.098  -3.353  1.00 4.16  ? 66  VAL A CB  1 
ATOM   503  C CG1 . VAL A 1 63  ? -8.130  0.712   -2.830  1.00 2.00  ? 66  VAL A CG1 1 
ATOM   504  C CG2 . VAL A 1 63  ? -9.612  -1.158  -2.294  1.00 4.21  ? 66  VAL A CG2 1 
ATOM   505  N N   . THR A 1 64  ? -10.160 2.907   -4.773  1.00 13.13 ? 67  THR A N   1 
ATOM   506  C CA  . THR A 1 64  ? -9.835  3.755   -5.907  1.00 9.04  ? 67  THR A CA  1 
ATOM   507  C C   . THR A 1 64  ? -8.585  4.565   -5.611  1.00 14.72 ? 67  THR A C   1 
ATOM   508  O O   . THR A 1 64  ? -8.477  5.187   -4.556  1.00 15.12 ? 67  THR A O   1 
ATOM   509  C CB  . THR A 1 64  ? -10.973 4.764   -6.218  1.00 13.54 ? 67  THR A CB  1 
ATOM   510  O OG1 . THR A 1 64  ? -12.253 4.156   -5.996  1.00 15.50 ? 67  THR A OG1 1 
ATOM   511  C CG2 . THR A 1 64  ? -10.882 5.220   -7.657  1.00 10.83 ? 67  THR A CG2 1 
ATOM   512  N N   . SER A 1 65  ? -7.639  4.555   -6.538  1.00 16.90 ? 68  SER A N   1 
ATOM   513  C CA  . SER A 1 65  ? -6.421  5.336   -6.367  1.00 22.40 ? 68  SER A CA  1 
ATOM   514  C C   . SER A 1 65  ? -6.381  6.448   -7.405  1.00 13.61 ? 68  SER A C   1 
ATOM   515  O O   . SER A 1 65  ? -6.744  6.247   -8.559  1.00 16.58 ? 68  SER A O   1 
ATOM   516  C CB  . SER A 1 65  ? -5.175  4.463   -6.518  1.00 15.84 ? 68  SER A CB  1 
ATOM   517  O OG  . SER A 1 65  ? -5.109  3.519   -5.474  1.00 23.06 ? 68  SER A OG  1 
ATOM   518  N N   . VAL A 1 66  ? -5.945  7.625   -6.978  1.00 14.03 ? 69  VAL A N   1 
ATOM   519  C CA  . VAL A 1 66  ? -5.837  8.763   -7.872  1.00 14.45 ? 69  VAL A CA  1 
ATOM   520  C C   . VAL A 1 66  ? -4.369  9.173   -7.914  1.00 20.70 ? 69  VAL A C   1 
ATOM   521  O O   . VAL A 1 66  ? -3.852  9.749   -6.954  1.00 17.86 ? 69  VAL A O   1 
ATOM   522  C CB  . VAL A 1 66  ? -6.688  9.924   -7.371  1.00 10.89 ? 69  VAL A CB  1 
ATOM   523  C CG1 . VAL A 1 66  ? -6.951  10.904  -8.498  1.00 7.13  ? 69  VAL A CG1 1 
ATOM   524  C CG2 . VAL A 1 66  ? -7.986  9.386   -6.814  1.00 17.54 ? 69  VAL A CG2 1 
ATOM   525  N N   . LEU A 1 67  ? -3.702  8.844   -9.022  1.00 20.27 ? 70  LEU A N   1 
ATOM   526  C CA  . LEU A 1 67  ? -2.283  9.141   -9.216  1.00 20.44 ? 70  LEU A CA  1 
ATOM   527  C C   . LEU A 1 67  ? -2.119  10.303  -10.201 1.00 21.14 ? 70  LEU A C   1 
ATOM   528  O O   . LEU A 1 67  ? -3.064  10.671  -10.889 1.00 26.39 ? 70  LEU A O   1 
ATOM   529  C CB  . LEU A 1 67  ? -1.560  7.921   -9.809  1.00 17.27 ? 70  LEU A CB  1 
ATOM   530  C CG  . LEU A 1 67  ? -1.470  6.516   -9.192  1.00 24.29 ? 70  LEU A CG  1 
ATOM   531  C CD1 . LEU A 1 67  ? -0.483  6.531   -8.056  1.00 22.34 ? 70  LEU A CD1 1 
ATOM   532  C CD2 . LEU A 1 67  ? -2.839  6.017   -8.735  1.00 18.05 ? 70  LEU A CD2 1 
ATOM   533  N N   . PHE A 1 68  ? -0.919  10.870  -10.270 1.00 17.08 ? 71  PHE A N   1 
ATOM   534  C CA  . PHE A 1 68  ? -0.630  11.945  -11.221 1.00 26.34 ? 71  PHE A CA  1 
ATOM   535  C C   . PHE A 1 68  ? 0.502   11.445  -12.119 1.00 19.93 ? 71  PHE A C   1 
ATOM   536  O O   . PHE A 1 68  ? 1.635   11.896  -12.017 1.00 22.31 ? 71  PHE A O   1 
ATOM   537  C CB  . PHE A 1 68  ? -0.188  13.234  -10.508 1.00 27.95 ? 71  PHE A CB  1 
ATOM   538  C CG  . PHE A 1 68  ? -0.039  14.432  -11.430 1.00 21.89 ? 71  PHE A CG  1 
ATOM   539  C CD1 . PHE A 1 68  ? 0.463   15.635  -10.953 1.00 25.83 ? 71  PHE A CD1 1 
ATOM   540  C CD2 . PHE A 1 68  ? -0.415  14.361  -12.767 1.00 28.16 ? 71  PHE A CD2 1 
ATOM   541  C CE1 . PHE A 1 68  ? 0.585   16.750  -11.789 1.00 18.79 ? 71  PHE A CE1 1 
ATOM   542  C CE2 . PHE A 1 68  ? -0.296  15.474  -13.612 1.00 26.43 ? 71  PHE A CE2 1 
ATOM   543  C CZ  . PHE A 1 68  ? 0.205   16.666  -13.121 1.00 14.58 ? 71  PHE A CZ  1 
ATOM   544  N N   . ARG A 1 69  ? 0.188   10.499  -12.993 1.00 28.04 ? 72  ARG A N   1 
ATOM   545  C CA  . ARG A 1 69  ? 1.188   9.931   -13.884 1.00 30.11 ? 72  ARG A CA  1 
ATOM   546  C C   . ARG A 1 69  ? 1.277   10.656  -15.216 1.00 27.86 ? 72  ARG A C   1 
ATOM   547  O O   . ARG A 1 69  ? 0.307   10.734  -15.974 1.00 25.96 ? 72  ARG A O   1 
ATOM   548  C CB  . ARG A 1 69  ? 0.910   8.440   -14.118 1.00 21.71 ? 72  ARG A CB  1 
ATOM   549  N N   . LYS A 1 70  ? 2.461   11.188  -15.481 1.00 32.33 ? 73  LYS A N   1 
ATOM   550  C CA  . LYS A 1 70  ? 2.762   11.899  -16.713 1.00 40.21 ? 73  LYS A CA  1 
ATOM   551  C C   . LYS A 1 70  ? 1.657   12.807  -17.240 1.00 43.57 ? 73  LYS A C   1 
ATOM   552  O O   . LYS A 1 70  ? 0.825   12.385  -18.044 1.00 54.64 ? 73  LYS A O   1 
ATOM   553  C CB  . LYS A 1 70  ? 3.169   10.890  -17.800 1.00 40.22 ? 73  LYS A CB  1 
ATOM   554  N N   . LYS A 1 71  ? 1.644   14.051  -16.778 1.00 36.68 ? 74  LYS A N   1 
ATOM   555  C CA  . LYS A 1 71  ? 0.665   15.021  -17.257 1.00 32.73 ? 74  LYS A CA  1 
ATOM   556  C C   . LYS A 1 71  ? -0.810  14.785  -16.931 1.00 31.15 ? 74  LYS A C   1 
ATOM   557  O O   . LYS A 1 71  ? -1.593  15.732  -16.970 1.00 28.29 ? 74  LYS A O   1 
ATOM   558  C CB  . LYS A 1 71  ? 0.822   15.181  -18.769 1.00 35.87 ? 74  LYS A CB  1 
ATOM   559  N N   . LYS A 1 72  ? -1.211  13.555  -16.616 1.00 28.75 ? 75  LYS A N   1 
ATOM   560  C CA  . LYS A 1 72  ? -2.631  13.302  -16.332 1.00 25.61 ? 75  LYS A CA  1 
ATOM   561  C C   . LYS A 1 72  ? -2.951  12.560  -15.039 1.00 19.97 ? 75  LYS A C   1 
ATOM   562  O O   . LYS A 1 72  ? -2.095  11.900  -14.443 1.00 11.05 ? 75  LYS A O   1 
ATOM   563  C CB  . LYS A 1 72  ? -3.271  12.531  -17.493 1.00 25.18 ? 75  LYS A CB  1 
ATOM   564  C CG  . LYS A 1 72  ? -3.169  13.206  -18.849 1.00 39.80 ? 75  LYS A CG  1 
ATOM   565  C CD  . LYS A 1 72  ? -3.803  12.338  -19.933 1.00 41.33 ? 75  LYS A CD  1 
ATOM   566  C CE  . LYS A 1 72  ? -3.634  12.951  -21.313 1.00 38.05 ? 75  LYS A CE  1 
ATOM   567  N NZ  . LYS A 1 72  ? -4.216  12.098  -22.380 1.00 40.94 ? 75  LYS A NZ  1 
ATOM   568  N N   . CYS A 1 73  ? -4.205  12.672  -14.614 1.00 20.70 ? 76  CYS A N   1 
ATOM   569  C CA  . CYS A 1 73  ? -4.657  11.988  -13.414 1.00 25.19 ? 76  CYS A CA  1 
ATOM   570  C C   . CYS A 1 73  ? -5.039  10.568  -13.815 1.00 25.89 ? 76  CYS A C   1 
ATOM   571  O O   . CYS A 1 73  ? -5.883  10.386  -14.692 1.00 24.15 ? 76  CYS A O   1 
ATOM   572  C CB  . CYS A 1 73  ? -5.894  12.664  -12.810 1.00 23.35 ? 76  CYS A CB  1 
ATOM   573  S SG  . CYS A 1 73  ? -5.799  14.459  -12.506 1.00 34.22 ? 76  CYS A SG  1 
ATOM   574  N N   . ASP A 1 74  ? -4.407  9.573   -13.192 1.00 18.95 ? 77  ASP A N   1 
ATOM   575  C CA  . ASP A 1 74  ? -4.712  8.166   -13.457 1.00 21.69 ? 77  ASP A CA  1 
ATOM   576  C C   . ASP A 1 74  ? -5.614  7.671   -12.336 1.00 20.80 ? 77  ASP A C   1 
ATOM   577  O O   . ASP A 1 74  ? -5.504  8.134   -11.203 1.00 27.18 ? 77  ASP A O   1 
ATOM   578  C CB  . ASP A 1 74  ? -3.438  7.316   -13.463 1.00 31.22 ? 77  ASP A CB  1 
ATOM   579  C CG  . ASP A 1 74  ? -2.715  7.343   -14.792 1.00 42.78 ? 77  ASP A CG  1 
ATOM   580  O OD1 . ASP A 1 74  ? -2.331  8.439   -15.248 1.00 47.61 ? 77  ASP A OD1 1 
ATOM   581  O OD2 . ASP A 1 74  ? -2.525  6.254   -15.377 1.00 51.74 ? 77  ASP A OD2 1 
ATOM   582  N N   . TYR A 1 75  ? -6.497  6.727   -12.647 1.00 18.93 ? 78  TYR A N   1 
ATOM   583  C CA  . TYR A 1 75  ? -7.406  6.165   -11.647 1.00 21.99 ? 78  TYR A CA  1 
ATOM   584  C C   . TYR A 1 75  ? -7.364  4.639   -11.681 1.00 21.25 ? 78  TYR A C   1 
ATOM   585  O O   . TYR A 1 75  ? -7.578  4.031   -12.727 1.00 25.06 ? 78  TYR A O   1 
ATOM   586  C CB  . TYR A 1 75  ? -8.840  6.633   -11.902 1.00 17.37 ? 78  TYR A CB  1 
ATOM   587  C CG  . TYR A 1 75  ? -8.996  8.130   -11.936 1.00 21.21 ? 78  TYR A CG  1 
ATOM   588  C CD1 . TYR A 1 75  ? -8.763  8.849   -13.105 1.00 22.27 ? 78  TYR A CD1 1 
ATOM   589  C CD2 . TYR A 1 75  ? -9.349  8.835   -10.789 1.00 27.04 ? 78  TYR A CD2 1 
ATOM   590  C CE1 . TYR A 1 75  ? -8.874  10.227  -13.129 1.00 30.40 ? 78  TYR A CE1 1 
ATOM   591  C CE2 . TYR A 1 75  ? -9.463  10.215  -10.803 1.00 28.21 ? 78  TYR A CE2 1 
ATOM   592  C CZ  . TYR A 1 75  ? -9.224  10.904  -11.975 1.00 30.76 ? 78  TYR A CZ  1 
ATOM   593  O OH  . TYR A 1 75  ? -9.320  12.275  -11.992 1.00 47.37 ? 78  TYR A OH  1 
ATOM   594  N N   . ALA A 1 76  ? -7.078  4.026   -10.539 1.00 16.99 ? 79  ALA A N   1 
ATOM   595  C CA  . ALA A 1 76  ? -7.019  2.573   -10.451 1.00 16.55 ? 79  ALA A CA  1 
ATOM   596  C C   . ALA A 1 76  ? -8.101  2.134   -9.492  1.00 20.03 ? 79  ALA A C   1 
ATOM   597  O O   . ALA A 1 76  ? -8.080  2.491   -8.317  1.00 23.94 ? 79  ALA A O   1 
ATOM   598  C CB  . ALA A 1 76  ? -5.668  2.125   -9.944  1.00 17.93 ? 79  ALA A CB  1 
ATOM   599  N N   . ILE A 1 77  ? -9.054  1.366   -10.008 1.00 19.21 ? 80  ILE A N   1 
ATOM   600  C CA  . ILE A 1 77  ? -10.164 0.875   -9.218  1.00 18.49 ? 80  ILE A CA  1 
ATOM   601  C C   . ILE A 1 77  ? -10.059 -0.635  -9.121  1.00 20.14 ? 80  ILE A C   1 
ATOM   602  O O   . ILE A 1 77  ? -9.801  -1.316  -10.107 1.00 15.53 ? 80  ILE A O   1 
ATOM   603  C CB  . ILE A 1 77  ? -11.522 1.240   -9.863  1.00 19.67 ? 80  ILE A CB  1 
ATOM   604  C CG1 . ILE A 1 77  ? -11.614 2.759   -10.072 1.00 19.79 ? 80  ILE A CG1 1 
ATOM   605  C CG2 . ILE A 1 77  ? -12.665 0.766   -8.967  1.00 17.29 ? 80  ILE A CG2 1 
ATOM   606  C CD1 . ILE A 1 77  ? -12.876 3.207   -10.808 1.00 23.08 ? 80  ILE A CD1 1 
ATOM   607  N N   . ARG A 1 78  ? -10.271 -1.154  -7.923  1.00 20.62 ? 81  ARG A N   1 
ATOM   608  C CA  . ARG A 1 78  ? -10.183 -2.583  -7.692  1.00 20.33 ? 81  ARG A CA  1 
ATOM   609  C C   . ARG A 1 78  ? -10.880 -2.840  -6.372  1.00 22.57 ? 81  ARG A C   1 
ATOM   610  O O   . ARG A 1 78  ? -10.971 -1.943  -5.535  1.00 21.21 ? 81  ARG A O   1 
ATOM   611  C CB  . ARG A 1 78  ? -8.711  -2.983  -7.620  1.00 23.67 ? 81  ARG A CB  1 
ATOM   612  C CG  . ARG A 1 78  ? -7.913  -2.063  -6.712  1.00 21.34 ? 81  ARG A CG  1 
ATOM   613  C CD  . ARG A 1 78  ? -6.410  -2.225  -6.880  1.00 33.97 ? 81  ARG A CD  1 
ATOM   614  N NE  . ARG A 1 78  ? -5.674  -1.389  -5.933  1.00 35.47 ? 81  ARG A NE  1 
ATOM   615  C CZ  . ARG A 1 78  ? -5.843  -0.075  -5.808  1.00 36.64 ? 81  ARG A CZ  1 
ATOM   616  N NH1 . ARG A 1 78  ? -6.720  0.562   -6.569  1.00 47.51 ? 81  ARG A NH1 1 
ATOM   617  N NH2 . ARG A 1 78  ? -5.139  0.608   -4.919  1.00 41.76 ? 81  ARG A NH2 1 
ATOM   618  N N   . THR A 1 79  ? -11.380 -4.055  -6.187  1.00 19.09 ? 82  THR A N   1 
ATOM   619  C CA  . THR A 1 79  ? -12.075 -4.383  -4.959  1.00 9.43  ? 82  THR A CA  1 
ATOM   620  C C   . THR A 1 79  ? -11.240 -5.337  -4.113  1.00 15.00 ? 82  THR A C   1 
ATOM   621  O O   . THR A 1 79  ? -10.570 -6.234  -4.636  1.00 12.48 ? 82  THR A O   1 
ATOM   622  C CB  . THR A 1 79  ? -13.434 -5.032  -5.248  1.00 18.71 ? 82  THR A CB  1 
ATOM   623  O OG1 . THR A 1 79  ? -13.264 -6.435  -5.468  1.00 30.25 ? 82  THR A OG1 1 
ATOM   624  C CG2 . THR A 1 79  ? -14.044 -4.431  -6.489  1.00 18.94 ? 82  THR A CG2 1 
ATOM   625  N N   . PHE A 1 80  ? -11.270 -5.121  -2.804  1.00 9.11  ? 83  PHE A N   1 
ATOM   626  C CA  . PHE A 1 80  ? -10.540 -5.956  -1.860  1.00 12.13 ? 83  PHE A CA  1 
ATOM   627  C C   . PHE A 1 80  ? -11.567 -6.786  -1.095  1.00 16.99 ? 83  PHE A C   1 
ATOM   628  O O   . PHE A 1 80  ? -12.389 -6.240  -0.351  1.00 17.09 ? 83  PHE A O   1 
ATOM   629  C CB  . PHE A 1 80  ? -9.738  -5.081  -0.880  1.00 11.96 ? 83  PHE A CB  1 
ATOM   630  C CG  . PHE A 1 80  ? -8.523  -4.427  -1.488  1.00 7.01  ? 83  PHE A CG  1 
ATOM   631  C CD1 . PHE A 1 80  ? -7.859  -3.416  -0.812  1.00 9.35  ? 83  PHE A CD1 1 
ATOM   632  C CD2 . PHE A 1 80  ? -8.031  -4.842  -2.728  1.00 2.00  ? 83  PHE A CD2 1 
ATOM   633  C CE1 . PHE A 1 80  ? -6.717  -2.825  -1.364  1.00 4.10  ? 83  PHE A CE1 1 
ATOM   634  C CE2 . PHE A 1 80  ? -6.901  -4.260  -3.276  1.00 2.00  ? 83  PHE A CE2 1 
ATOM   635  C CZ  . PHE A 1 80  ? -6.244  -3.254  -2.598  1.00 2.00  ? 83  PHE A CZ  1 
ATOM   636  N N   . VAL A 1 81  ? -11.538 -8.099  -1.291  1.00 19.43 ? 84  VAL A N   1 
ATOM   637  C CA  . VAL A 1 81  ? -12.475 -8.974  -0.603  1.00 17.75 ? 84  VAL A CA  1 
ATOM   638  C C   . VAL A 1 81  ? -11.812 -9.511  0.659   1.00 23.17 ? 84  VAL A C   1 
ATOM   639  O O   . VAL A 1 81  ? -10.640 -9.898  0.645   1.00 23.94 ? 84  VAL A O   1 
ATOM   640  C CB  . VAL A 1 81  ? -12.928 -10.147 -1.512  1.00 19.87 ? 84  VAL A CB  1 
ATOM   641  C CG1 . VAL A 1 81  ? -11.724 -10.810 -2.139  1.00 19.98 ? 84  VAL A CG1 1 
ATOM   642  C CG2 . VAL A 1 81  ? -13.721 -11.158 -0.713  1.00 10.33 ? 84  VAL A CG2 1 
ATOM   643  N N   . PRO A 1 82  ? -12.553 -9.522  1.776   1.00 22.53 ? 85  PRO A N   1 
ATOM   644  C CA  . PRO A 1 82  ? -12.048 -10.006 3.063   1.00 19.34 ? 85  PRO A CA  1 
ATOM   645  C C   . PRO A 1 82  ? -11.316 -11.347 3.016   1.00 17.38 ? 85  PRO A C   1 
ATOM   646  O O   . PRO A 1 82  ? -11.641 -12.236 2.226   1.00 19.87 ? 85  PRO A O   1 
ATOM   647  C CB  . PRO A 1 82  ? -13.305 -10.054 3.918   1.00 14.70 ? 85  PRO A CB  1 
ATOM   648  C CG  . PRO A 1 82  ? -14.074 -8.866  3.410   1.00 18.27 ? 85  PRO A CG  1 
ATOM   649  C CD  . PRO A 1 82  ? -13.933 -9.015  1.910   1.00 17.11 ? 85  PRO A CD  1 
ATOM   650  N N   . GLY A 1 83  ? -10.312 -11.473 3.872   1.00 10.33 ? 86  GLY A N   1 
ATOM   651  C CA  . GLY A 1 83  ? -9.543  -12.695 3.931   1.00 14.74 ? 86  GLY A CA  1 
ATOM   652  C C   . GLY A 1 83  ? -9.937  -13.526 5.130   1.00 11.04 ? 86  GLY A C   1 
ATOM   653  O O   . GLY A 1 83  ? -11.063 -13.449 5.605   1.00 19.53 ? 86  GLY A O   1 
ATOM   654  N N   . CYS A 1 84  ? -8.998  -14.317 5.627   1.00 16.22 ? 87  CYS A N   1 
ATOM   655  C CA  . CYS A 1 84  ? -9.240  -15.186 6.771   1.00 15.12 ? 87  CYS A CA  1 
ATOM   656  C C   . CYS A 1 84  ? -9.333  -14.424 8.070   1.00 16.08 ? 87  CYS A C   1 
ATOM   657  O O   . CYS A 1 84  ? -9.938  -14.898 9.023   1.00 25.84 ? 87  CYS A O   1 
ATOM   658  C CB  . CYS A 1 84  ? -8.116  -16.203 6.916   1.00 16.35 ? 87  CYS A CB  1 
ATOM   659  S SG  . CYS A 1 84  ? -7.824  -17.191 5.460   1.00 19.07 ? 87  CYS A SG  1 
ATOM   660  N N   . GLN A 1 85  ? -8.725  -13.247 8.111   1.00 20.29 ? 88  GLN A N   1 
ATOM   661  C CA  . GLN A 1 85  ? -8.710  -12.454 9.332   1.00 20.30 ? 88  GLN A CA  1 
ATOM   662  C C   . GLN A 1 85  ? -9.029  -10.979 9.146   1.00 24.37 ? 88  GLN A C   1 
ATOM   663  O O   . GLN A 1 85  ? -8.536  -10.339 8.214   1.00 25.92 ? 88  GLN A O   1 
ATOM   664  C CB  . GLN A 1 85  ? -7.338  -12.582 9.993   1.00 25.28 ? 88  GLN A CB  1 
ATOM   665  C CG  . GLN A 1 85  ? -7.207  -13.743 10.955  1.00 37.21 ? 88  GLN A CG  1 
ATOM   666  C CD  . GLN A 1 85  ? -8.164  -13.610 12.117  1.00 45.05 ? 88  GLN A CD  1 
ATOM   667  O OE1 . GLN A 1 85  ? -9.261  -14.169 12.099  1.00 56.31 ? 88  GLN A OE1 1 
ATOM   668  N NE2 . GLN A 1 85  ? -7.764  -12.846 13.130  1.00 47.34 ? 88  GLN A NE2 1 
ATOM   669  N N   . PRO A 1 86  ? -9.858  -10.411 10.043  1.00 28.57 ? 89  PRO A N   1 
ATOM   670  C CA  . PRO A 1 86  ? -10.207 -8.990  9.938   1.00 22.80 ? 89  PRO A CA  1 
ATOM   671  C C   . PRO A 1 86  ? -8.942  -8.197  9.672   1.00 19.59 ? 89  PRO A C   1 
ATOM   672  O O   . PRO A 1 86  ? -7.997  -8.231  10.463  1.00 13.78 ? 89  PRO A O   1 
ATOM   673  C CB  . PRO A 1 86  ? -10.807 -8.686  11.304  1.00 21.75 ? 89  PRO A CB  1 
ATOM   674  C CG  . PRO A 1 86  ? -11.526 -9.958  11.620  1.00 21.28 ? 89  PRO A CG  1 
ATOM   675  C CD  . PRO A 1 86  ? -10.509 -11.024 11.217  1.00 24.51 ? 89  PRO A CD  1 
ATOM   676  N N   . GLY A 1 87  ? -8.921  -7.495  8.547   1.00 14.95 ? 90  GLY A N   1 
ATOM   677  C CA  . GLY A 1 87  ? -7.744  -6.724  8.196   1.00 19.22 ? 90  GLY A CA  1 
ATOM   678  C C   . GLY A 1 87  ? -6.945  -7.359  7.069   1.00 8.12  ? 90  GLY A C   1 
ATOM   679  O O   . GLY A 1 87  ? -5.896  -6.848  6.690   1.00 14.84 ? 90  GLY A O   1 
ATOM   680  N N   . GLU A 1 88  ? -7.440  -8.472  6.536   1.00 6.09  ? 91  GLU A N   1 
ATOM   681  C CA  . GLU A 1 88  ? -6.774  -9.166  5.431   1.00 15.12 ? 91  GLU A CA  1 
ATOM   682  C C   . GLU A 1 88  ? -7.719  -9.210  4.241   1.00 10.26 ? 91  GLU A C   1 
ATOM   683  O O   . GLU A 1 88  ? -8.913  -9.414  4.423   1.00 16.20 ? 91  GLU A O   1 
ATOM   684  C CB  . GLU A 1 88  ? -6.410  -10.598 5.827   1.00 14.17 ? 91  GLU A CB  1 
ATOM   685  C CG  . GLU A 1 88  ? -5.297  -10.715 6.842   1.00 19.39 ? 91  GLU A CG  1 
ATOM   686  C CD  . GLU A 1 88  ? -4.868  -12.154 7.060   1.00 28.60 ? 91  GLU A CD  1 
ATOM   687  O OE1 . GLU A 1 88  ? -4.545  -12.835 6.062   1.00 38.84 ? 91  GLU A OE1 1 
ATOM   688  O OE2 . GLU A 1 88  ? -4.850  -12.602 8.228   1.00 26.96 ? 91  GLU A OE2 1 
ATOM   689  N N   . PHE A 1 89  ? -7.189  -9.015  3.034   1.00 11.16 ? 92  PHE A N   1 
ATOM   690  C CA  . PHE A 1 89  ? -8.006  -9.031  1.815   1.00 13.41 ? 92  PHE A CA  1 
ATOM   691  C C   . PHE A 1 89  ? -7.288  -9.651  0.629   1.00 16.92 ? 92  PHE A C   1 
ATOM   692  O O   . PHE A 1 89  ? -6.063  -9.711  0.572   1.00 24.43 ? 92  PHE A O   1 
ATOM   693  C CB  . PHE A 1 89  ? -8.434  -7.608  1.393   1.00 15.99 ? 92  PHE A CB  1 
ATOM   694  C CG  . PHE A 1 89  ? -8.885  -6.738  2.532   1.00 18.15 ? 92  PHE A CG  1 
ATOM   695  C CD1 . PHE A 1 89  ? -7.956  -6.146  3.380   1.00 11.66 ? 92  PHE A CD1 1 
ATOM   696  C CD2 . PHE A 1 89  ? -10.239 -6.552  2.789   1.00 11.20 ? 92  PHE A CD2 1 
ATOM   697  C CE1 . PHE A 1 89  ? -8.368  -5.388  4.469   1.00 20.80 ? 92  PHE A CE1 1 
ATOM   698  C CE2 . PHE A 1 89  ? -10.658 -5.796  3.873   1.00 13.79 ? 92  PHE A CE2 1 
ATOM   699  C CZ  . PHE A 1 89  ? -9.719  -5.212  4.719   1.00 13.93 ? 92  PHE A CZ  1 
ATOM   700  N N   . THR A 1 90  ? -8.078  -10.106 -0.329  1.00 20.27 ? 93  THR A N   1 
ATOM   701  C CA  . THR A 1 90  ? -7.543  -10.680 -1.548  1.00 18.32 ? 93  THR A CA  1 
ATOM   702  C C   . THR A 1 90  ? -8.180  -9.839  -2.650  1.00 21.72 ? 93  THR A C   1 
ATOM   703  O O   . THR A 1 90  ? -9.179  -9.147  -2.411  1.00 20.98 ? 93  THR A O   1 
ATOM   704  C CB  . THR A 1 90  ? -7.954  -12.169 -1.720  1.00 22.12 ? 93  THR A CB  1 
ATOM   705  O OG1 . THR A 1 90  ? -9.380  -12.264 -1.738  1.00 7.64  ? 93  THR A OG1 1 
ATOM   706  C CG2 . THR A 1 90  ? -7.394  -13.039 -0.578  1.00 7.32  ? 93  THR A CG2 1 
ATOM   707  N N   . LEU A 1 91  ? -7.603  -9.902  -3.847  1.00 24.42 ? 94  LEU A N   1 
ATOM   708  C CA  . LEU A 1 91  ? -8.091  -9.144  -4.995  1.00 19.23 ? 94  LEU A CA  1 
ATOM   709  C C   . LEU A 1 91  ? -9.301  -9.806  -5.635  1.00 30.11 ? 94  LEU A C   1 
ATOM   710  O O   . LEU A 1 91  ? -9.215  -10.938 -6.110  1.00 37.27 ? 94  LEU A O   1 
ATOM   711  C CB  . LEU A 1 91  ? -6.983  -9.024  -6.031  1.00 9.74  ? 94  LEU A CB  1 
ATOM   712  C CG  . LEU A 1 91  ? -7.295  -8.116  -7.211  1.00 17.71 ? 94  LEU A CG  1 
ATOM   713  C CD1 . LEU A 1 91  ? -7.659  -6.726  -6.693  1.00 7.64  ? 94  LEU A CD1 1 
ATOM   714  C CD2 . LEU A 1 91  ? -6.090  -8.058  -8.139  1.00 11.55 ? 94  LEU A CD2 1 
ATOM   715  N N   . GLY A 1 92  ? -10.426 -9.120  -5.665  1.00 37.02 ? 95  GLY A N   1 
ATOM   716  C CA  . GLY A 1 92  ? -11.614 -9.705  -6.263  1.00 39.11 ? 95  GLY A CA  1 
ATOM   717  C C   . GLY A 1 92  ? -11.457 -9.928  -7.754  1.00 41.61 ? 95  GLY A C   1 
ATOM   718  O O   . GLY A 1 92  ? -10.556 -9.365  -8.375  1.00 34.84 ? 95  GLY A O   1 
ATOM   719  N N   . ASN A 1 93  ? -12.316 -10.761 -8.330  1.00 45.79 ? 96  ASN A N   1 
ATOM   720  C CA  . ASN A 1 93  ? -12.272 -11.020 -9.761  1.00 50.77 ? 96  ASN A CA  1 
ATOM   721  C C   . ASN A 1 93  ? -11.028 -11.736 -10.325 1.00 50.31 ? 96  ASN A C   1 
ATOM   722  O O   . ASN A 1 93  ? -11.061 -12.290 -11.429 1.00 55.50 ? 96  ASN A O   1 
ATOM   723  C CB  . ASN A 1 93  ? -12.324 -9.705  -10.536 1.00 52.34 ? 96  ASN A CB  1 
ATOM   724  C CG  . ASN A 1 93  ? -13.624 -9.541  -11.315 1.00 55.15 ? 96  ASN A CG  1 
ATOM   725  O OD1 . ASN A 1 93  ? -13.721 -8.661  -12.165 1.00 61.62 ? 96  ASN A OD1 1 
ATOM   726  N ND2 . ASN A 1 93  ? -14.636 -10.351 -11.069 1.00 62.60 ? 96  ASN A ND2 1 
ATOM   727  N N   . ILE A 1 94  ? -9.976  -11.701 -9.583  1.00 52.00 ? 97  ILE A N   1 
ATOM   728  C CA  . ILE A 1 94  ? -8.651  -12.235 -9.975  1.00 51.25 ? 97  ILE A CA  1 
ATOM   729  C C   . ILE A 1 94  ? -8.518  -12.778 -11.407 1.00 51.43 ? 97  ILE A C   1 
ATOM   730  O O   . ILE A 1 94  ? -7.510  -12.512 -12.061 1.00 50.47 ? 97  ILE A O   1 
ATOM   731  C CB  . ILE A 1 94  ? -8.207  -13.302 -8.980  1.00 48.69 ? 97  ILE A CB  1 
ATOM   732  C CG1 . ILE A 1 94  ? -6.684  -13.450 -8.924  1.00 43.18 ? 97  ILE A CG1 1 
ATOM   733  C CG2 . ILE A 1 94  ? -8.775  -14.683 -9.284  1.00 52.05 ? 97  ILE A CG2 1 
ATOM   734  C CD1 . ILE A 1 94  ? -5.953  -12.107 -8.807  1.00 34.34 ? 97  ILE A CD1 1 
ATOM   735  N N   . LYS A 1 95  ? -9.558  -13.522 -11.855 1.00 49.68 ? 98  LYS A N   1 
ATOM   736  C CA  . LYS A 1 95  ? -9.482  -14.062 -13.244 1.00 49.76 ? 98  LYS A CA  1 
ATOM   737  C C   . LYS A 1 95  ? -9.253  -12.922 -14.296 1.00 48.61 ? 98  LYS A C   1 
ATOM   738  O O   . LYS A 1 95  ? -8.579  -13.108 -15.322 1.00 49.21 ? 98  LYS A O   1 
ATOM   739  C CB  . LYS A 1 95  ? -10.770 -14.789 -13.606 1.00 44.82 ? 98  LYS A CB  1 
ATOM   740  N N   . SER A 1 96  ? -9.834  -11.746 -14.035 1.00 46.09 ? 99  SER A N   1 
ATOM   741  C CA  . SER A 1 96  ? -9.732  -10.561 -14.943 1.00 50.38 ? 99  SER A CA  1 
ATOM   742  C C   . SER A 1 96  ? -8.268  -10.179 -15.189 1.00 52.83 ? 99  SER A C   1 
ATOM   743  O O   . SER A 1 96  ? -7.966  -9.290  -15.995 1.00 50.85 ? 99  SER A O   1 
ATOM   744  C CB  . SER A 1 96  ? -10.394 -9.335  -14.310 1.00 52.59 ? 99  SER A CB  1 
ATOM   745  O OG  . SER A 1 96  ? -11.671 -9.671  -13.801 1.00 57.39 ? 99  SER A OG  1 
ATOM   746  N N   . TYR A 1 97  ? -7.411  -10.845 -14.455 1.00 55.48 ? 100 TYR A N   1 
ATOM   747  C CA  . TYR A 1 97  ? -5.955  -10.660 -14.539 1.00 60.32 ? 100 TYR A CA  1 
ATOM   748  C C   . TYR A 1 97  ? -5.339  -12.047 -14.743 1.00 61.15 ? 100 TYR A C   1 
ATOM   749  O O   . TYR A 1 97  ? -4.742  -12.606 -13.824 1.00 65.28 ? 100 TYR A O   1 
ATOM   750  C CB  . TYR A 1 97  ? -5.399  -10.064 -13.239 1.00 56.63 ? 100 TYR A CB  1 
ATOM   751  C CG  . TYR A 1 97  ? -6.263  -8.954  -12.638 1.00 55.15 ? 100 TYR A CG  1 
ATOM   752  C CD1 . TYR A 1 97  ? -5.892  -7.613  -12.805 1.00 58.32 ? 100 TYR A CD1 1 
ATOM   753  C CD2 . TYR A 1 97  ? -7.414  -9.279  -11.915 1.00 56.30 ? 100 TYR A CD2 1 
ATOM   754  C CE1 . TYR A 1 97  ? -6.677  -6.598  -12.246 1.00 57.46 ? 100 TYR A CE1 1 
ATOM   755  C CE2 . TYR A 1 97  ? -8.198  -8.264  -11.356 1.00 57.71 ? 100 TYR A CE2 1 
ATOM   756  C CZ  . TYR A 1 97  ? -7.829  -6.923  -11.521 1.00 60.76 ? 100 TYR A CZ  1 
ATOM   757  O OH  . TYR A 1 97  ? -8.591  -5.938  -10.976 1.00 58.79 ? 100 TYR A OH  1 
ATOM   758  N N   . PRO A 1 98  ? -5.480  -12.621 -15.949 1.00 62.30 ? 101 PRO A N   1 
ATOM   759  C CA  . PRO A 1 98  ? -4.935  -13.951 -16.256 1.00 62.35 ? 101 PRO A CA  1 
ATOM   760  C C   . PRO A 1 98  ? -3.472  -14.191 -15.837 1.00 60.39 ? 101 PRO A C   1 
ATOM   761  O O   . PRO A 1 98  ? -3.038  -15.340 -15.710 1.00 59.50 ? 101 PRO A O   1 
ATOM   762  C CB  . PRO A 1 98  ? -5.135  -14.057 -17.768 1.00 61.32 ? 101 PRO A CB  1 
ATOM   763  C CG  . PRO A 1 98  ? -6.402  -13.286 -17.981 1.00 58.76 ? 101 PRO A CG  1 
ATOM   764  C CD  . PRO A 1 98  ? -6.182  -12.062 -17.119 1.00 59.53 ? 101 PRO A CD  1 
ATOM   765  N N   . GLY A 1 99  ? -2.721  -13.112 -15.619 1.00 55.81 ? 102 GLY A N   1 
ATOM   766  C CA  . GLY A 1 99  ? -1.328  -13.249 -15.228 1.00 45.33 ? 102 GLY A CA  1 
ATOM   767  C C   . GLY A 1 99  ? -1.076  -13.386 -13.735 1.00 42.08 ? 102 GLY A C   1 
ATOM   768  O O   . GLY A 1 99  ? -0.017  -13.871 -13.339 1.00 40.45 ? 102 GLY A O   1 
ATOM   769  N N   . LEU A 1 100 ? -2.033  -12.959 -12.909 1.00 39.08 ? 103 LEU A N   1 
ATOM   770  C CA  . LEU A 1 100 ? -1.901  -13.030 -11.448 1.00 33.88 ? 103 LEU A CA  1 
ATOM   771  C C   . LEU A 1 100 ? -2.249  -14.393 -10.867 1.00 33.89 ? 103 LEU A C   1 
ATOM   772  O O   . LEU A 1 100 ? -3.251  -15.002 -11.241 1.00 38.67 ? 103 LEU A O   1 
ATOM   773  C CB  . LEU A 1 100 ? -2.792  -11.985 -10.763 1.00 30.42 ? 103 LEU A CB  1 
ATOM   774  C CG  . LEU A 1 100 ? -2.313  -10.544 -10.586 1.00 32.41 ? 103 LEU A CG  1 
ATOM   775  C CD1 . LEU A 1 100 ? -3.445  -9.718  -10.008 1.00 25.78 ? 103 LEU A CD1 1 
ATOM   776  C CD2 . LEU A 1 100 ? -1.115  -10.492 -9.658  1.00 28.14 ? 103 LEU A CD2 1 
ATOM   777  N N   . THR A 1 101 ? -1.429  -14.850 -9.926  1.00 24.04 ? 104 THR A N   1 
ATOM   778  C CA  . THR A 1 101 ? -1.650  -16.136 -9.279  1.00 20.48 ? 104 THR A CA  1 
ATOM   779  C C   . THR A 1 101 ? -1.974  -15.976 -7.797  1.00 19.60 ? 104 THR A C   1 
ATOM   780  O O   . THR A 1 101 ? -2.396  -16.935 -7.149  1.00 20.34 ? 104 THR A O   1 
ATOM   781  C CB  . THR A 1 101 ? -0.423  -17.055 -9.414  1.00 17.79 ? 104 THR A CB  1 
ATOM   782  O OG1 . THR A 1 101 ? 0.099   -17.349 -8.115  1.00 30.61 ? 104 THR A OG1 1 
ATOM   783  C CG2 . THR A 1 101 ? 0.651   -16.389 -10.235 1.00 15.72 ? 104 THR A CG2 1 
ATOM   784  N N   . SER A 1 102 ? -1.751  -14.782 -7.252  1.00 14.27 ? 105 SER A N   1 
ATOM   785  C CA  . SER A 1 102 ? -2.054  -14.521 -5.843  1.00 22.83 ? 105 SER A CA  1 
ATOM   786  C C   . SER A 1 102 ? -1.848  -13.055 -5.473  1.00 22.08 ? 105 SER A C   1 
ATOM   787  O O   . SER A 1 102 ? -0.940  -12.395 -5.966  1.00 32.79 ? 105 SER A O   1 
ATOM   788  C CB  . SER A 1 102 ? -1.210  -15.409 -4.915  1.00 25.93 ? 105 SER A CB  1 
ATOM   789  O OG  . SER A 1 102 ? 0.100   -14.899 -4.735  1.00 30.20 ? 105 SER A OG  1 
ATOM   790  N N   . TYR A 1 103 ? -2.700  -12.551 -4.593  1.00 21.72 ? 106 TYR A N   1 
ATOM   791  C CA  . TYR A 1 103 ? -2.601  -11.166 -4.174  1.00 24.53 ? 106 TYR A CA  1 
ATOM   792  C C   . TYR A 1 103 ? -3.229  -11.037 -2.800  1.00 21.69 ? 106 TYR A C   1 
ATOM   793  O O   . TYR A 1 103 ? -4.424  -11.269 -2.631  1.00 20.11 ? 106 TYR A O   1 
ATOM   794  C CB  . TYR A 1 103 ? -3.320  -10.267 -5.181  1.00 23.98 ? 106 TYR A CB  1 
ATOM   795  C CG  . TYR A 1 103 ? -3.151  -8.788  -4.940  1.00 29.55 ? 106 TYR A CG  1 
ATOM   796  C CD1 . TYR A 1 103 ? -3.708  -8.172  -3.819  1.00 30.49 ? 106 TYR A CD1 1 
ATOM   797  C CD2 . TYR A 1 103 ? -2.433  -7.999  -5.837  1.00 32.44 ? 106 TYR A CD2 1 
ATOM   798  C CE1 . TYR A 1 103 ? -3.554  -6.801  -3.600  1.00 29.38 ? 106 TYR A CE1 1 
ATOM   799  C CE2 . TYR A 1 103 ? -2.273  -6.637  -5.629  1.00 33.47 ? 106 TYR A CE2 1 
ATOM   800  C CZ  . TYR A 1 103 ? -2.837  -6.045  -4.510  1.00 34.98 ? 106 TYR A CZ  1 
ATOM   801  O OH  . TYR A 1 103 ? -2.693  -4.693  -4.314  1.00 40.43 ? 106 TYR A OH  1 
ATOM   802  N N   . LEU A 1 104 ? -2.402  -10.671 -1.827  1.00 28.92 ? 107 LEU A N   1 
ATOM   803  C CA  . LEU A 1 104 ? -2.826  -10.497 -0.440  1.00 23.03 ? 107 LEU A CA  1 
ATOM   804  C C   . LEU A 1 104 ? -2.603  -9.073  0.050   1.00 20.72 ? 107 LEU A C   1 
ATOM   805  O O   . LEU A 1 104 ? -1.673  -8.387  -0.386  1.00 12.21 ? 107 LEU A O   1 
ATOM   806  C CB  . LEU A 1 104 ? -2.065  -11.477 0.465   1.00 30.53 ? 107 LEU A CB  1 
ATOM   807  C CG  . LEU A 1 104 ? -1.969  -11.143 1.958   1.00 40.22 ? 107 LEU A CG  1 
ATOM   808  C CD1 . LEU A 1 104 ? -2.007  -12.412 2.795   1.00 45.61 ? 107 LEU A CD1 1 
ATOM   809  C CD2 . LEU A 1 104 ? -0.682  -10.373 2.218   1.00 48.90 ? 107 LEU A CD2 1 
ATOM   810  N N   . VAL A 1 105 ? -3.470  -8.643  0.963   1.00 18.06 ? 108 VAL A N   1 
ATOM   811  C CA  . VAL A 1 105 ? -3.399  -7.320  1.564   1.00 9.99  ? 108 VAL A CA  1 
ATOM   812  C C   . VAL A 1 105 ? -3.484  -7.519  3.067   1.00 16.09 ? 108 VAL A C   1 
ATOM   813  O O   . VAL A 1 105 ? -4.391  -8.199  3.556   1.00 13.89 ? 108 VAL A O   1 
ATOM   814  C CB  . VAL A 1 105 ? -4.591  -6.438  1.159   1.00 10.32 ? 108 VAL A CB  1 
ATOM   815  C CG1 . VAL A 1 105 ? -4.357  -5.008  1.619   1.00 5.74  ? 108 VAL A CG1 1 
ATOM   816  C CG2 . VAL A 1 105 ? -4.791  -6.481  -0.315  1.00 2.00  ? 108 VAL A CG2 1 
ATOM   817  N N   . ARG A 1 106 ? -2.552  -6.925  3.804   1.00 17.86 ? 109 ARG A N   1 
ATOM   818  C CA  . ARG A 1 106 ? -2.558  -7.053  5.257   1.00 8.88  ? 109 ARG A CA  1 
ATOM   819  C C   . ARG A 1 106 ? -2.328  -5.731  5.964   1.00 12.33 ? 109 ARG A C   1 
ATOM   820  O O   . ARG A 1 106 ? -1.241  -5.154  5.872   1.00 12.69 ? 109 ARG A O   1 
ATOM   821  C CB  . ARG A 1 106 ? -1.492  -8.054  5.705   1.00 13.91 ? 109 ARG A CB  1 
ATOM   822  C CG  . ARG A 1 106 ? -1.436  -8.240  7.206   1.00 10.07 ? 109 ARG A CG  1 
ATOM   823  C CD  . ARG A 1 106 ? -0.659  -9.481  7.603   1.00 15.05 ? 109 ARG A CD  1 
ATOM   824  N NE  . ARG A 1 106 ? -1.372  -10.714 7.277   1.00 28.08 ? 109 ARG A NE  1 
ATOM   825  C CZ  . ARG A 1 106 ? -0.981  -11.925 7.671   1.00 30.23 ? 109 ARG A CZ  1 
ATOM   826  N NH1 . ARG A 1 106 ? 0.111   -12.060 8.412   1.00 36.21 ? 109 ARG A NH1 1 
ATOM   827  N NH2 . ARG A 1 106 ? -1.675  -13.002 7.326   1.00 33.26 ? 109 ARG A NH2 1 
ATOM   828  N N   . VAL A 1 107 ? -3.356  -5.252  6.663   1.00 13.85 ? 110 VAL A N   1 
ATOM   829  C CA  . VAL A 1 107 ? -3.268  -4.006  7.423   1.00 5.74  ? 110 VAL A CA  1 
ATOM   830  C C   . VAL A 1 107 ? -2.371  -4.258  8.638   1.00 7.32  ? 110 VAL A C   1 
ATOM   831  O O   . VAL A 1 107 ? -2.823  -4.786  9.644   1.00 16.17 ? 110 VAL A O   1 
ATOM   832  C CB  . VAL A 1 107 ? -4.649  -3.549  7.923   1.00 9.18  ? 110 VAL A CB  1 
ATOM   833  C CG1 . VAL A 1 107 ? -4.487  -2.385  8.883   1.00 13.77 ? 110 VAL A CG1 1 
ATOM   834  C CG2 . VAL A 1 107 ? -5.530  -3.146  6.748   1.00 4.44  ? 110 VAL A CG2 1 
ATOM   835  N N   . VAL A 1 108 ? -1.100  -3.883  8.548   1.00 11.13 ? 111 VAL A N   1 
ATOM   836  C CA  . VAL A 1 108 ? -0.192  -4.122  9.661   1.00 9.01  ? 111 VAL A CA  1 
ATOM   837  C C   . VAL A 1 108 ? -0.493  -3.296  10.899  1.00 5.54  ? 111 VAL A C   1 
ATOM   838  O O   . VAL A 1 108 ? -0.286  -3.775  12.013  1.00 5.31  ? 111 VAL A O   1 
ATOM   839  C CB  . VAL A 1 108 ? 1.278   -3.890  9.260   1.00 6.88  ? 111 VAL A CB  1 
ATOM   840  C CG1 . VAL A 1 108 ? 1.464   -4.219  7.792   1.00 12.09 ? 111 VAL A CG1 1 
ATOM   841  C CG2 . VAL A 1 108 ? 1.696   -2.478  9.567   1.00 16.23 ? 111 VAL A CG2 1 
ATOM   842  N N   . SER A 1 109 ? -0.985  -2.067  10.707  1.00 9.04  ? 112 SER A N   1 
ATOM   843  C CA  . SER A 1 109 ? -1.299  -1.177  11.823  1.00 10.81 ? 112 SER A CA  1 
ATOM   844  C C   . SER A 1 109 ? -2.070  0.077   11.412  1.00 20.76 ? 112 SER A C   1 
ATOM   845  O O   . SER A 1 109 ? -1.947  0.548   10.279  1.00 23.99 ? 112 SER A O   1 
ATOM   846  C CB  . SER A 1 109 ? -0.012  -0.726  12.517  1.00 14.90 ? 112 SER A CB  1 
ATOM   847  O OG  . SER A 1 109 ? 0.757   0.114   11.667  1.00 13.94 ? 112 SER A OG  1 
ATOM   848  N N   . THR A 1 110 ? -2.853  0.627   12.342  1.00 11.42 ? 113 THR A N   1 
ATOM   849  C CA  . THR A 1 110 ? -3.596  1.853   12.064  1.00 12.12 ? 113 THR A CA  1 
ATOM   850  C C   . THR A 1 110 ? -4.304  2.449   13.286  1.00 16.65 ? 113 THR A C   1 
ATOM   851  O O   . THR A 1 110 ? -4.604  1.738   14.245  1.00 9.91  ? 113 THR A O   1 
ATOM   852  C CB  . THR A 1 110 ? -4.641  1.632   10.973  1.00 8.00  ? 113 THR A CB  1 
ATOM   853  O OG1 . THR A 1 110 ? -5.247  2.885   10.646  1.00 13.92 ? 113 THR A OG1 1 
ATOM   854  C CG2 . THR A 1 110 ? -5.711  0.672   11.455  1.00 11.62 ? 113 THR A CG2 1 
ATOM   855  N N   . ASN A 1 111 ? -4.540  3.763   13.254  1.00 13.21 ? 114 ASN A N   1 
ATOM   856  C CA  . ASN A 1 111 ? -5.257  4.436   14.332  1.00 13.78 ? 114 ASN A CA  1 
ATOM   857  C C   . ASN A 1 111 ? -6.531  5.073   13.755  1.00 12.28 ? 114 ASN A C   1 
ATOM   858  O O   . ASN A 1 111 ? -7.316  5.699   14.470  1.00 21.67 ? 114 ASN A O   1 
ATOM   859  C CB  . ASN A 1 111 ? -4.414  5.524   14.992  1.00 2.00  ? 114 ASN A CB  1 
ATOM   860  C CG  . ASN A 1 111 ? -3.964  6.606   14.015  1.00 25.34 ? 114 ASN A CG  1 
ATOM   861  O OD1 . ASN A 1 111 ? -4.629  6.836   13.006  1.00 7.12  ? 114 ASN A OD1 1 
ATOM   862  N ND2 . ASN A 1 111 ? -2.864  7.291   14.260  1.00 19.26 ? 114 ASN A ND2 1 
ATOM   863  N N   . TYR A 1 112 ? -6.673  4.904   12.451  1.00 14.05 ? 115 TYR A N   1 
ATOM   864  C CA  . TYR A 1 112 ? -7.875  5.319   11.699  1.00 17.10 ? 115 TYR A CA  1 
ATOM   865  C C   . TYR A 1 112 ? -8.067  6.831   11.528  1.00 19.60 ? 115 TYR A C   1 
ATOM   866  O O   . TYR A 1 112 ? -8.774  7.291   10.623  1.00 20.03 ? 115 TYR A O   1 
ATOM   867  C CB  . TYR A 1 112 ? -9.133  4.844   12.411  1.00 18.51 ? 115 TYR A CB  1 
ATOM   868  C CG  . TYR A 1 112 ? -9.130  3.341   12.626  1.00 19.15 ? 115 TYR A CG  1 
ATOM   869  C CD1 . TYR A 1 112 ? -9.340  2.490   11.541  1.00 21.62 ? 115 TYR A CD1 1 
ATOM   870  C CD2 . TYR A 1 112 ? -8.910  2.824   13.906  1.00 17.04 ? 115 TYR A CD2 1 
ATOM   871  C CE1 . TYR A 1 112 ? -9.324  1.108   11.732  1.00 13.75 ? 115 TYR A CE1 1 
ATOM   872  C CE2 . TYR A 1 112 ? -8.890  1.440   14.096  1.00 23.33 ? 115 TYR A CE2 1 
ATOM   873  C CZ  . TYR A 1 112 ? -9.096  0.581   13.008  1.00 12.60 ? 115 TYR A CZ  1 
ATOM   874  O OH  . TYR A 1 112 ? -9.072  -0.765  13.191  1.00 29.41 ? 115 TYR A OH  1 
ATOM   875  N N   . ASN A 1 113 ? -7.482  7.655   12.366  1.00 13.02 ? 116 ASN A N   1 
ATOM   876  C CA  . ASN A 1 113 ? -7.731  9.097   12.212  1.00 14.91 ? 116 ASN A CA  1 
ATOM   877  C C   . ASN A 1 113 ? -6.480  9.858   11.936  1.00 10.86 ? 116 ASN A C   1 
ATOM   878  O O   . ASN A 1 113 ? -6.482  11.098  11.909  1.00 18.16 ? 116 ASN A O   1 
ATOM   879  C CB  . ASN A 1 113 ? -8.410  9.680   13.466  1.00 8.35  ? 116 ASN A CB  1 
ATOM   880  C CG  . ASN A 1 113 ? -7.690  9.363   14.779  1.00 16.35 ? 116 ASN A CG  1 
ATOM   881  O OD1 . ASN A 1 113 ? -6.540  8.932   14.765  1.00 18.63 ? 116 ASN A OD1 1 
ATOM   882  N ND2 . ASN A 1 113 ? -8.308  9.557   15.932  1.00 7.36  ? 116 ASN A ND2 1 
ATOM   883  N N   . GLN A 1 114 ? -5.449  9.113   11.718  1.00 15.44 ? 117 GLN A N   1 
ATOM   884  C CA  . GLN A 1 114 ? -4.181  9.722   11.460  1.00 20.71 ? 117 GLN A CA  1 
ATOM   885  C C   . GLN A 1 114 ? -3.364  8.949   10.440  1.00 26.99 ? 117 GLN A C   1 
ATOM   886  O O   . GLN A 1 114 ? -3.137  9.426   9.325   1.00 17.66 ? 117 GLN A O   1 
ATOM   887  C CB  . GLN A 1 114 ? -3.365  9.809   12.751  1.00 21.86 ? 117 GLN A CB  1 
ATOM   888  C CG  . GLN A 1 114 ? -4.071  10.610  13.846  1.00 24.64 ? 117 GLN A CG  1 
ATOM   889  C CD  . GLN A 1 114 ? -3.126  11.072  14.956  1.00 33.47 ? 117 GLN A CD  1 
ATOM   890  O OE1 . GLN A 1 114 ? -2.305  10.289  15.430  1.00 37.34 ? 117 GLN A OE1 1 
ATOM   891  N NE2 . GLN A 1 114 ? -3.194  12.312  15.407  1.00 44.83 ? 117 GLN A NE2 1 
ATOM   892  N N   . HIS A 1 115 ? -2.920  7.756   10.824  1.00 24.41 ? 118 HIS A N   1 
ATOM   893  C CA  . HIS A 1 115 ? -2.111  6.959   9.924   1.00 20.56 ? 118 HIS A CA  1 
ATOM   894  C C   . HIS A 1 115 ? -2.428  5.467   9.849   1.00 15.82 ? 118 HIS A C   1 
ATOM   895  O O   . HIS A 1 115 ? -3.339  4.962   10.513  1.00 15.44 ? 118 HIS A O   1 
ATOM   896  C CB  . HIS A 1 115 ? -0.635  7.184   10.247  1.00 24.40 ? 118 HIS A CB  1 
ATOM   897  C CG  . HIS A 1 115 ? -0.345  7.304   11.707  1.00 37.78 ? 118 HIS A CG  1 
ATOM   898  N ND1 . HIS A 1 115 ? -0.426  6.235   12.575  1.00 45.18 ? 118 HIS A ND1 1 
ATOM   899  C CD2 . HIS A 1 115 ? 0.035   8.367   12.456  1.00 45.53 ? 118 HIS A CD2 1 
ATOM   900  C CE1 . HIS A 1 115 ? -0.107  6.634   13.793  1.00 46.27 ? 118 HIS A CE1 1 
ATOM   901  N NE2 . HIS A 1 115 ? 0.175   7.926   13.747  1.00 48.66 ? 118 HIS A NE2 1 
ATOM   902  N N   . ALA A 1 116 ? -1.677  4.779   8.996   1.00 9.40  ? 119 ALA A N   1 
ATOM   903  C CA  . ALA A 1 116 ? -1.846  3.355   8.769   1.00 9.88  ? 119 ALA A CA  1 
ATOM   904  C C   . ALA A 1 116 ? -0.662  2.840   7.985   1.00 6.25  ? 119 ALA A C   1 
ATOM   905  O O   . ALA A 1 116 ? -0.008  3.592   7.269   1.00 11.29 ? 119 ALA A O   1 
ATOM   906  C CB  . ALA A 1 116 ? -3.125  3.090   7.982   1.00 4.45  ? 119 ALA A CB  1 
ATOM   907  N N   . MET A 1 117 ? -0.397  1.549   8.134   1.00 11.85 ? 120 MET A N   1 
ATOM   908  C CA  . MET A 1 117 ? 0.693   0.883   7.435   1.00 17.82 ? 120 MET A CA  1 
ATOM   909  C C   . MET A 1 117 ? 0.115   -0.401  6.868   1.00 14.50 ? 120 MET A C   1 
ATOM   910  O O   . MET A 1 117 ? -0.251  -1.306  7.625   1.00 14.15 ? 120 MET A O   1 
ATOM   911  C CB  . MET A 1 117 ? 1.841   0.559   8.398   1.00 21.67 ? 120 MET A CB  1 
ATOM   912  C CG  . MET A 1 117 ? 3.030   1.493   8.269   1.00 26.04 ? 120 MET A CG  1 
ATOM   913  S SD  . MET A 1 117 ? 4.533   0.806   8.998   1.00 28.95 ? 120 MET A SD  1 
ATOM   914  C CE  . MET A 1 117 ? 4.796   1.927   10.391  1.00 29.83 ? 120 MET A CE  1 
ATOM   915  N N   . VAL A 1 118 ? 0.035   -0.480  5.541   1.00 5.61  ? 121 VAL A N   1 
ATOM   916  C CA  . VAL A 1 118 ? -0.534  -1.650  4.881   1.00 7.99  ? 121 VAL A CA  1 
ATOM   917  C C   . VAL A 1 118 ? 0.488   -2.421  4.031   1.00 10.11 ? 121 VAL A C   1 
ATOM   918  O O   . VAL A 1 118 ? 1.258   -1.832  3.281   1.00 16.59 ? 121 VAL A O   1 
ATOM   919  C CB  . VAL A 1 118 ? -1.752  -1.230  3.997   1.00 5.01  ? 121 VAL A CB  1 
ATOM   920  C CG1 . VAL A 1 118 ? -2.433  -2.460  3.407   1.00 2.02  ? 121 VAL A CG1 1 
ATOM   921  C CG2 . VAL A 1 118 ? -2.760  -0.438  4.828   1.00 2.00  ? 121 VAL A CG2 1 
ATOM   922  N N   . PHE A 1 119 ? 0.476   -3.745  4.157   1.00 12.07 ? 122 PHE A N   1 
ATOM   923  C CA  . PHE A 1 119 ? 1.381   -4.620  3.419   1.00 10.67 ? 122 PHE A CA  1 
ATOM   924  C C   . PHE A 1 119 ? 0.677   -5.269  2.225   1.00 9.91  ? 122 PHE A C   1 
ATOM   925  O O   . PHE A 1 119 ? -0.461  -5.710  2.340   1.00 18.83 ? 122 PHE A O   1 
ATOM   926  C CB  . PHE A 1 119 ? 1.929   -5.676  4.385   1.00 8.04  ? 122 PHE A CB  1 
ATOM   927  C CG  . PHE A 1 119 ? 2.721   -6.778  3.729   1.00 16.45 ? 122 PHE A CG  1 
ATOM   928  C CD1 . PHE A 1 119 ? 2.086   -7.932  3.260   1.00 15.34 ? 122 PHE A CD1 1 
ATOM   929  C CD2 . PHE A 1 119 ? 4.105   -6.703  3.647   1.00 20.56 ? 122 PHE A CD2 1 
ATOM   930  C CE1 . PHE A 1 119 ? 2.810   -8.991  2.734   1.00 11.27 ? 122 PHE A CE1 1 
ATOM   931  C CE2 . PHE A 1 119 ? 4.849   -7.761  3.118   1.00 19.85 ? 122 PHE A CE2 1 
ATOM   932  C CZ  . PHE A 1 119 ? 4.197   -8.908  2.662   1.00 20.42 ? 122 PHE A CZ  1 
ATOM   933  N N   . PHE A 1 120 ? 1.360   -5.313  1.084   1.00 8.83  ? 123 PHE A N   1 
ATOM   934  C CA  . PHE A 1 120 ? 0.833   -5.903  -0.157  1.00 10.87 ? 123 PHE A CA  1 
ATOM   935  C C   . PHE A 1 120 ? 1.812   -6.910  -0.756  1.00 17.90 ? 123 PHE A C   1 
ATOM   936  O O   . PHE A 1 120 ? 3.011   -6.650  -0.834  1.00 29.88 ? 123 PHE A O   1 
ATOM   937  C CB  . PHE A 1 120 ? 0.611   -4.840  -1.232  1.00 7.84  ? 123 PHE A CB  1 
ATOM   938  C CG  . PHE A 1 120 ? -0.312  -3.746  -0.829  1.00 19.50 ? 123 PHE A CG  1 
ATOM   939  C CD1 . PHE A 1 120 ? -1.642  -3.756  -1.240  1.00 12.37 ? 123 PHE A CD1 1 
ATOM   940  C CD2 . PHE A 1 120 ? 0.145   -2.695  -0.034  1.00 17.45 ? 123 PHE A CD2 1 
ATOM   941  C CE1 . PHE A 1 120 ? -2.504  -2.735  -0.864  1.00 16.97 ? 123 PHE A CE1 1 
ATOM   942  C CE2 . PHE A 1 120 ? -0.709  -1.669  0.348   1.00 18.82 ? 123 PHE A CE2 1 
ATOM   943  C CZ  . PHE A 1 120 ? -2.037  -1.688  -0.067  1.00 16.61 ? 123 PHE A CZ  1 
ATOM   944  N N   . LYS A 1 121 ? 1.297   -8.047  -1.201  1.00 15.55 ? 124 LYS A N   1 
ATOM   945  C CA  . LYS A 1 121 ? 2.131   -9.061  -1.822  1.00 10.07 ? 124 LYS A CA  1 
ATOM   946  C C   . LYS A 1 121 ? 1.333   -9.704  -2.937  1.00 17.01 ? 124 LYS A C   1 
ATOM   947  O O   . LYS A 1 121 ? 0.123   -9.907  -2.805  1.00 10.94 ? 124 LYS A O   1 
ATOM   948  C CB  . LYS A 1 121 ? 2.528   -10.144 -0.820  1.00 19.67 ? 124 LYS A CB  1 
ATOM   949  C CG  . LYS A 1 121 ? 3.304   -11.288 -1.471  1.00 22.40 ? 124 LYS A CG  1 
ATOM   950  C CD  . LYS A 1 121 ? 3.381   -12.521 -0.585  1.00 32.17 ? 124 LYS A CD  1 
ATOM   951  C CE  . LYS A 1 121 ? 4.092   -13.669 -1.306  1.00 33.47 ? 124 LYS A CE  1 
ATOM   952  N NZ  . LYS A 1 121 ? 4.084   -14.942 -0.523  1.00 18.31 ? 124 LYS A NZ  1 
ATOM   953  N N   . LYS A 1 122 ? 2.010   -10.034 -4.030  1.00 17.65 ? 125 LYS A N   1 
ATOM   954  C CA  . LYS A 1 122 ? 1.346   -10.669 -5.157  1.00 21.85 ? 125 LYS A CA  1 
ATOM   955  C C   . LYS A 1 122 ? 2.335   -11.327 -6.099  1.00 25.96 ? 125 LYS A C   1 
ATOM   956  O O   . LYS A 1 122 ? 3.238   -10.672 -6.606  1.00 34.51 ? 125 LYS A O   1 
ATOM   957  C CB  . LYS A 1 122 ? 0.548   -9.639  -5.948  1.00 22.79 ? 125 LYS A CB  1 
ATOM   958  C CG  . LYS A 1 122 ? 1.407   -8.548  -6.570  1.00 20.88 ? 125 LYS A CG  1 
ATOM   959  C CD  . LYS A 1 122 ? 0.818   -8.092  -7.889  1.00 23.99 ? 125 LYS A CD  1 
ATOM   960  C CE  . LYS A 1 122 ? 1.388   -6.754  -8.343  1.00 33.79 ? 125 LYS A CE  1 
ATOM   961  N NZ  . LYS A 1 122 ? 0.735   -6.257  -9.604  1.00 35.25 ? 125 LYS A NZ  1 
ATOM   962  N N   . VAL A 1 123 ? 2.160   -12.618 -6.350  1.00 24.51 ? 126 VAL A N   1 
ATOM   963  C CA  . VAL A 1 123 ? 3.042   -13.306 -7.276  1.00 23.21 ? 126 VAL A CA  1 
ATOM   964  C C   . VAL A 1 123 ? 2.410   -13.205 -8.659  1.00 24.44 ? 126 VAL A C   1 
ATOM   965  O O   . VAL A 1 123 ? 1.227   -13.476 -8.832  1.00 29.84 ? 126 VAL A O   1 
ATOM   966  C CB  . VAL A 1 123 ? 3.236   -14.795 -6.888  1.00 24.90 ? 126 VAL A CB  1 
ATOM   967  C CG1 . VAL A 1 123 ? 3.987   -14.897 -5.574  1.00 20.31 ? 126 VAL A CG1 1 
ATOM   968  C CG2 . VAL A 1 123 ? 1.902   -15.478 -6.754  1.00 32.68 ? 126 VAL A CG2 1 
ATOM   969  N N   . SER A 1 124 ? 3.202   -12.790 -9.639  1.00 28.57 ? 127 SER A N   1 
ATOM   970  C CA  . SER A 1 124 ? 2.733   -12.648 -11.016 1.00 33.96 ? 127 SER A CA  1 
ATOM   971  C C   . SER A 1 124 ? 3.749   -13.259 -11.973 1.00 32.70 ? 127 SER A C   1 
ATOM   972  O O   . SER A 1 124 ? 4.948   -13.060 -11.801 1.00 25.28 ? 127 SER A O   1 
ATOM   973  C CB  . SER A 1 124 ? 2.544   -11.166 -11.356 1.00 35.75 ? 127 SER A CB  1 
ATOM   974  O OG  . SER A 1 124 ? 2.352   -10.975 -12.747 1.00 35.18 ? 127 SER A OG  1 
ATOM   975  N N   . GLN A 1 125 ? 3.269   -14.004 -12.970 1.00 35.83 ? 128 GLN A N   1 
ATOM   976  C CA  . GLN A 1 125 ? 4.148   -14.638 -13.959 1.00 33.92 ? 128 GLN A CA  1 
ATOM   977  C C   . GLN A 1 125 ? 5.443   -15.138 -13.318 1.00 30.43 ? 128 GLN A C   1 
ATOM   978  O O   . GLN A 1 125 ? 6.511   -15.024 -13.908 1.00 24.66 ? 128 GLN A O   1 
ATOM   979  C CB  . GLN A 1 125 ? 4.498   -13.638 -15.061 1.00 40.30 ? 128 GLN A CB  1 
ATOM   980  C CG  . GLN A 1 125 ? 3.317   -13.088 -15.839 1.00 45.51 ? 128 GLN A CG  1 
ATOM   981  C CD  . GLN A 1 125 ? 3.174   -13.723 -17.212 1.00 51.99 ? 128 GLN A CD  1 
ATOM   982  O OE1 . GLN A 1 125 ? 2.409   -13.242 -18.053 1.00 48.79 ? 128 GLN A OE1 1 
ATOM   983  N NE2 . GLN A 1 125 ? 3.910   -14.810 -17.445 1.00 54.70 ? 128 GLN A NE2 1 
ATOM   984  N N   . ASN A 1 126 ? 5.328   -15.666 -12.102 1.00 29.64 ? 129 ASN A N   1 
ATOM   985  C CA  . ASN A 1 126 ? 6.447   -16.196 -11.323 1.00 28.81 ? 129 ASN A CA  1 
ATOM   986  C C   . ASN A 1 126 ? 7.347   -15.178 -10.616 1.00 29.30 ? 129 ASN A C   1 
ATOM   987  O O   . ASN A 1 126 ? 8.462   -15.511 -10.218 1.00 30.73 ? 129 ASN A O   1 
ATOM   988  C CB  . ASN A 1 126 ? 7.313   -17.129 -12.182 1.00 36.01 ? 129 ASN A CB  1 
ATOM   989  C CG  . ASN A 1 126 ? 6.592   -18.421 -12.552 1.00 37.59 ? 129 ASN A CG  1 
ATOM   990  O OD1 . ASN A 1 126 ? 5.763   -18.446 -13.464 1.00 42.73 ? 129 ASN A OD1 1 
ATOM   991  N ND2 . ASN A 1 126 ? 6.897   -19.497 -11.829 1.00 24.06 ? 129 ASN A ND2 1 
ATOM   992  N N   . ARG A 1 127 ? 6.873   -13.946 -10.449 1.00 26.33 ? 130 ARG A N   1 
ATOM   993  C CA  . ARG A 1 127 ? 7.655   -12.914 -9.756  1.00 25.29 ? 130 ARG A CA  1 
ATOM   994  C C   . ARG A 1 127 ? 6.876   -12.571 -8.456  1.00 26.10 ? 130 ARG A C   1 
ATOM   995  O O   . ARG A 1 127 ? 5.647   -12.426 -8.471  1.00 27.86 ? 130 ARG A O   1 
ATOM   996  C CB  . ARG A 1 127 ? 7.771   -11.665 -10.620 1.00 24.54 ? 130 ARG A CB  1 
ATOM   997  C CG  . ARG A 1 127 ? 8.347   -11.953 -12.006 1.00 33.11 ? 130 ARG A CG  1 
ATOM   998  C CD  . ARG A 1 127 ? 9.850   -11.697 -12.086 1.00 29.81 ? 130 ARG A CD  1 
ATOM   999  N NE  . ARG A 1 127 ? 10.184  -10.272 -12.015 1.00 35.23 ? 130 ARG A NE  1 
ATOM   1000 C CZ  . ARG A 1 127 ? 11.415  -9.780  -12.174 1.00 39.36 ? 130 ARG A CZ  1 
ATOM   1001 N NH1 . ARG A 1 127 ? 12.453  -10.590 -12.416 1.00 33.58 ? 130 ARG A NH1 1 
ATOM   1002 N NH2 . ARG A 1 127 ? 11.708  -8.476  -12.109 1.00 48.31 ? 130 ARG A NH2 1 
ATOM   1003 N N   . GLU A 1 128 ? 7.604   -12.433 -7.356  1.00 22.67 ? 131 GLU A N   1 
ATOM   1004 C CA  . GLU A 1 128 ? 7.022   -12.251 -5.986  1.00 23.63 ? 131 GLU A CA  1 
ATOM   1005 C C   . GLU A 1 128 ? 6.987   -10.830 -5.383  1.00 26.58 ? 131 GLU A C   1 
ATOM   1006 O O   . GLU A 1 128 ? 7.207   -10.643 -4.178  1.00 32.96 ? 131 GLU A O   1 
ATOM   1007 C CB  . GLU A 1 128 ? 7.968   -12.792 -4.939  1.00 19.63 ? 131 GLU A CB  1 
ATOM   1008 C CG  . GLU A 1 128 ? 7.659   -14.218 -4.503  1.00 27.35 ? 131 GLU A CG  1 
ATOM   1009 C CD  . GLU A 1 128 ? 8.030   -14.467 -3.042  1.00 39.34 ? 131 GLU A CD  1 
ATOM   1010 O OE1 . GLU A 1 128 ? 9.226   -14.217 -2.627  1.00 41.56 ? 131 GLU A OE1 1 
ATOM   1011 O OE2 . GLU A 1 128 ? 7.143   -14.918 -2.225  1.00 36.79 ? 131 GLU A OE2 1 
ATOM   1012 N N   . TYR A 1 129 ? 6.715   -9.804  -6.126  1.00 14.78 ? 132 TYR A N   1 
ATOM   1013 C CA  . TYR A 1 129 ? 6.762   -8.433  -5.548  1.00 18.04 ? 132 TYR A CA  1 
ATOM   1014 C C   . TYR A 1 129 ? 5.948   -8.294  -4.240  1.00 15.54 ? 132 TYR A C   1 
ATOM   1015 O O   . TYR A 1 129 ? 5.004   -9.056  -3.984  1.00 15.94 ? 132 TYR A O   1 
ATOM   1016 C CB  . TYR A 1 129 ? 6.193   -7.431  -6.530  1.00 7.64  ? 132 TYR A CB  1 
ATOM   1017 C CG  . TYR A 1 129 ? 6.602   -7.732  -7.963  1.00 13.15 ? 132 TYR A CG  1 
ATOM   1018 C CD1 . TYR A 1 129 ? 5.825   -8.594  -8.740  1.00 20.41 ? 132 TYR A CD1 1 
ATOM   1019 C CD2 . TYR A 1 129 ? 7.755   -7.147  -8.491  1.00 13.10 ? 132 TYR A CD2 1 
ATOM   1020 C CE1 . TYR A 1 129 ? 6.196   -8.864  -10.059 1.00 15.64 ? 132 TYR A CE1 1 
ATOM   1021 C CE2 . TYR A 1 129 ? 8.126   -7.414  -9.812  1.00 17.84 ? 132 TYR A CE2 1 
ATOM   1022 C CZ  . TYR A 1 129 ? 7.345   -8.272  -10.598 1.00 18.73 ? 132 TYR A CZ  1 
ATOM   1023 O OH  . TYR A 1 129 ? 7.703   -8.528  -11.883 1.00 25.89 ? 132 TYR A OH  1 
ATOM   1024 N N   . PHE A 1 130 ? 6.358   -7.291  -3.452  1.00 14.83 ? 133 PHE A N   1 
ATOM   1025 C CA  . PHE A 1 130 ? 5.687   -6.918  -2.184  1.00 7.17  ? 133 PHE A CA  1 
ATOM   1026 C C   . PHE A 1 130 ? 5.955   -5.459  -1.864  1.00 12.22 ? 133 PHE A C   1 
ATOM   1027 O O   . PHE A 1 130 ? 6.933   -4.878  -2.339  1.00 18.93 ? 133 PHE A O   1 
ATOM   1028 C CB  . PHE A 1 130 ? 6.121   -7.838  -1.032  1.00 3.62  ? 133 PHE A CB  1 
ATOM   1029 C CG  . PHE A 1 130 ? 7.484   -7.508  -0.423  1.00 4.90  ? 133 PHE A CG  1 
ATOM   1030 C CD1 . PHE A 1 130 ? 8.640   -8.063  -0.977  1.00 2.00  ? 133 PHE A CD1 1 
ATOM   1031 C CD2 . PHE A 1 130 ? 7.573   -6.665  0.694   1.00 2.00  ? 133 PHE A CD2 1 
ATOM   1032 C CE1 . PHE A 1 130 ? 9.888   -7.782  -0.416  1.00 2.00  ? 133 PHE A CE1 1 
ATOM   1033 C CE2 . PHE A 1 130 ? 8.823   -6.385  1.256   1.00 9.90  ? 133 PHE A CE2 1 
ATOM   1034 C CZ  . PHE A 1 130 ? 9.980   -6.944  0.702   1.00 2.00  ? 133 PHE A CZ  1 
ATOM   1035 N N   . LYS A 1 131 ? 5.082   -4.843  -1.085  1.00 14.43 ? 134 LYS A N   1 
ATOM   1036 C CA  . LYS A 1 131 ? 5.308   -3.451  -0.739  1.00 16.04 ? 134 LYS A CA  1 
ATOM   1037 C C   . LYS A 1 131 ? 4.532   -3.035  0.491   1.00 13.34 ? 134 LYS A C   1 
ATOM   1038 O O   . LYS A 1 131 ? 3.604   -3.714  0.921   1.00 13.95 ? 134 LYS A O   1 
ATOM   1039 C CB  . LYS A 1 131 ? 4.953   -2.537  -1.918  1.00 23.26 ? 134 LYS A CB  1 
ATOM   1040 C CG  . LYS A 1 131 ? 3.494   -2.153  -2.019  1.00 33.47 ? 134 LYS A CG  1 
ATOM   1041 C CD  . LYS A 1 131 ? 3.247   -1.221  -3.205  1.00 37.02 ? 134 LYS A CD  1 
ATOM   1042 C CE  . LYS A 1 131 ? 1.791   -0.776  -3.264  1.00 39.23 ? 134 LYS A CE  1 
ATOM   1043 N NZ  . LYS A 1 131 ? 1.472   0.026   -4.479  1.00 45.31 ? 134 LYS A NZ  1 
ATOM   1044 N N   . ILE A 1 132 ? 4.936   -1.912  1.055   1.00 18.64 ? 135 ILE A N   1 
ATOM   1045 C CA  . ILE A 1 132 ? 4.300   -1.368  2.236   1.00 16.00 ? 135 ILE A CA  1 
ATOM   1046 C C   . ILE A 1 132 ? 3.963   0.076   1.913   1.00 16.12 ? 135 ILE A C   1 
ATOM   1047 O O   . ILE A 1 132 ? 4.772   0.784   1.311   1.00 16.72 ? 135 ILE A O   1 
ATOM   1048 C CB  . ILE A 1 132 ? 5.259   -1.371  3.456   1.00 16.61 ? 135 ILE A CB  1 
ATOM   1049 C CG1 . ILE A 1 132 ? 5.945   -2.728  3.598   1.00 21.38 ? 135 ILE A CG1 1 
ATOM   1050 C CG2 . ILE A 1 132 ? 4.493   -1.057  4.723   1.00 20.40 ? 135 ILE A CG2 1 
ATOM   1051 C CD1 . ILE A 1 132 ? 7.320   -2.762  2.997   1.00 25.15 ? 135 ILE A CD1 1 
ATOM   1052 N N   . THR A 1 133 ? 2.771   0.512   2.301   1.00 15.92 ? 136 THR A N   1 
ATOM   1053 C CA  . THR A 1 133 ? 2.386   1.893   2.070   1.00 10.75 ? 136 THR A CA  1 
ATOM   1054 C C   . THR A 1 133 ? 2.190   2.533   3.437   1.00 11.85 ? 136 THR A C   1 
ATOM   1055 O O   . THR A 1 133 ? 1.653   1.913   4.351   1.00 15.41 ? 136 THR A O   1 
ATOM   1056 C CB  . THR A 1 133 ? 1.071   1.999   1.284   1.00 10.38 ? 136 THR A CB  1 
ATOM   1057 O OG1 . THR A 1 133 ? -0.004  1.508   2.089   1.00 17.90 ? 136 THR A OG1 1 
ATOM   1058 C CG2 . THR A 1 133 ? 1.147   1.191   -0.008  1.00 2.00  ? 136 THR A CG2 1 
ATOM   1059 N N   . LEU A 1 134 ? 2.665   3.762   3.593   1.00 14.29 ? 137 LEU A N   1 
ATOM   1060 C CA  . LEU A 1 134 ? 2.490   4.466   4.859   1.00 11.03 ? 137 LEU A CA  1 
ATOM   1061 C C   . LEU A 1 134 ? 1.354   5.414   4.533   1.00 10.83 ? 137 LEU A C   1 
ATOM   1062 O O   . LEU A 1 134 ? 1.512   6.317   3.708   1.00 7.97  ? 137 LEU A O   1 
ATOM   1063 C CB  . LEU A 1 134 ? 3.752   5.258   5.232   1.00 7.26  ? 137 LEU A CB  1 
ATOM   1064 C CG  . LEU A 1 134 ? 3.989   5.686   6.693   1.00 19.85 ? 137 LEU A CG  1 
ATOM   1065 C CD1 . LEU A 1 134 ? 5.191   6.628   6.775   1.00 10.28 ? 137 LEU A CD1 1 
ATOM   1066 C CD2 . LEU A 1 134 ? 2.774   6.380   7.233   1.00 23.67 ? 137 LEU A CD2 1 
ATOM   1067 N N   . TYR A 1 135 ? 0.201   5.193   5.149   1.00 11.88 ? 138 TYR A N   1 
ATOM   1068 C CA  . TYR A 1 135 ? -0.958  6.038   4.896   1.00 16.86 ? 138 TYR A CA  1 
ATOM   1069 C C   . TYR A 1 135 ? -1.107  7.148   5.921   1.00 23.44 ? 138 TYR A C   1 
ATOM   1070 O O   . TYR A 1 135 ? -0.847  6.953   7.109   1.00 24.92 ? 138 TYR A O   1 
ATOM   1071 C CB  . TYR A 1 135 ? -2.246  5.219   4.904   1.00 13.69 ? 138 TYR A CB  1 
ATOM   1072 C CG  . TYR A 1 135 ? -2.483  4.336   3.702   1.00 15.07 ? 138 TYR A CG  1 
ATOM   1073 C CD1 . TYR A 1 135 ? -1.813  4.548   2.494   1.00 26.92 ? 138 TYR A CD1 1 
ATOM   1074 C CD2 . TYR A 1 135 ? -3.426  3.315   3.757   1.00 8.89  ? 138 TYR A CD2 1 
ATOM   1075 C CE1 . TYR A 1 135 ? -2.087  3.754   1.368   1.00 24.04 ? 138 TYR A CE1 1 
ATOM   1076 C CE2 . TYR A 1 135 ? -3.705  2.530   2.654   1.00 16.71 ? 138 TYR A CE2 1 
ATOM   1077 C CZ  . TYR A 1 135 ? -3.038  2.752   1.465   1.00 19.86 ? 138 TYR A CZ  1 
ATOM   1078 O OH  . TYR A 1 135 ? -3.357  1.974   0.384   1.00 26.83 ? 138 TYR A OH  1 
ATOM   1079 N N   . GLY A 1 136 ? -1.535  8.311   5.439   1.00 25.40 ? 139 GLY A N   1 
ATOM   1080 C CA  . GLY A 1 136 ? -1.769  9.454   6.300   1.00 14.83 ? 139 GLY A CA  1 
ATOM   1081 C C   . GLY A 1 136 ? -3.149  9.970   5.947   1.00 14.21 ? 139 GLY A C   1 
ATOM   1082 O O   . GLY A 1 136 ? -3.555  9.909   4.791   1.00 13.38 ? 139 GLY A O   1 
ATOM   1083 N N   . ARG A 1 137 ? -3.893  10.452  6.931   1.00 15.68 ? 140 ARG A N   1 
ATOM   1084 C CA  . ARG A 1 137 ? -5.223  10.990  6.664   1.00 17.26 ? 140 ARG A CA  1 
ATOM   1085 C C   . ARG A 1 137 ? -4.998  12.383  6.064   1.00 11.05 ? 140 ARG A C   1 
ATOM   1086 O O   . ARG A 1 137 ? -5.867  12.944  5.397   1.00 4.89  ? 140 ARG A O   1 
ATOM   1087 C CB  . ARG A 1 137 ? -6.034  11.075  7.964   1.00 18.16 ? 140 ARG A CB  1 
ATOM   1088 C CG  . ARG A 1 137 ? -7.431  10.491  7.860   1.00 20.54 ? 140 ARG A CG  1 
ATOM   1089 C CD  . ARG A 1 137 ? -7.448  8.971   7.663   1.00 17.65 ? 140 ARG A CD  1 
ATOM   1090 N NE  . ARG A 1 137 ? -8.416  8.616   6.624   1.00 20.65 ? 140 ARG A NE  1 
ATOM   1091 C CZ  . ARG A 1 137 ? -9.341  7.663   6.718   1.00 9.74  ? 140 ARG A CZ  1 
ATOM   1092 N NH1 . ARG A 1 137 ? -9.469  6.923   7.807   1.00 3.86  ? 140 ARG A NH1 1 
ATOM   1093 N NH2 . ARG A 1 137 ? -10.161 7.467   5.701   1.00 17.01 ? 140 ARG A NH2 1 
ATOM   1094 N N   . THR A 1 138 ? -3.808  12.926  6.315   1.00 12.00 ? 141 THR A N   1 
ATOM   1095 C CA  . THR A 1 138 ? -3.401  14.213  5.760   1.00 9.88  ? 141 THR A CA  1 
ATOM   1096 C C   . THR A 1 138 ? -2.059  13.945  5.108   1.00 17.04 ? 141 THR A C   1 
ATOM   1097 O O   . THR A 1 138 ? -1.525  12.838  5.205   1.00 14.14 ? 141 THR A O   1 
ATOM   1098 C CB  . THR A 1 138 ? -3.171  15.288  6.819   1.00 12.66 ? 141 THR A CB  1 
ATOM   1099 O OG1 . THR A 1 138 ? -1.938  15.028  7.509   1.00 20.48 ? 141 THR A OG1 1 
ATOM   1100 C CG2 . THR A 1 138 ? -4.318  15.306  7.804   1.00 29.65 ? 141 THR A CG2 1 
ATOM   1101 N N   . LYS A 1 139 ? -1.504  14.967  4.473   1.00 15.03 ? 142 LYS A N   1 
ATOM   1102 C CA  . LYS A 1 139 ? -0.231  14.841  3.788   1.00 14.81 ? 142 LYS A CA  1 
ATOM   1103 C C   . LYS A 1 139 ? 0.957   15.019  4.713   1.00 18.81 ? 142 LYS A C   1 
ATOM   1104 O O   . LYS A 1 139 ? 2.100   14.961  4.267   1.00 20.72 ? 142 LYS A O   1 
ATOM   1105 C CB  . LYS A 1 139 ? -0.146  15.881  2.680   1.00 10.58 ? 142 LYS A CB  1 
ATOM   1106 C CG  . LYS A 1 139 ? -1.314  15.868  1.735   1.00 4.76  ? 142 LYS A CG  1 
ATOM   1107 C CD  . LYS A 1 139 ? -1.134  16.917  0.684   1.00 5.73  ? 142 LYS A CD  1 
ATOM   1108 C CE  . LYS A 1 139 ? -2.279  16.922  -0.289  1.00 15.41 ? 142 LYS A CE  1 
ATOM   1109 N NZ  . LYS A 1 139 ? -2.130  18.060  -1.234  1.00 27.65 ? 142 LYS A NZ  1 
ATOM   1110 N N   . GLU A 1 140 ? 0.689   15.249  5.997   1.00 33.66 ? 143 GLU A N   1 
ATOM   1111 C CA  . GLU A 1 140 ? 1.759   15.462  6.971   1.00 39.89 ? 143 GLU A CA  1 
ATOM   1112 C C   . GLU A 1 140 ? 2.576   14.221  7.263   1.00 34.88 ? 143 GLU A C   1 
ATOM   1113 O O   . GLU A 1 140 ? 2.049   13.115  7.319   1.00 40.33 ? 143 GLU A O   1 
ATOM   1114 C CB  . GLU A 1 140 ? 1.193   16.006  8.287   1.00 52.49 ? 143 GLU A CB  1 
ATOM   1115 C CG  . GLU A 1 140 ? 0.893   17.501  8.266   1.00 72.61 ? 143 GLU A CG  1 
ATOM   1116 C CD  . GLU A 1 140 ? 0.662   18.080  9.656   1.00 79.27 ? 143 GLU A CD  1 
ATOM   1117 O OE1 . GLU A 1 140 ? 1.581   18.000  10.499  1.00 83.17 ? 143 GLU A OE1 1 
ATOM   1118 O OE2 . GLU A 1 140 ? -0.437  18.620  9.902   1.00 84.29 ? 143 GLU A OE2 1 
ATOM   1119 N N   . LEU A 1 141 ? 3.874   14.418  7.452   1.00 37.24 ? 144 LEU A N   1 
ATOM   1120 C CA  . LEU A 1 141 ? 4.783   13.323  7.756   1.00 35.50 ? 144 LEU A CA  1 
ATOM   1121 C C   . LEU A 1 141 ? 5.594   13.721  8.983   1.00 34.46 ? 144 LEU A C   1 
ATOM   1122 O O   . LEU A 1 141 ? 6.363   14.682  8.948   1.00 41.00 ? 144 LEU A O   1 
ATOM   1123 C CB  . LEU A 1 141 ? 5.729   13.073  6.579   1.00 39.02 ? 144 LEU A CB  1 
ATOM   1124 C CG  . LEU A 1 141 ? 6.311   11.665  6.375   1.00 43.02 ? 144 LEU A CG  1 
ATOM   1125 C CD1 . LEU A 1 141 ? 7.390   11.744  5.302   1.00 36.13 ? 144 LEU A CD1 1 
ATOM   1126 C CD2 . LEU A 1 141 ? 6.888   11.105  7.666   1.00 35.08 ? 144 LEU A CD2 1 
ATOM   1127 N N   . THR A 1 142 ? 5.403   12.994  10.074  1.00 36.98 ? 145 THR A N   1 
ATOM   1128 C CA  . THR A 1 142 ? 6.123   13.258  11.310  1.00 32.07 ? 145 THR A CA  1 
ATOM   1129 C C   . THR A 1 142 ? 7.412   12.452  11.294  1.00 36.89 ? 145 THR A C   1 
ATOM   1130 O O   . THR A 1 142 ? 7.434   11.314  10.824  1.00 42.62 ? 145 THR A O   1 
ATOM   1131 C CB  . THR A 1 142 ? 5.281   12.849  12.525  1.00 32.07 ? 145 THR A CB  1 
ATOM   1132 O OG1 . THR A 1 142 ? 4.165   13.736  12.643  1.00 32.03 ? 145 THR A OG1 1 
ATOM   1133 C CG2 . THR A 1 142 ? 6.105   12.890  13.800  1.00 34.57 ? 145 THR A CG2 1 
ATOM   1134 N N   . SER A 1 143 ? 8.485   13.047  11.804  1.00 39.02 ? 146 SER A N   1 
ATOM   1135 C CA  . SER A 1 143 ? 9.783   12.387  11.841  1.00 36.31 ? 146 SER A CA  1 
ATOM   1136 C C   . SER A 1 143 ? 9.702   11.036  12.533  1.00 31.10 ? 146 SER A C   1 
ATOM   1137 O O   . SER A 1 143 ? 10.342  10.073  12.104  1.00 26.58 ? 146 SER A O   1 
ATOM   1138 C CB  . SER A 1 143 ? 10.798  13.270  12.561  1.00 42.76 ? 146 SER A CB  1 
ATOM   1139 O OG  . SER A 1 143 ? 10.418  13.456  13.913  1.00 58.47 ? 146 SER A OG  1 
ATOM   1140 N N   . GLU A 1 144 ? 8.918   10.970  13.606  1.00 29.20 ? 147 GLU A N   1 
ATOM   1141 C CA  . GLU A 1 144 ? 8.756   9.725   14.354  1.00 29.15 ? 147 GLU A CA  1 
ATOM   1142 C C   . GLU A 1 144 ? 8.131   8.663   13.460  1.00 25.52 ? 147 GLU A C   1 
ATOM   1143 O O   . GLU A 1 144 ? 8.613   7.538   13.382  1.00 18.65 ? 147 GLU A O   1 
ATOM   1144 C CB  . GLU A 1 144 ? 7.870   9.957   15.582  1.00 39.27 ? 147 GLU A CB  1 
ATOM   1145 C CG  . GLU A 1 144 ? 7.554   8.685   16.371  1.00 53.39 ? 147 GLU A CG  1 
ATOM   1146 C CD  . GLU A 1 144 ? 6.095   8.260   16.253  1.00 60.19 ? 147 GLU A CD  1 
ATOM   1147 O OE1 . GLU A 1 144 ? 5.774   7.109   16.623  1.00 56.54 ? 147 GLU A OE1 1 
ATOM   1148 O OE2 . GLU A 1 144 ? 5.267   9.079   15.799  1.00 69.52 ? 147 GLU A OE2 1 
ATOM   1149 N N   . LEU A 1 145 ? 7.053   9.032   12.781  1.00 26.31 ? 148 LEU A N   1 
ATOM   1150 C CA  . LEU A 1 145 ? 6.379   8.116   11.877  1.00 27.30 ? 148 LEU A CA  1 
ATOM   1151 C C   . LEU A 1 145 ? 7.377   7.648   10.834  1.00 24.65 ? 148 LEU A C   1 
ATOM   1152 O O   . LEU A 1 145 ? 7.669   6.458   10.727  1.00 27.16 ? 148 LEU A O   1 
ATOM   1153 C CB  . LEU A 1 145 ? 5.214   8.819   11.175  1.00 37.85 ? 148 LEU A CB  1 
ATOM   1154 C CG  . LEU A 1 145 ? 3.919   9.096   11.941  1.00 46.62 ? 148 LEU A CG  1 
ATOM   1155 C CD1 . LEU A 1 145 ? 4.199   9.872   13.223  1.00 52.52 ? 148 LEU A CD1 1 
ATOM   1156 C CD2 . LEU A 1 145 ? 2.980   9.873   11.028  1.00 55.63 ? 148 LEU A CD2 1 
ATOM   1157 N N   . LYS A 1 146 ? 7.890   8.601   10.064  1.00 16.26 ? 149 LYS A N   1 
ATOM   1158 C CA  . LYS A 1 146 ? 8.853   8.307   9.015   1.00 18.66 ? 149 LYS A CA  1 
ATOM   1159 C C   . LYS A 1 146 ? 9.865   7.257   9.470   1.00 19.18 ? 149 LYS A C   1 
ATOM   1160 O O   . LYS A 1 146 ? 10.016  6.218   8.833   1.00 20.63 ? 149 LYS A O   1 
ATOM   1161 C CB  . LYS A 1 146 ? 9.570   9.594   8.600   1.00 23.88 ? 149 LYS A CB  1 
ATOM   1162 C CG  . LYS A 1 146 ? 10.623  9.406   7.524   1.00 34.63 ? 149 LYS A CG  1 
ATOM   1163 C CD  . LYS A 1 146 ? 11.173  10.739  7.053   1.00 42.71 ? 149 LYS A CD  1 
ATOM   1164 C CE  . LYS A 1 146 ? 12.317  10.545  6.067   1.00 43.33 ? 149 LYS A CE  1 
ATOM   1165 N NZ  . LYS A 1 146 ? 12.813  11.838  5.513   1.00 36.65 ? 149 LYS A NZ  1 
ATOM   1166 N N   . ASN A 1 147 ? 10.541  7.525   10.583  1.00 23.15 ? 150 ASN A N   1 
ATOM   1167 C CA  . ASN A 1 147 ? 11.532  6.600   11.125  1.00 28.96 ? 150 ASN A CA  1 
ATOM   1168 C C   . ASN A 1 147 ? 10.927  5.238   11.452  1.00 30.25 ? 150 ASN A C   1 
ATOM   1169 O O   . ASN A 1 147 ? 11.439  4.204   11.019  1.00 34.69 ? 150 ASN A O   1 
ATOM   1170 C CB  . ASN A 1 147 ? 12.181  7.202   12.369  1.00 37.17 ? 150 ASN A CB  1 
ATOM   1171 C CG  . ASN A 1 147 ? 13.144  8.325   12.035  1.00 49.46 ? 150 ASN A CG  1 
ATOM   1172 O OD1 . ASN A 1 147 ? 12.748  9.374   11.527  1.00 53.33 ? 150 ASN A OD1 1 
ATOM   1173 N ND2 . ASN A 1 147 ? 14.423  8.102   12.309  1.00 62.46 ? 150 ASN A ND2 1 
ATOM   1174 N N   . ASN A 1 148 ? 9.844   5.233   12.221  1.00 27.57 ? 151 ASN A N   1 
ATOM   1175 C CA  . ASN A 1 148 ? 9.173   3.986   12.559  1.00 31.00 ? 151 ASN A CA  1 
ATOM   1176 C C   . ASN A 1 148 ? 8.756   3.227   11.288  1.00 32.20 ? 151 ASN A C   1 
ATOM   1177 O O   . ASN A 1 148 ? 8.473   2.033   11.348  1.00 40.19 ? 151 ASN A O   1 
ATOM   1178 C CB  . ASN A 1 148 ? 7.930   4.253   13.424  1.00 37.96 ? 151 ASN A CB  1 
ATOM   1179 C CG  . ASN A 1 148 ? 8.233   4.255   14.922  1.00 44.89 ? 151 ASN A CG  1 
ATOM   1180 O OD1 . ASN A 1 148 ? 8.758   5.231   15.477  1.00 42.74 ? 151 ASN A OD1 1 
ATOM   1181 N ND2 . ASN A 1 148 ? 7.900   3.151   15.583  1.00 49.46 ? 151 ASN A ND2 1 
ATOM   1182 N N   . PHE A 1 149 ? 8.701   3.919   10.150  1.00 21.30 ? 152 PHE A N   1 
ATOM   1183 C CA  . PHE A 1 149 ? 8.331   3.281   8.885   1.00 15.76 ? 152 PHE A CA  1 
ATOM   1184 C C   . PHE A 1 149 ? 9.574   2.630   8.299   1.00 19.46 ? 152 PHE A C   1 
ATOM   1185 O O   . PHE A 1 149 ? 9.578   1.446   7.935   1.00 13.37 ? 152 PHE A O   1 
ATOM   1186 C CB  . PHE A 1 149 ? 7.798   4.312   7.888   1.00 14.99 ? 152 PHE A CB  1 
ATOM   1187 C CG  . PHE A 1 149 ? 7.452   3.735   6.533   1.00 7.14  ? 152 PHE A CG  1 
ATOM   1188 C CD1 . PHE A 1 149 ? 8.003   4.270   5.373   1.00 11.89 ? 152 PHE A CD1 1 
ATOM   1189 C CD2 . PHE A 1 149 ? 6.580   2.660   6.419   1.00 9.03  ? 152 PHE A CD2 1 
ATOM   1190 C CE1 . PHE A 1 149 ? 7.688   3.742   4.119   1.00 7.59  ? 152 PHE A CE1 1 
ATOM   1191 C CE2 . PHE A 1 149 ? 6.260   2.125   5.177   1.00 2.00  ? 152 PHE A CE2 1 
ATOM   1192 C CZ  . PHE A 1 149 ? 6.816   2.669   4.026   1.00 8.51  ? 152 PHE A CZ  1 
ATOM   1193 N N   . ILE A 1 150 ? 10.633  3.423   8.200   1.00 8.27  ? 153 ILE A N   1 
ATOM   1194 C CA  . ILE A 1 150 ? 11.882  2.926   7.676   1.00 13.95 ? 153 ILE A CA  1 
ATOM   1195 C C   . ILE A 1 150 ? 12.295  1.656   8.433   1.00 17.99 ? 153 ILE A C   1 
ATOM   1196 O O   . ILE A 1 150 ? 12.818  0.713   7.835   1.00 15.25 ? 153 ILE A O   1 
ATOM   1197 C CB  . ILE A 1 150 ? 12.960  4.007   7.780   1.00 11.95 ? 153 ILE A CB  1 
ATOM   1198 C CG1 . ILE A 1 150 ? 12.570  5.188   6.882   1.00 8.55  ? 153 ILE A CG1 1 
ATOM   1199 C CG2 . ILE A 1 150 ? 14.301  3.440   7.364   1.00 2.00  ? 153 ILE A CG2 1 
ATOM   1200 C CD1 . ILE A 1 150 ? 13.462  6.398   7.023   1.00 8.43  ? 153 ILE A CD1 1 
ATOM   1201 N N   . ARG A 1 151 ? 12.040  1.625   9.739   1.00 20.22 ? 154 ARG A N   1 
ATOM   1202 C CA  . ARG A 1 151 ? 12.378  0.454   10.551  1.00 21.12 ? 154 ARG A CA  1 
ATOM   1203 C C   . ARG A 1 151 ? 11.601  -0.785  10.131  1.00 15.22 ? 154 ARG A C   1 
ATOM   1204 O O   . ARG A 1 151 ? 12.165  -1.868  9.995   1.00 8.85  ? 154 ARG A O   1 
ATOM   1205 C CB  . ARG A 1 151 ? 12.100  0.719   12.031  1.00 33.43 ? 154 ARG A CB  1 
ATOM   1206 C CG  . ARG A 1 151 ? 13.276  1.289   12.796  1.00 42.12 ? 154 ARG A CG  1 
ATOM   1207 C CD  . ARG A 1 151 ? 14.327  0.218   13.021  1.00 53.47 ? 154 ARG A CD  1 
ATOM   1208 N NE  . ARG A 1 151 ? 14.870  -0.304  11.771  1.00 64.68 ? 154 ARG A NE  1 
ATOM   1209 C CZ  . ARG A 1 151 ? 15.804  -1.247  11.702  1.00 69.56 ? 154 ARG A CZ  1 
ATOM   1210 N NH1 . ARG A 1 151 ? 16.302  -1.775  12.813  1.00 73.23 ? 154 ARG A NH1 1 
ATOM   1211 N NH2 . ARG A 1 151 ? 16.244  -1.663  10.524  1.00 72.85 ? 154 ARG A NH2 1 
ATOM   1212 N N   . PHE A 1 152 ? 10.301  -0.631  9.936   1.00 6.72  ? 155 PHE A N   1 
ATOM   1213 C CA  . PHE A 1 152 ? 9.502   -1.775  9.547   1.00 8.39  ? 155 PHE A CA  1 
ATOM   1214 C C   . PHE A 1 152 ? 9.971   -2.335  8.208   1.00 10.67 ? 155 PHE A C   1 
ATOM   1215 O O   . PHE A 1 152 ? 10.145  -3.542  8.053   1.00 12.89 ? 155 PHE A O   1 
ATOM   1216 C CB  . PHE A 1 152 ? 8.038   -1.392  9.465   1.00 2.00  ? 155 PHE A CB  1 
ATOM   1217 C CG  . PHE A 1 152 ? 7.133   -2.557  9.217   1.00 15.54 ? 155 PHE A CG  1 
ATOM   1218 C CD1 . PHE A 1 152 ? 7.160   -3.660  10.057  1.00 11.54 ? 155 PHE A CD1 1 
ATOM   1219 C CD2 . PHE A 1 152 ? 6.237   -2.543  8.159   1.00 13.07 ? 155 PHE A CD2 1 
ATOM   1220 C CE1 . PHE A 1 152 ? 6.300   -4.736  9.847   1.00 20.95 ? 155 PHE A CE1 1 
ATOM   1221 C CE2 . PHE A 1 152 ? 5.373   -3.613  7.941   1.00 18.84 ? 155 PHE A CE2 1 
ATOM   1222 C CZ  . PHE A 1 152 ? 5.403   -4.709  8.787   1.00 15.36 ? 155 PHE A CZ  1 
ATOM   1223 N N   . SER A 1 153 ? 10.194  -1.453  7.245   1.00 9.13  ? 156 SER A N   1 
ATOM   1224 C CA  . SER A 1 153 ? 10.644  -1.886  5.936   1.00 12.12 ? 156 SER A CA  1 
ATOM   1225 C C   . SER A 1 153 ? 11.931  -2.688  6.057   1.00 14.82 ? 156 SER A C   1 
ATOM   1226 O O   . SER A 1 153 ? 12.011  -3.822  5.591   1.00 10.76 ? 156 SER A O   1 
ATOM   1227 C CB  . SER A 1 153 ? 10.848  -0.671  5.034   1.00 18.08 ? 156 SER A CB  1 
ATOM   1228 O OG  . SER A 1 153 ? 9.601   -0.058  4.758   1.00 14.01 ? 156 SER A OG  1 
ATOM   1229 N N   . LYS A 1 154 ? 12.940  -2.093  6.686   1.00 24.28 ? 157 LYS A N   1 
ATOM   1230 C CA  . LYS A 1 154 ? 14.214  -2.770  6.882   1.00 19.22 ? 157 LYS A CA  1 
ATOM   1231 C C   . LYS A 1 154 ? 13.996  -4.122  7.545   1.00 14.84 ? 157 LYS A C   1 
ATOM   1232 O O   . LYS A 1 154 ? 14.568  -5.114  7.110   1.00 13.75 ? 157 LYS A O   1 
ATOM   1233 C CB  . LYS A 1 154 ? 15.157  -1.912  7.731   1.00 18.90 ? 157 LYS A CB  1 
ATOM   1234 C CG  . LYS A 1 154 ? 15.886  -0.844  6.925   1.00 30.70 ? 157 LYS A CG  1 
ATOM   1235 C CD  . LYS A 1 154 ? 16.749  0.080   7.791   1.00 38.84 ? 157 LYS A CD  1 
ATOM   1236 C CE  . LYS A 1 154 ? 15.898  0.957   8.709   1.00 46.63 ? 157 LYS A CE  1 
ATOM   1237 N NZ  . LYS A 1 154 ? 16.646  2.133   9.255   1.00 50.45 ? 157 LYS A NZ  1 
ATOM   1238 N N   . SER A 1 155 ? 13.168  -4.162  8.589   1.00 12.44 ? 158 SER A N   1 
ATOM   1239 C CA  . SER A 1 155 ? 12.885  -5.418  9.288   1.00 12.62 ? 158 SER A CA  1 
ATOM   1240 C C   . SER A 1 155 ? 12.387  -6.445  8.279   1.00 18.27 ? 158 SER A C   1 
ATOM   1241 O O   . SER A 1 155 ? 12.416  -7.651  8.535   1.00 21.50 ? 158 SER A O   1 
ATOM   1242 C CB  . SER A 1 155 ? 11.801  -5.231  10.351  1.00 10.09 ? 158 SER A CB  1 
ATOM   1243 O OG  . SER A 1 155 ? 10.503  -5.443  9.802   1.00 16.56 ? 158 SER A OG  1 
ATOM   1244 N N   . LEU A 1 156 ? 11.918  -5.945  7.140   1.00 20.90 ? 159 LEU A N   1 
ATOM   1245 C CA  . LEU A 1 156 ? 11.402  -6.775  6.063   1.00 19.02 ? 159 LEU A CA  1 
ATOM   1246 C C   . LEU A 1 156 ? 12.437  -7.042  4.966   1.00 24.59 ? 159 LEU A C   1 
ATOM   1247 O O   . LEU A 1 156 ? 12.132  -7.674  3.956   1.00 31.23 ? 159 LEU A O   1 
ATOM   1248 C CB  . LEU A 1 156 ? 10.156  -6.115  5.469   1.00 9.41  ? 159 LEU A CB  1 
ATOM   1249 C CG  . LEU A 1 156 ? 8.815   -6.524  6.095   1.00 14.76 ? 159 LEU A CG  1 
ATOM   1250 C CD1 . LEU A 1 156 ? 8.993   -6.906  7.535   1.00 14.70 ? 159 LEU A CD1 1 
ATOM   1251 C CD2 . LEU A 1 156 ? 7.826   -5.398  5.961   1.00 6.31  ? 159 LEU A CD2 1 
ATOM   1252 N N   . GLY A 1 157 ? 13.658  -6.557  5.169   1.00 23.55 ? 160 GLY A N   1 
ATOM   1253 C CA  . GLY A 1 157 ? 14.714  -6.772  4.198   1.00 18.74 ? 160 GLY A CA  1 
ATOM   1254 C C   . GLY A 1 157 ? 14.800  -5.736  3.093   1.00 24.46 ? 160 GLY A C   1 
ATOM   1255 O O   . GLY A 1 157 ? 15.401  -5.996  2.049   1.00 27.21 ? 160 GLY A O   1 
ATOM   1256 N N   . LEU A 1 158 ? 14.215  -4.561  3.318   1.00 16.09 ? 161 LEU A N   1 
ATOM   1257 C CA  . LEU A 1 158 ? 14.227  -3.487  2.325   1.00 12.04 ? 161 LEU A CA  1 
ATOM   1258 C C   . LEU A 1 158 ? 15.341  -2.474  2.536   1.00 11.41 ? 161 LEU A C   1 
ATOM   1259 O O   . LEU A 1 158 ? 15.360  -1.752  3.535   1.00 10.08 ? 161 LEU A O   1 
ATOM   1260 C CB  . LEU A 1 158 ? 12.888  -2.748  2.343   1.00 8.57  ? 161 LEU A CB  1 
ATOM   1261 C CG  . LEU A 1 158 ? 11.958  -2.901  1.140   1.00 15.34 ? 161 LEU A CG  1 
ATOM   1262 C CD1 . LEU A 1 158 ? 12.143  -4.260  0.461   1.00 9.49  ? 161 LEU A CD1 1 
ATOM   1263 C CD2 . LEU A 1 158 ? 10.536  -2.701  1.624   1.00 2.00  ? 161 LEU A CD2 1 
ATOM   1264 N N   . PRO A 1 159 ? 16.297  -2.408  1.596   1.00 12.86 ? 162 PRO A N   1 
ATOM   1265 C CA  . PRO A 1 159 ? 17.391  -1.447  1.737   1.00 13.25 ? 162 PRO A CA  1 
ATOM   1266 C C   . PRO A 1 159 ? 16.834  -0.026  1.694   1.00 14.28 ? 162 PRO A C   1 
ATOM   1267 O O   . PRO A 1 159 ? 15.663  0.183   1.368   1.00 23.62 ? 162 PRO A O   1 
ATOM   1268 C CB  . PRO A 1 159 ? 18.286  -1.762  0.540   1.00 15.70 ? 162 PRO A CB  1 
ATOM   1269 C CG  . PRO A 1 159 ? 17.313  -2.250  -0.484  1.00 20.72 ? 162 PRO A CG  1 
ATOM   1270 C CD  . PRO A 1 159 ? 16.423  -3.165  0.342   1.00 12.67 ? 162 PRO A CD  1 
ATOM   1271 N N   . GLU A 1 160 ? 17.678  0.945   2.021   1.00 17.67 ? 163 GLU A N   1 
ATOM   1272 C CA  . GLU A 1 160 ? 17.291  2.352   2.052   1.00 17.51 ? 163 GLU A CA  1 
ATOM   1273 C C   . GLU A 1 160 ? 16.761  2.882   0.706   1.00 10.80 ? 163 GLU A C   1 
ATOM   1274 O O   . GLU A 1 160 ? 15.746  3.578   0.659   1.00 10.89 ? 163 GLU A O   1 
ATOM   1275 C CB  . GLU A 1 160 ? 18.500  3.185   2.491   1.00 27.78 ? 163 GLU A CB  1 
ATOM   1276 C CG  . GLU A 1 160 ? 18.182  4.395   3.358   1.00 46.66 ? 163 GLU A CG  1 
ATOM   1277 C CD  . GLU A 1 160 ? 17.793  4.020   4.781   1.00 49.82 ? 163 GLU A CD  1 
ATOM   1278 O OE1 . GLU A 1 160 ? 18.516  3.218   5.412   1.00 54.07 ? 163 GLU A OE1 1 
ATOM   1279 O OE2 . GLU A 1 160 ? 16.768  4.538   5.268   1.00 59.65 ? 163 GLU A OE2 1 
ATOM   1280 N N   . ASN A 1 161 ? 17.446  2.555   -0.386  1.00 6.49  ? 164 ASN A N   1 
ATOM   1281 C CA  . ASN A 1 161 ? 17.036  3.027   -1.702  1.00 7.13  ? 164 ASN A CA  1 
ATOM   1282 C C   . ASN A 1 161 ? 15.758  2.373   -2.212  1.00 10.58 ? 164 ASN A C   1 
ATOM   1283 O O   . ASN A 1 161 ? 15.367  2.577   -3.360  1.00 11.32 ? 164 ASN A O   1 
ATOM   1284 C CB  . ASN A 1 161 ? 18.163  2.833   -2.712  1.00 6.61  ? 164 ASN A CB  1 
ATOM   1285 C CG  . ASN A 1 161 ? 18.612  1.401   -2.810  1.00 16.22 ? 164 ASN A CG  1 
ATOM   1286 O OD1 . ASN A 1 161 ? 18.914  0.762   -1.801  1.00 28.79 ? 164 ASN A OD1 1 
ATOM   1287 N ND2 . ASN A 1 161 ? 18.668  0.884   -4.030  1.00 24.93 ? 164 ASN A ND2 1 
ATOM   1288 N N   . HIS A 1 162 ? 15.111  1.580   -1.366  1.00 14.10 ? 165 HIS A N   1 
ATOM   1289 C CA  . HIS A 1 162 ? 13.857  0.952   -1.746  1.00 17.35 ? 165 HIS A CA  1 
ATOM   1290 C C   . HIS A 1 162 ? 12.744  1.558   -0.913  1.00 17.29 ? 165 HIS A C   1 
ATOM   1291 O O   . HIS A 1 162 ? 11.602  1.106   -0.963  1.00 24.84 ? 165 HIS A O   1 
ATOM   1292 C CB  . HIS A 1 162 ? 13.903  -0.564  -1.525  1.00 23.24 ? 165 HIS A CB  1 
ATOM   1293 C CG  . HIS A 1 162 ? 14.404  -1.329  -2.712  1.00 18.86 ? 165 HIS A CG  1 
ATOM   1294 N ND1 . HIS A 1 162 ? 15.743  -1.442  -3.013  1.00 16.34 ? 165 HIS A ND1 1 
ATOM   1295 C CD2 . HIS A 1 162 ? 13.739  -1.978  -3.692  1.00 19.51 ? 165 HIS A CD2 1 
ATOM   1296 C CE1 . HIS A 1 162 ? 15.882  -2.128  -4.131  1.00 11.44 ? 165 HIS A CE1 1 
ATOM   1297 N NE2 . HIS A 1 162 ? 14.686  -2.467  -4.568  1.00 20.81 ? 165 HIS A NE2 1 
ATOM   1298 N N   . ILE A 1 163 ? 13.100  2.582   -0.145  1.00 14.54 ? 166 ILE A N   1 
ATOM   1299 C CA  . ILE A 1 163 ? 12.169  3.294   0.728   1.00 13.28 ? 166 ILE A CA  1 
ATOM   1300 C C   . ILE A 1 163 ? 12.014  4.736   0.225   1.00 21.48 ? 166 ILE A C   1 
ATOM   1301 O O   . ILE A 1 163 ? 12.925  5.561   0.334   1.00 18.45 ? 166 ILE A O   1 
ATOM   1302 C CB  . ILE A 1 163 ? 12.692  3.296   2.175   1.00 15.17 ? 166 ILE A CB  1 
ATOM   1303 C CG1 . ILE A 1 163 ? 12.808  1.858   2.667   1.00 8.33  ? 166 ILE A CG1 1 
ATOM   1304 C CG2 . ILE A 1 163 ? 11.788  4.131   3.076   1.00 12.51 ? 166 ILE A CG2 1 
ATOM   1305 C CD1 . ILE A 1 163 ? 13.549  1.726   3.968   1.00 11.73 ? 166 ILE A CD1 1 
ATOM   1306 N N   . VAL A 1 164 ? 10.838  5.024   -0.319  1.00 25.77 ? 167 VAL A N   1 
ATOM   1307 C CA  . VAL A 1 164 ? 10.536  6.329   -0.885  1.00 24.08 ? 167 VAL A CA  1 
ATOM   1308 C C   . VAL A 1 164 ? 9.434   7.063   -0.128  1.00 20.43 ? 167 VAL A C   1 
ATOM   1309 O O   . VAL A 1 164 ? 8.579   6.440   0.501   1.00 20.50 ? 167 VAL A O   1 
ATOM   1310 C CB  . VAL A 1 164 ? 10.083  6.165   -2.359  1.00 19.09 ? 167 VAL A CB  1 
ATOM   1311 C CG1 . VAL A 1 164 ? 9.806   7.511   -2.984  1.00 26.42 ? 167 VAL A CG1 1 
ATOM   1312 C CG2 . VAL A 1 164 ? 11.133  5.423   -3.141  1.00 23.89 ? 167 VAL A CG2 1 
ATOM   1313 N N   . PHE A 1 165 ? 9.468   8.390   -0.202  1.00 19.67 ? 168 PHE A N   1 
ATOM   1314 C CA  . PHE A 1 165 ? 8.460   9.242   0.417   1.00 22.07 ? 168 PHE A CA  1 
ATOM   1315 C C   . PHE A 1 165 ? 7.971   10.192  -0.676  1.00 20.12 ? 168 PHE A C   1 
ATOM   1316 O O   . PHE A 1 165 ? 8.663   11.137  -1.051  1.00 23.71 ? 168 PHE A O   1 
ATOM   1317 C CB  . PHE A 1 165 ? 9.048   10.045  1.580   1.00 21.95 ? 168 PHE A CB  1 
ATOM   1318 C CG  . PHE A 1 165 ? 9.569   9.195   2.702   1.00 20.08 ? 168 PHE A CG  1 
ATOM   1319 C CD1 . PHE A 1 165 ? 10.870  8.701   2.674   1.00 19.53 ? 168 PHE A CD1 1 
ATOM   1320 C CD2 . PHE A 1 165 ? 8.750   8.866   3.779   1.00 20.57 ? 168 PHE A CD2 1 
ATOM   1321 C CE1 . PHE A 1 165 ? 11.347  7.887   3.697   1.00 14.16 ? 168 PHE A CE1 1 
ATOM   1322 C CE2 . PHE A 1 165 ? 9.218   8.050   4.810   1.00 13.08 ? 168 PHE A CE2 1 
ATOM   1323 C CZ  . PHE A 1 165 ? 10.519  7.561   4.767   1.00 19.55 ? 168 PHE A CZ  1 
ATOM   1324 N N   . PRO A 1 166 ? 6.775   9.935   -1.216  1.00 17.33 ? 169 PRO A N   1 
ATOM   1325 C CA  . PRO A 1 166 ? 6.194   10.765  -2.273  1.00 13.57 ? 169 PRO A CA  1 
ATOM   1326 C C   . PRO A 1 166 ? 6.099   12.255  -1.947  1.00 6.49  ? 169 PRO A C   1 
ATOM   1327 O O   . PRO A 1 166 ? 5.673   12.649  -0.858  1.00 9.54  ? 169 PRO A O   1 
ATOM   1328 C CB  . PRO A 1 166 ? 4.819   10.124  -2.493  1.00 8.27  ? 169 PRO A CB  1 
ATOM   1329 C CG  . PRO A 1 166 ? 5.094   8.681   -2.244  1.00 4.46  ? 169 PRO A CG  1 
ATOM   1330 C CD  . PRO A 1 166 ? 5.949   8.736   -0.984  1.00 15.13 ? 169 PRO A CD  1 
ATOM   1331 N N   . VAL A 1 167 ? 6.490   13.073  -2.918  1.00 8.77  ? 170 VAL A N   1 
ATOM   1332 C CA  . VAL A 1 167 ? 6.456   14.527  -2.787  1.00 10.82 ? 170 VAL A CA  1 
ATOM   1333 C C   . VAL A 1 167 ? 5.010   14.987  -2.658  1.00 5.51  ? 170 VAL A C   1 
ATOM   1334 O O   . VAL A 1 167 ? 4.174   14.649  -3.492  1.00 6.35  ? 170 VAL A O   1 
ATOM   1335 C CB  . VAL A 1 167 ? 7.023   15.229  -4.064  1.00 12.22 ? 170 VAL A CB  1 
ATOM   1336 C CG1 . VAL A 1 167 ? 7.263   16.691  -3.784  1.00 26.24 ? 170 VAL A CG1 1 
ATOM   1337 C CG2 . VAL A 1 167 ? 8.288   14.556  -4.529  1.00 15.61 ? 170 VAL A CG2 1 
ATOM   1338 N N   . PRO A 1 168 ? 4.682   15.748  -1.609  1.00 4.59  ? 171 PRO A N   1 
ATOM   1339 C CA  . PRO A 1 168 ? 3.276   16.145  -1.601  1.00 11.37 ? 171 PRO A CA  1 
ATOM   1340 C C   . PRO A 1 168 ? 3.064   17.016  -2.824  1.00 15.87 ? 171 PRO A C   1 
ATOM   1341 O O   . PRO A 1 168 ? 3.888   17.879  -3.108  1.00 24.04 ? 171 PRO A O   1 
ATOM   1342 C CB  . PRO A 1 168 ? 3.130   16.914  -0.283  1.00 3.94  ? 171 PRO A CB  1 
ATOM   1343 C CG  . PRO A 1 168 ? 4.533   17.244  0.119   1.00 8.07  ? 171 PRO A CG  1 
ATOM   1344 C CD  . PRO A 1 168 ? 5.323   16.055  -0.324  1.00 7.60  ? 171 PRO A CD  1 
ATOM   1345 N N   . ILE A 1 169 ? 1.995   16.774  -3.576  1.00 23.80 ? 172 ILE A N   1 
ATOM   1346 C CA  . ILE A 1 169 ? 1.750   17.587  -4.761  1.00 28.81 ? 172 ILE A CA  1 
ATOM   1347 C C   . ILE A 1 169 ? 0.525   18.438  -4.623  1.00 27.92 ? 172 ILE A C   1 
ATOM   1348 O O   . ILE A 1 169 ? 0.582   19.641  -4.886  1.00 36.22 ? 172 ILE A O   1 
ATOM   1349 C CB  . ILE A 1 169 ? 1.590   16.760  -6.052  1.00 28.37 ? 172 ILE A CB  1 
ATOM   1350 C CG1 . ILE A 1 169 ? 0.671   15.563  -5.801  1.00 21.14 ? 172 ILE A CG1 1 
ATOM   1351 C CG2 . ILE A 1 169 ? 2.961   16.386  -6.597  1.00 21.12 ? 172 ILE A CG2 1 
ATOM   1352 C CD1 . ILE A 1 169 ? 0.333   14.795  -7.055  1.00 27.48 ? 172 ILE A CD1 1 
ATOM   1353 N N   . ASP A 1 170 ? -0.589  17.825  -4.232  1.00 18.24 ? 173 ASP A N   1 
ATOM   1354 C CA  . ASP A 1 170 ? -1.799  18.608  -4.065  1.00 30.37 ? 173 ASP A CA  1 
ATOM   1355 C C   . ASP A 1 170 ? -2.398  19.016  -5.425  1.00 29.42 ? 173 ASP A C   1 
ATOM   1356 O O   . ASP A 1 170 ? -2.482  20.194  -5.755  1.00 30.73 ? 173 ASP A O   1 
ATOM   1357 C CB  . ASP A 1 170 ? -1.443  19.826  -3.187  1.00 39.64 ? 173 ASP A CB  1 
ATOM   1358 C CG  . ASP A 1 170 ? -2.537  20.843  -3.092  1.00 46.08 ? 173 ASP A CG  1 
ATOM   1359 O OD1 . ASP A 1 170 ? -2.542  21.789  -3.902  1.00 55.00 ? 173 ASP A OD1 1 
ATOM   1360 O OD2 . ASP A 1 170 ? -3.387  20.695  -2.190  1.00 52.39 ? 173 ASP A OD2 1 
ATOM   1361 N N   . GLN A 1 171 ? -2.801  18.016  -6.204  1.00 32.98 ? 174 GLN A N   1 
ATOM   1362 C CA  . GLN A 1 171 ? -3.410  18.187  -7.527  1.00 32.79 ? 174 GLN A CA  1 
ATOM   1363 C C   . GLN A 1 171 ? -3.723  16.792  -8.053  1.00 32.83 ? 174 GLN A C   1 
ATOM   1364 O O   . GLN A 1 171 ? -2.899  15.891  -7.927  1.00 32.02 ? 174 GLN A O   1 
ATOM   1365 C CB  . GLN A 1 171 ? -2.460  18.889  -8.499  1.00 35.33 ? 174 GLN A CB  1 
ATOM   1366 C CG  . GLN A 1 171 ? -3.133  19.297  -9.811  1.00 35.35 ? 174 GLN A CG  1 
ATOM   1367 C CD  . GLN A 1 171 ? -2.248  20.157  -10.701 1.00 42.61 ? 174 GLN A CD  1 
ATOM   1368 O OE1 . GLN A 1 171 ? -1.497  19.651  -11.539 1.00 45.48 ? 174 GLN A OE1 1 
ATOM   1369 N NE2 . GLN A 1 171 ? -2.325  21.467  -10.514 1.00 42.77 ? 174 GLN A NE2 1 
ATOM   1370 N N   . CYS A 1 172 ? -4.899  16.627  -8.655  1.00 26.55 ? 175 CYS A N   1 
ATOM   1371 C CA  . CYS A 1 172 ? -5.364  15.334  -9.158  1.00 17.50 ? 175 CYS A CA  1 
ATOM   1372 C C   . CYS A 1 172 ? -5.730  14.439  -7.981  1.00 15.19 ? 175 CYS A C   1 
ATOM   1373 O O   . CYS A 1 172 ? -6.373  13.399  -8.144  1.00 19.07 ? 175 CYS A O   1 
ATOM   1374 C CB  . CYS A 1 172 ? -4.260  14.518  -9.842  1.00 20.74 ? 175 CYS A CB  1 
ATOM   1375 S SG  . CYS A 1 172 ? -4.096  14.853  -11.662 1.00 21.19 ? 175 CYS A SG  1 
ATOM   1376 N N   . ILE A 1 173 ? -5.295  14.846  -6.791  1.00 16.32 ? 176 ILE A N   1 
ATOM   1377 C CA  . ILE A 1 173 ? -5.485  13.993  -5.605  1.00 23.48 ? 176 ILE A CA  1 
ATOM   1378 C C   . ILE A 1 173 ? -6.246  14.698  -4.470  1.00 20.60 ? 176 ILE A C   1 
ATOM   1379 O O   . ILE A 1 173 ? -6.537  14.077  -3.452  1.00 22.52 ? 176 ILE A O   1 
ATOM   1380 C CB  . ILE A 1 173 ? -4.162  13.448  -5.063  1.00 11.52 ? 176 ILE A CB  1 
ATOM   1381 C CG1 . ILE A 1 173 ? -3.266  14.512  -4.445  1.00 13.85 ? 176 ILE A CG1 1 
ATOM   1382 C CG2 . ILE A 1 173 ? -3.323  12.753  -6.136  1.00 10.65 ? 176 ILE A CG2 1 
ATOM   1383 C CD1 . ILE A 1 173 ? -2.001  13.928  -3.809  1.00 11.35 ? 176 ILE A CD1 1 
ATOM   1384 N N   . ASP A 1 174 ? -6.573  15.976  -4.626  1.00 21.81 ? 177 ASP A N   1 
ATOM   1385 C CA  . ASP A 1 174 ? -7.332  16.659  -3.580  1.00 21.63 ? 177 ASP A CA  1 
ATOM   1386 C C   . ASP A 1 174 ? -8.842  16.512  -3.779  1.00 27.75 ? 177 ASP A C   1 
ATOM   1387 O O   . ASP A 1 174 ? -9.288  16.244  -4.919  1.00 26.72 ? 177 ASP A O   1 
ATOM   1388 C CB  . ASP A 1 174 ? -6.984  18.145  -3.530  1.00 11.35 ? 177 ASP A CB  1 
ATOM   1389 C CG  . ASP A 1 174 ? -5.633  18.400  -2.912  1.00 28.96 ? 177 ASP A CG  1 
ATOM   1390 O OD1 . ASP A 1 174 ? -5.230  17.619  -2.020  1.00 34.80 ? 177 ASP A OD1 1 
ATOM   1391 O OD2 . ASP A 1 174 ? -4.986  19.394  -3.308  1.00 21.28 ? 177 ASP A OD2 1 
ATOM   1392 O OXT . ASP A 1 174 ? -9.569  16.696  -2.781  1.00 32.79 ? 177 ASP A OXT 1 
HETATM 1393 C C1  . NAG B 2 .   ? -15.860 2.626   -6.931  1.00 18.21 ? 1   NAG B C1  1 
HETATM 1394 C C2  . NAG B 2 .   ? -17.204 2.518   -7.642  1.00 24.44 ? 1   NAG B C2  1 
HETATM 1395 C C3  . NAG B 2 .   ? -17.057 3.088   -9.038  1.00 21.62 ? 1   NAG B C3  1 
HETATM 1396 C C4  . NAG B 2 .   ? -16.605 4.540   -8.945  1.00 27.40 ? 1   NAG B C4  1 
HETATM 1397 C C5  . NAG B 2 .   ? -15.338 4.675   -8.082  1.00 29.61 ? 1   NAG B C5  1 
HETATM 1398 C C6  . NAG B 2 .   ? -15.026 6.130   -7.792  1.00 29.49 ? 1   NAG B C6  1 
HETATM 1399 C C7  . NAG B 2 .   ? -18.872 0.851   -7.223  1.00 39.03 ? 1   NAG B C7  1 
HETATM 1400 C C8  . NAG B 2 .   ? -19.322 -0.596  -7.323  1.00 41.97 ? 1   NAG B C8  1 
HETATM 1401 N N2  . NAG B 2 .   ? -17.670 1.149   -7.708  1.00 35.01 ? 1   NAG B N2  1 
HETATM 1402 O O3  . NAG B 2 .   ? -18.299 3.014   -9.713  1.00 18.92 ? 1   NAG B O3  1 
HETATM 1403 O O4  . NAG B 2 .   ? -16.335 5.043   -10.270 1.00 37.47 ? 1   NAG B O4  1 
HETATM 1404 O O5  . NAG B 2 .   ? -15.508 4.015   -6.802  1.00 30.35 ? 1   NAG B O5  1 
HETATM 1405 O O6  . NAG B 2 .   ? -14.052 6.252   -6.771  1.00 38.99 ? 1   NAG B O6  1 
HETATM 1406 O O7  . NAG B 2 .   ? -19.609 1.691   -6.698  1.00 39.08 ? 1   NAG B O7  1 
HETATM 1407 C C1  . NAG B 2 .   ? -17.092 6.137   -10.652 1.00 35.12 ? 2   NAG B C1  1 
HETATM 1408 C C2  . NAG B 2 .   ? -16.301 7.015   -11.630 1.00 36.49 ? 2   NAG B C2  1 
HETATM 1409 C C3  . NAG B 2 .   ? -17.180 8.179   -12.089 1.00 40.25 ? 2   NAG B C3  1 
HETATM 1410 C C4  . NAG B 2 .   ? -18.503 7.660   -12.649 1.00 44.17 ? 2   NAG B C4  1 
HETATM 1411 C C5  . NAG B 2 .   ? -19.180 6.722   -11.635 1.00 42.81 ? 2   NAG B C5  1 
HETATM 1412 C C6  . NAG B 2 .   ? -20.456 6.081   -12.151 1.00 48.38 ? 2   NAG B C6  1 
HETATM 1413 C C7  . NAG B 2 .   ? -13.909 7.013   -11.295 1.00 29.48 ? 2   NAG B C7  1 
HETATM 1414 C C8  . NAG B 2 .   ? -12.707 7.604   -10.576 1.00 20.08 ? 2   NAG B C8  1 
HETATM 1415 N N2  . NAG B 2 .   ? -15.101 7.524   -10.992 1.00 25.47 ? 2   NAG B N2  1 
HETATM 1416 O O3  . NAG B 2 .   ? -16.505 8.934   -13.089 1.00 36.01 ? 2   NAG B O3  1 
HETATM 1417 O O4  . NAG B 2 .   ? -19.361 8.782   -12.917 1.00 51.47 ? 2   NAG B O4  1 
HETATM 1418 O O5  . NAG B 2 .   ? -18.285 5.651   -11.275 1.00 31.90 ? 2   NAG B O5  1 
HETATM 1419 O O6  . NAG B 2 .   ? -20.174 4.971   -12.990 1.00 58.18 ? 2   NAG B O6  1 
HETATM 1420 O O7  . NAG B 2 .   ? -13.751 6.102   -12.115 1.00 25.74 ? 2   NAG B O7  1 
HETATM 1421 C C1  . MAN B 2 .   ? -19.929 8.852   -14.175 1.00 54.87 ? 3   MAN B C1  1 
HETATM 1422 C C2  . MAN B 2 .   ? -21.012 9.922   -14.158 1.00 60.09 ? 3   MAN B C2  1 
HETATM 1423 C C3  . MAN B 2 .   ? -21.624 10.031  -15.554 1.00 63.50 ? 3   MAN B C3  1 
HETATM 1424 C C4  . MAN B 2 .   ? -20.522 10.366  -16.558 1.00 61.80 ? 3   MAN B C4  1 
HETATM 1425 C C5  . MAN B 2 .   ? -19.399 9.322   -16.467 1.00 57.82 ? 3   MAN B C5  1 
HETATM 1426 C C6  . MAN B 2 .   ? -18.216 9.657   -17.349 1.00 50.69 ? 3   MAN B C6  1 
HETATM 1427 O O2  . MAN B 2 .   ? -20.420 11.163  -13.800 1.00 62.42 ? 3   MAN B O2  1 
HETATM 1428 O O3  . MAN B 2 .   ? -22.634 11.031  -15.562 1.00 63.62 ? 3   MAN B O3  1 
HETATM 1429 O O4  . MAN B 2 .   ? -21.057 10.375  -17.873 1.00 66.29 ? 3   MAN B O4  1 
HETATM 1430 O O5  . MAN B 2 .   ? -18.905 9.223   -15.112 1.00 58.38 ? 3   MAN B O5  1 
HETATM 1431 O O6  . MAN B 2 .   ? -17.159 8.729   -17.158 1.00 53.50 ? 3   MAN B O6  1 
HETATM 1432 C C1  . DKA C 3 .   ? -1.760  1.271   -2.829  1.00 34.79 ? 181 DKA A C1  1 
HETATM 1433 O O1  . DKA C 3 .   ? -0.561  1.565   -3.075  1.00 34.22 ? 181 DKA A O1  1 
HETATM 1434 C C2  . DKA C 3 .   ? -2.393  0.075   -3.527  1.00 37.39 ? 181 DKA A C2  1 
HETATM 1435 C C3  . DKA C 3 .   ? -1.544  -1.116  -3.751  1.00 41.22 ? 181 DKA A C3  1 
HETATM 1436 C C4  . DKA C 3 .   ? -1.235  -1.476  -5.212  1.00 43.81 ? 181 DKA A C4  1 
HETATM 1437 C C5  . DKA C 3 .   ? -0.477  -2.729  -5.368  1.00 44.92 ? 181 DKA A C5  1 
HETATM 1438 C C6  . DKA C 3 .   ? -0.597  -3.555  -6.512  1.00 46.55 ? 181 DKA A C6  1 
HETATM 1439 C C7  . DKA C 3 .   ? -1.488  -3.238  -7.643  1.00 47.55 ? 181 DKA A C7  1 
HETATM 1440 C C8  . DKA C 3 .   ? -2.354  -4.343  -8.048  1.00 48.06 ? 181 DKA A C8  1 
HETATM 1441 C C9  . DKA C 3 .   ? -2.407  -4.763  -9.378  1.00 47.98 ? 181 DKA A C9  1 
HETATM 1442 C C10 . DKA C 3 .   ? -2.468  -6.152  -9.749  1.00 48.00 ? 181 DKA A C10 1 
HETATM 1443 O O2  . DKA C 3 .   ? -2.466  1.952   -2.042  1.00 20.39 ? 181 DKA A O2  1 
HETATM 1444 O O   . HOH D 4 .   ? 7.030   -3.803  -5.360  1.00 6.53  ? 201 HOH A O   1 
HETATM 1445 O O   . HOH D 4 .   ? 0.535   -3.960  14.832  1.00 9.62  ? 202 HOH A O   1 
HETATM 1446 O O   . HOH D 4 .   ? 5.984   12.237  1.782   1.00 17.04 ? 203 HOH A O   1 
HETATM 1447 O O   . HOH D 4 .   ? 19.835  9.448   0.953   1.00 36.20 ? 204 HOH A O   1 
HETATM 1448 O O   . HOH D 4 .   ? 12.239  9.440   -1.278  1.00 18.17 ? 205 HOH A O   1 
HETATM 1449 O O   . HOH D 4 .   ? 0.845   -12.804 -2.920  1.00 16.31 ? 206 HOH A O   1 
HETATM 1450 O O   . HOH D 4 .   ? -6.864  -12.174 -4.770  1.00 21.48 ? 207 HOH A O   1 
HETATM 1451 O O   . HOH D 4 .   ? 10.393  2.342   -9.095  1.00 31.02 ? 208 HOH A O   1 
HETATM 1452 O O   . HOH D 4 .   ? 9.764   15.229  -12.153 0.50 10.90 ? 209 HOH A O   1 
HETATM 1453 O O   . HOH D 4 .   ? -17.149 -7.762  -4.275  1.00 35.76 ? 210 HOH A O   1 
HETATM 1454 O O   . HOH D 4 .   ? -19.138 3.921   1.542   1.00 25.43 ? 211 HOH A O   1 
HETATM 1455 O O   . HOH D 4 .   ? -4.841  14.332  -24.456 1.00 17.48 ? 212 HOH A O   1 
HETATM 1456 O O   . HOH D 4 .   ? -11.505 10.489  3.828   1.00 22.83 ? 213 HOH A O   1 
HETATM 1457 O O   . HOH D 4 .   ? 8.589   13.659  15.795  1.00 35.87 ? 214 HOH A O   1 
HETATM 1458 O O   . HOH D 4 .   ? 19.903  -12.852 -13.648 1.00 43.03 ? 215 HOH A O   1 
HETATM 1459 O O   . HOH D 4 .   ? 16.324  -12.993 -12.047 1.00 22.32 ? 216 HOH A O   1 
HETATM 1460 O O   . HOH D 4 .   ? 14.908  -6.219  -11.523 1.00 11.47 ? 217 HOH A O   1 
HETATM 1461 O O   . HOH D 4 .   ? 14.360  -5.942  -4.434  1.00 29.25 ? 218 HOH A O   1 
HETATM 1462 O O   . HOH D 4 .   ? 18.456  9.084   -12.565 1.00 36.92 ? 219 HOH A O   1 
HETATM 1463 O O   . HOH D 4 .   ? -1.224  -0.916  15.744  1.00 25.29 ? 220 HOH A O   1 
HETATM 1464 O O   . HOH D 4 .   ? -4.137  -9.016  15.343  1.00 51.27 ? 221 HOH A O   1 
HETATM 1465 O O   . HOH D 4 .   ? -14.973 -5.674  16.512  1.00 10.24 ? 222 HOH A O   1 
HETATM 1466 O O   . HOH D 4 .   ? -7.614  -8.591  13.177  1.00 27.37 ? 223 HOH A O   1 
HETATM 1467 O O   . HOH D 4 .   ? -11.953 7.081   11.085  1.00 18.81 ? 224 HOH A O   1 
HETATM 1468 O O   . HOH D 4 .   ? -7.481  11.728  4.180   1.00 16.02 ? 225 HOH A O   1 
HETATM 1469 O O   . HOH D 4 .   ? 11.580  8.751   -5.741  1.00 7.88  ? 226 HOH A O   1 
HETATM 1470 O O   . HOH D 4 .   ? 14.279  15.492  -14.548 1.00 29.00 ? 227 HOH A O   1 
HETATM 1471 O O   . HOH D 4 .   ? 5.195   10.137  -9.501  1.00 12.51 ? 228 HOH A O   1 
HETATM 1472 O O   . HOH D 4 .   ? -3.534  19.890  0.846   1.00 10.84 ? 230 HOH A O   1 
HETATM 1473 O O   . HOH D 4 .   ? -12.622 -16.442 5.042   1.00 31.95 ? 231 HOH A O   1 
HETATM 1474 O O   . HOH D 4 .   ? -10.962 11.949  6.089   1.00 34.14 ? 232 HOH A O   1 
HETATM 1475 O O   . HOH D 4 .   ? 10.448  2.732   15.829  1.00 44.48 ? 233 HOH A O   1 
HETATM 1476 O O   . HOH D 4 .   ? 15.206  7.971   9.752   1.00 7.94  ? 234 HOH A O   1 
HETATM 1477 O O   . HOH D 4 .   ? 13.997  12.176  10.351  1.00 45.85 ? 235 HOH A O   1 
HETATM 1478 O O   . HOH D 4 .   ? 1.186   13.776  10.961  1.00 20.50 ? 236 HOH A O   1 
HETATM 1479 O O   . HOH D 4 .   ? -13.590 5.839   17.630  1.00 26.34 ? 237 HOH A O   1 
HETATM 1480 O O   . HOH D 4 .   ? 9.476   15.874  -0.665  0.50 15.99 ? 239 HOH A O   1 
HETATM 1481 O O   . HOH D 4 .   ? 25.777  -8.885  -10.594 1.00 25.57 ? 240 HOH A O   1 
HETATM 1482 O O   . HOH D 4 .   ? 8.440   -15.918 0.171   1.00 33.64 ? 241 HOH A O   1 
HETATM 1483 O O   . HOH D 4 .   ? 13.264  -11.151 5.951   1.00 28.33 ? 242 HOH A O   1 
HETATM 1484 O O   . HOH D 4 .   ? 0.672   11.165  -7.806  1.00 17.00 ? 243 HOH A O   1 
HETATM 1485 O O   . HOH D 4 .   ? -8.178  21.564  -5.014  1.00 21.08 ? 244 HOH A O   1 
HETATM 1486 O O   . HOH D 4 .   ? 15.529  6.740   0.363   1.00 35.49 ? 245 HOH A O   1 
HETATM 1487 O O   . HOH D 4 .   ? 19.460  -2.154  10.259  1.00 40.79 ? 246 HOH A O   1 
HETATM 1488 O O   . HOH D 4 .   ? 13.480  14.862  6.565   1.00 52.94 ? 247 HOH A O   1 
HETATM 1489 O O   . HOH D 4 .   ? 3.287   17.797  3.183   1.00 46.40 ? 248 HOH A O   1 
HETATM 1490 O O   . HOH D 4 .   ? -1.915  -7.387  -12.629 1.00 29.89 ? 249 HOH A O   1 
HETATM 1491 O O   . HOH D 4 .   ? -5.238  -6.305  23.883  1.00 24.39 ? 250 HOH A O   1 
HETATM 1492 O O   . HOH D 4 .   ? -15.431 -5.100  11.360  1.00 28.09 ? 251 HOH A O   1 
HETATM 1493 O O   . HOH D 4 .   ? 18.386  7.844   -8.455  1.00 28.65 ? 252 HOH A O   1 
HETATM 1494 O O   . HOH D 4 .   ? 12.924  -10.087 2.580   1.00 22.91 ? 253 HOH A O   1 
HETATM 1495 O O   . HOH D 4 .   ? 5.462   -10.134 12.997  1.00 36.85 ? 254 HOH A O   1 
HETATM 1496 O O   . HOH D 4 .   ? 6.009   -14.755 1.451   1.00 35.98 ? 255 HOH A O   1 
HETATM 1497 O O   . HOH D 4 .   ? 5.206   -16.712 7.825   1.00 45.74 ? 256 HOH A O   1 
HETATM 1498 O O   . HOH D 4 .   ? -7.147  -6.377  12.576  1.00 78.38 ? 257 HOH A O   1 
HETATM 1499 O O   . HOH D 4 .   ? -1.233  18.644  -17.552 1.00 36.17 ? 258 HOH A O   1 
HETATM 1500 O O   . HOH D 4 .   ? -15.292 -5.611  5.555   1.00 19.41 ? 259 HOH A O   1 
HETATM 1501 O O   . HOH D 4 .   ? 5.481   -2.081  -7.862  1.00 31.81 ? 261 HOH A O   1 
HETATM 1502 O O   . HOH D 4 .   ? 12.275  9.807   -3.735  1.00 9.65  ? 262 HOH A O   1 
HETATM 1503 O O   . HOH D 4 .   ? 4.358   -2.318  13.189  1.00 18.98 ? 263 HOH A O   1 
HETATM 1504 O O   . HOH D 4 .   ? 6.805   7.770   -10.330 1.00 32.31 ? 264 HOH A O   1 
HETATM 1505 O O   . HOH D 4 .   ? -12.546 -17.354 8.201   1.00 18.02 ? 265 HOH A O   1 
HETATM 1506 O O   . HOH D 4 .   ? -10.821 -8.063  6.420   1.00 13.29 ? 266 HOH A O   1 
HETATM 1507 O O   . HOH D 4 .   ? -11.069 18.317  -4.734  1.00 43.23 ? 267 HOH A O   1 
HETATM 1508 O O   . HOH D 4 .   ? 3.612   -16.723 -10.286 1.00 40.33 ? 268 HOH A O   1 
HETATM 1509 O O   . HOH D 4 .   ? -1.810  1.470   -7.542  1.00 42.70 ? 270 HOH A O   1 
HETATM 1510 O O   . HOH D 4 .   ? 0.124   -1.525  -11.190 1.00 44.52 ? 271 HOH A O   1 
HETATM 1511 O O   . HOH D 4 .   ? -1.119  1.172   -10.382 1.00 38.15 ? 272 HOH A O   1 
HETATM 1512 O O   . HOH D 4 .   ? 0.760   2.188   -7.328  1.00 43.80 ? 273 HOH A O   1 
HETATM 1513 O O   . HOH D 4 .   ? 2.744   2.177   -6.036  1.00 44.40 ? 274 HOH A O   1 
# 
